data_5Y9E
#
_entry.id   5Y9E
#
_cell.length_a   187.213
_cell.length_b   101.804
_cell.length_c   136.195
_cell.angle_alpha   90.00
_cell.angle_beta   95.68
_cell.angle_gamma   90.00
#
_symmetry.space_group_name_H-M   'C 1 2 1'
#
loop_
_entity.id
_entity.type
_entity.pdbx_description
1 polymer 'Major capsid protein L1'
2 non-polymer GLYCEROL
3 non-polymer 'MAGNESIUM ION'
4 water water
#
_entity_poly.entity_id   1
_entity_poly.type   'polypeptide(L)'
_entity_poly.pdbx_seq_one_letter_code
;MTVYLPPVPVSKVVSTDEYVSRTSIYYYAGSSRLLAVGNPYFSIKSPNNNKKVLVPKVSGLQYRVFRVRLPDPNKFGFPD
TSFYNPDTQRLVWACVGLEIGRGQPLGVGVSGHPYLNKFDDTETSNRYPAQPGSDNRECLSMDYKQTQLCLIGCKPPTGE
HWGKGVASNNNAAATDCPPLELFNSIIEDGDMVDTGFGCMDFGTLQANKSDVPIDICNSTCKYPDYLKMASEPYGDSLFF
FLRREQMFVRHFFNRAGKLGEAVPDDLYIKGSGNTAVIQSSAFFPTPSGSIVTSESQLFNKPYWLQRAQGHNNGICWGNQ
LFVTVVDTTRSTNMTLCTEVTKEGTYKNDNFKEYVRHVEEYDLQFVFQLCKITLTAEIMTYIHTMDSNILEDWQFGLTPP
PSASLQDTYRFVTSQAITCQKTAPPKEKEDPLNKYTFWEVNLKEKFSADLDQFPLGRKFLLQSGLKAKPRLKRSAPTTRA
PSTKRKKVKK
;
_entity_poly.pdbx_strand_id   A,B,C,D,E
#
loop_
_chem_comp.id
_chem_comp.type
_chem_comp.name
_chem_comp.formula
GOL non-polymer GLYCEROL 'C3 H8 O3'
MG non-polymer 'MAGNESIUM ION' 'Mg 2'
#
# COMPACT_ATOMS: atom_id res chain seq x y z
N LYS A 12 30.02 -12.09 34.52
CA LYS A 12 29.79 -11.15 35.60
C LYS A 12 28.29 -10.98 35.85
N VAL A 13 27.60 -10.37 34.89
CA VAL A 13 26.14 -10.25 34.97
C VAL A 13 25.51 -11.56 34.49
N VAL A 14 24.61 -12.11 35.28
CA VAL A 14 23.94 -13.36 34.94
C VAL A 14 22.44 -13.12 34.85
N SER A 15 21.77 -13.97 34.08
CA SER A 15 20.32 -13.90 33.97
C SER A 15 19.66 -14.07 35.33
N THR A 16 18.55 -13.36 35.52
CA THR A 16 17.77 -13.54 36.74
C THR A 16 17.24 -14.97 36.86
N ASP A 17 17.16 -15.70 35.75
CA ASP A 17 16.73 -17.09 35.81
C ASP A 17 17.61 -17.94 36.71
N GLU A 18 18.84 -17.49 36.98
CA GLU A 18 19.80 -18.30 37.72
C GLU A 18 19.70 -18.11 39.24
N TYR A 19 19.15 -16.99 39.72
CA TYR A 19 19.07 -16.75 41.14
C TYR A 19 17.71 -16.27 41.62
N VAL A 20 16.72 -16.20 40.75
CA VAL A 20 15.35 -15.84 41.12
C VAL A 20 14.48 -17.08 40.90
N SER A 21 13.97 -17.63 41.99
CA SER A 21 13.18 -18.87 41.93
C SER A 21 11.72 -18.55 41.68
N ARG A 22 11.15 -19.16 40.64
CA ARG A 22 9.77 -18.92 40.25
C ARG A 22 8.83 -19.81 41.04
N THR A 23 7.72 -19.24 41.50
CA THR A 23 6.67 -20.00 42.15
C THR A 23 5.49 -20.17 41.20
N SER A 24 4.51 -20.96 41.62
CA SER A 24 3.27 -21.13 40.90
C SER A 24 2.19 -20.16 41.35
N ILE A 25 2.57 -19.11 42.08
CA ILE A 25 1.64 -18.12 42.59
C ILE A 25 1.58 -16.97 41.58
N TYR A 26 0.40 -16.74 41.01
CA TYR A 26 0.19 -15.64 40.07
C TYR A 26 -0.88 -14.70 40.60
N TYR A 27 -0.78 -13.43 40.19
CA TYR A 27 -1.72 -12.41 40.59
C TYR A 27 -2.02 -11.48 39.42
N TYR A 28 -3.27 -11.07 39.30
CA TYR A 28 -3.69 -10.09 38.32
C TYR A 28 -3.84 -8.72 38.98
N ALA A 29 -3.58 -7.68 38.20
CA ALA A 29 -3.79 -6.31 38.66
C ALA A 29 -4.02 -5.41 37.46
N GLY A 30 -5.00 -4.53 37.58
CA GLY A 30 -5.31 -3.57 36.54
C GLY A 30 -5.51 -2.19 37.11
N SER A 31 -5.25 -1.19 36.27
CA SER A 31 -5.39 0.20 36.70
C SER A 31 -6.83 0.69 36.63
N SER A 32 -7.70 -0.02 35.90
CA SER A 32 -9.00 0.50 35.51
C SER A 32 -8.80 1.70 34.59
N ARG A 33 -9.87 2.40 34.25
CA ARG A 33 -9.81 3.42 33.21
C ARG A 33 -8.99 4.63 33.67
N LEU A 34 -8.00 5.01 32.87
CA LEU A 34 -7.18 6.20 33.09
C LEU A 34 -7.50 7.20 31.98
N LEU A 35 -7.91 8.41 32.38
CA LEU A 35 -8.30 9.45 31.44
C LEU A 35 -7.48 10.71 31.65
N ALA A 36 -7.07 11.33 30.54
CA ALA A 36 -6.48 12.65 30.53
C ALA A 36 -7.24 13.52 29.54
N VAL A 37 -7.54 14.76 29.96
CA VAL A 37 -8.32 15.70 29.15
C VAL A 37 -7.66 17.06 29.23
N GLY A 38 -7.37 17.64 28.08
CA GLY A 38 -6.77 18.97 28.09
C GLY A 38 -6.67 19.57 26.71
N ASN A 39 -5.79 20.57 26.60
CA ASN A 39 -5.54 21.30 25.37
C ASN A 39 -4.32 20.71 24.68
N PRO A 40 -4.42 20.31 23.41
CA PRO A 40 -3.29 19.61 22.76
C PRO A 40 -2.09 20.48 22.48
N TYR A 41 -2.22 21.81 22.56
CA TYR A 41 -1.14 22.71 22.15
C TYR A 41 -0.41 23.36 23.31
N PHE A 42 -1.07 23.55 24.45
CA PHE A 42 -0.43 24.21 25.58
C PHE A 42 -1.33 24.06 26.79
N SER A 43 -0.72 24.13 27.97
CA SER A 43 -1.48 24.18 29.21
C SER A 43 -1.94 25.60 29.49
N ILE A 44 -2.98 25.71 30.31
CA ILE A 44 -3.50 26.99 30.75
C ILE A 44 -3.22 27.11 32.24
N LYS A 45 -2.38 28.07 32.60
CA LYS A 45 -1.79 28.13 33.93
C LYS A 45 -2.79 28.69 34.95
N SER A 46 -2.32 28.89 36.17
CA SER A 46 -3.15 29.23 37.32
C SER A 46 -3.99 30.46 37.06
N PRO A 47 -5.32 30.32 36.98
CA PRO A 47 -6.19 31.49 36.99
C PRO A 47 -6.23 32.21 38.33
N ASN A 48 -5.47 31.75 39.32
CA ASN A 48 -5.43 32.36 40.65
C ASN A 48 -4.04 32.79 41.07
N ASN A 49 -3.01 31.95 40.84
CA ASN A 49 -1.60 32.27 41.06
C ASN A 49 -0.78 31.00 41.24
N ASN A 50 0.52 31.07 40.91
CA ASN A 50 1.49 30.01 41.12
C ASN A 50 1.38 28.98 39.99
N LYS A 51 2.42 28.18 39.79
CA LYS A 51 2.41 27.19 38.70
C LYS A 51 1.36 26.12 38.97
N LYS A 52 0.09 26.50 38.87
CA LYS A 52 -1.04 25.57 38.98
C LYS A 52 -1.70 25.46 37.63
N VAL A 53 -1.90 24.24 37.16
CA VAL A 53 -2.48 23.98 35.85
C VAL A 53 -3.99 23.83 36.00
N LEU A 54 -4.75 24.68 35.32
CA LEU A 54 -6.19 24.51 35.26
C LEU A 54 -6.59 23.59 34.10
N VAL A 55 -5.93 23.73 32.96
CA VAL A 55 -6.16 22.85 31.82
C VAL A 55 -4.80 22.27 31.42
N PRO A 56 -4.56 20.98 31.61
CA PRO A 56 -3.25 20.41 31.25
C PRO A 56 -3.08 20.33 29.74
N LYS A 57 -1.81 20.24 29.33
CA LYS A 57 -1.48 19.95 27.95
C LYS A 57 -1.58 18.44 27.74
N VAL A 58 -2.54 18.02 26.92
CA VAL A 58 -2.77 16.60 26.65
C VAL A 58 -2.76 16.43 25.13
N SER A 59 -1.77 15.68 24.63
CA SER A 59 -1.55 15.54 23.21
C SER A 59 -1.24 14.10 22.86
N GLY A 60 -1.69 13.67 21.68
CA GLY A 60 -1.32 12.38 21.16
C GLY A 60 0.15 12.25 20.81
N LEU A 61 0.90 13.35 20.84
CA LEU A 61 2.33 13.33 20.58
C LEU A 61 3.16 13.43 21.86
N GLN A 62 2.55 13.15 23.00
CA GLN A 62 3.26 13.11 24.27
C GLN A 62 3.63 11.69 24.62
N TYR A 63 4.77 11.54 25.30
CA TYR A 63 5.06 10.31 26.01
C TYR A 63 4.12 10.17 27.20
N ARG A 64 3.61 8.97 27.42
CA ARG A 64 2.95 8.61 28.65
C ARG A 64 3.87 7.63 29.36
N VAL A 65 4.39 8.04 30.51
CA VAL A 65 5.31 7.22 31.30
C VAL A 65 4.61 6.88 32.60
N PHE A 66 4.18 5.64 32.72
CA PHE A 66 3.43 5.18 33.89
C PHE A 66 4.41 4.55 34.89
N ARG A 67 4.44 5.10 36.10
CA ARG A 67 5.20 4.49 37.21
C ARG A 67 4.22 3.64 38.00
N VAL A 68 4.26 2.33 37.76
CA VAL A 68 3.29 1.41 38.34
C VAL A 68 3.83 0.90 39.66
N ARG A 69 3.10 1.17 40.74
CA ARG A 69 3.50 0.76 42.09
C ARG A 69 2.87 -0.57 42.44
N LEU A 70 3.68 -1.54 42.81
CA LEU A 70 3.20 -2.85 43.23
C LEU A 70 3.23 -2.96 44.75
N PRO A 71 2.36 -3.78 45.34
CA PRO A 71 2.48 -4.05 46.77
C PRO A 71 3.77 -4.79 47.06
N ASP A 72 4.43 -4.40 48.15
CA ASP A 72 5.63 -5.11 48.57
C ASP A 72 5.25 -6.54 48.93
N PRO A 73 5.70 -7.55 48.19
CA PRO A 73 5.29 -8.92 48.52
C PRO A 73 5.79 -9.39 49.88
N ASN A 74 6.89 -8.82 50.37
CA ASN A 74 7.40 -9.18 51.69
C ASN A 74 6.49 -8.71 52.81
N LYS A 75 5.55 -7.81 52.52
CA LYS A 75 4.55 -7.38 53.49
C LYS A 75 3.13 -7.67 53.02
N PHE A 76 2.97 -8.35 51.89
CA PHE A 76 1.66 -8.62 51.32
C PHE A 76 0.93 -9.68 52.15
N GLY A 77 -0.39 -9.55 52.20
CA GLY A 77 -1.20 -10.44 53.01
C GLY A 77 -1.57 -11.73 52.30
N PHE A 78 -0.58 -12.56 52.01
CA PHE A 78 -0.85 -13.85 51.40
C PHE A 78 -1.64 -14.73 52.36
N PRO A 79 -2.67 -15.45 51.89
CA PRO A 79 -3.42 -16.33 52.79
C PRO A 79 -2.58 -17.44 53.39
N ASP A 80 -1.50 -17.84 52.72
CA ASP A 80 -0.61 -18.89 53.22
C ASP A 80 0.81 -18.52 52.84
N THR A 81 1.66 -18.30 53.84
CA THR A 81 3.04 -17.89 53.61
C THR A 81 4.04 -19.01 53.90
N SER A 82 3.59 -20.26 53.87
CA SER A 82 4.48 -21.39 54.12
C SER A 82 5.32 -21.76 52.91
N PHE A 83 5.21 -21.02 51.81
CA PHE A 83 5.96 -21.31 50.59
C PHE A 83 7.37 -20.73 50.59
N TYR A 84 7.75 -20.00 51.64
CA TYR A 84 9.07 -19.42 51.71
C TYR A 84 9.40 -19.13 53.16
N ASN A 85 10.67 -18.82 53.43
CA ASN A 85 11.14 -18.55 54.78
C ASN A 85 11.75 -17.16 54.85
N PRO A 86 11.14 -16.22 55.58
CA PRO A 86 11.70 -14.85 55.63
C PRO A 86 13.04 -14.75 56.31
N ASP A 87 13.50 -15.81 56.99
CA ASP A 87 14.80 -15.77 57.64
C ASP A 87 15.94 -15.85 56.63
N THR A 88 15.69 -16.44 55.45
CA THR A 88 16.72 -16.60 54.45
C THR A 88 16.29 -16.18 53.05
N GLN A 89 15.04 -15.74 52.87
CA GLN A 89 14.52 -15.46 51.54
C GLN A 89 13.74 -14.15 51.54
N ARG A 90 13.68 -13.52 50.37
CA ARG A 90 12.86 -12.35 50.13
C ARG A 90 12.06 -12.56 48.85
N LEU A 91 10.96 -11.83 48.74
CA LEU A 91 10.04 -11.98 47.63
C LEU A 91 10.13 -10.80 46.68
N VAL A 92 9.82 -11.05 45.41
CA VAL A 92 9.77 -10.02 44.39
C VAL A 92 8.77 -10.45 43.34
N TRP A 93 8.12 -9.47 42.70
CA TRP A 93 7.19 -9.74 41.62
C TRP A 93 7.94 -9.77 40.29
N ALA A 94 7.47 -10.63 39.40
CA ALA A 94 7.95 -10.69 38.03
C ALA A 94 6.76 -10.48 37.10
N CYS A 95 6.93 -9.62 36.10
CA CYS A 95 5.87 -9.40 35.12
C CYS A 95 5.96 -10.48 34.06
N VAL A 96 4.87 -11.20 33.86
CA VAL A 96 4.79 -12.24 32.84
C VAL A 96 3.73 -11.96 31.79
N GLY A 97 2.90 -10.94 31.98
CA GLY A 97 1.89 -10.59 31.01
C GLY A 97 1.47 -9.15 31.15
N LEU A 98 1.17 -8.51 30.02
CA LEU A 98 0.74 -7.11 30.00
C LEU A 98 -0.16 -6.89 28.81
N GLU A 99 -1.15 -6.01 28.99
CA GLU A 99 -1.95 -5.51 27.89
C GLU A 99 -2.20 -4.03 28.11
N ILE A 100 -1.85 -3.22 27.12
CA ILE A 100 -2.06 -1.78 27.17
C ILE A 100 -3.40 -1.51 26.51
N GLY A 101 -4.43 -1.31 27.32
CA GLY A 101 -5.73 -0.97 26.78
C GLY A 101 -5.74 0.46 26.29
N ARG A 102 -6.40 0.68 25.15
CA ARG A 102 -6.54 2.00 24.56
C ARG A 102 -8.01 2.19 24.20
N GLY A 103 -8.62 3.25 24.73
CA GLY A 103 -9.94 3.66 24.32
C GLY A 103 -9.88 4.77 23.29
N GLN A 104 -11.06 5.26 22.90
CA GLN A 104 -11.23 6.33 21.93
C GLN A 104 -10.97 5.81 20.52
N PRO A 105 -11.60 6.41 19.50
CA PRO A 105 -11.43 5.89 18.13
C PRO A 105 -10.07 6.26 17.57
N LEU A 106 -9.64 5.48 16.58
CA LEU A 106 -8.47 5.84 15.79
C LEU A 106 -8.74 7.15 15.07
N GLY A 107 -7.70 7.98 14.98
CA GLY A 107 -7.82 9.25 14.27
C GLY A 107 -6.51 9.99 14.30
N VAL A 108 -6.49 11.14 13.62
CA VAL A 108 -5.29 11.93 13.45
C VAL A 108 -5.60 13.38 13.75
N GLY A 109 -4.77 14.01 14.58
CA GLY A 109 -4.86 15.42 14.85
C GLY A 109 -3.84 16.22 14.06
N VAL A 110 -4.04 17.53 14.03
CA VAL A 110 -3.13 18.45 13.36
C VAL A 110 -2.61 19.46 14.37
N SER A 111 -1.43 20.02 14.06
CA SER A 111 -0.81 21.05 14.86
C SER A 111 -0.32 22.16 13.93
N GLY A 112 -0.23 23.38 14.46
CA GLY A 112 0.15 24.50 13.63
C GLY A 112 0.70 25.64 14.44
N HIS A 113 0.86 26.79 13.76
CA HIS A 113 1.41 27.98 14.34
C HIS A 113 0.76 29.15 13.63
N PRO A 114 0.14 30.10 14.35
CA PRO A 114 -0.41 31.27 13.66
C PRO A 114 0.65 32.14 13.01
N TYR A 115 1.91 32.02 13.45
CA TYR A 115 3.05 32.73 12.86
C TYR A 115 4.18 31.75 12.56
N LEU A 116 3.92 30.80 11.68
CA LEU A 116 4.97 29.86 11.27
C LEU A 116 5.94 30.56 10.32
N ASN A 117 7.23 30.33 10.54
CA ASN A 117 8.26 30.89 9.67
C ASN A 117 8.35 30.06 8.40
N LYS A 118 7.33 30.21 7.57
CA LYS A 118 7.31 29.71 6.20
C LYS A 118 7.33 30.92 5.27
N PHE A 119 8.22 30.90 4.29
CA PHE A 119 8.31 32.02 3.36
C PHE A 119 7.71 31.63 2.01
N ASP A 120 8.42 30.83 1.23
CA ASP A 120 7.96 30.41 -0.09
C ASP A 120 7.70 28.91 -0.12
N ASP A 121 6.77 28.52 -0.99
CA ASP A 121 6.59 27.12 -1.34
C ASP A 121 7.61 26.78 -2.43
N THR A 122 8.55 25.88 -2.13
CA THR A 122 9.67 25.59 -3.01
C THR A 122 9.51 24.30 -3.79
N GLU A 123 8.27 23.86 -4.01
CA GLU A 123 8.04 22.55 -4.64
C GLU A 123 8.00 22.63 -6.17
N THR A 124 7.37 23.66 -6.74
CA THR A 124 7.19 23.73 -8.18
C THR A 124 7.48 25.10 -8.80
N SER A 125 7.22 26.20 -8.12
CA SER A 125 7.34 27.52 -8.72
C SER A 125 7.81 28.50 -7.65
N ASN A 126 9.04 29.00 -7.80
CA ASN A 126 9.63 29.95 -6.86
C ASN A 126 10.61 30.81 -7.64
N ARG A 127 10.06 31.72 -8.45
CA ARG A 127 10.85 32.51 -9.38
C ARG A 127 11.47 33.73 -8.70
N TYR A 128 12.50 34.27 -9.35
CA TYR A 128 13.16 35.48 -8.92
C TYR A 128 12.45 36.72 -9.47
N PRO A 129 12.56 37.87 -8.80
CA PRO A 129 13.27 38.05 -7.52
C PRO A 129 12.40 37.69 -6.33
N ALA A 130 13.01 37.47 -5.18
CA ALA A 130 12.26 37.14 -3.97
C ALA A 130 13.10 37.55 -2.76
N GLN A 131 12.57 38.49 -1.98
CA GLN A 131 13.19 38.91 -0.73
C GLN A 131 12.07 39.01 0.29
N PRO A 132 12.28 38.50 1.52
CA PRO A 132 11.25 38.66 2.54
C PRO A 132 11.19 40.11 3.01
N GLY A 133 9.98 40.51 3.42
CA GLY A 133 9.85 41.76 4.13
C GLY A 133 10.44 41.61 5.52
N SER A 134 9.81 42.22 6.52
CA SER A 134 10.25 42.06 7.89
C SER A 134 9.48 40.97 8.64
N ASP A 135 8.27 40.65 8.21
CA ASP A 135 7.46 39.63 8.88
C ASP A 135 6.55 39.00 7.83
N ASN A 136 6.94 37.83 7.34
CA ASN A 136 6.19 37.08 6.33
C ASN A 136 5.63 35.78 6.88
N ARG A 137 5.46 35.68 8.20
CA ARG A 137 5.00 34.44 8.81
C ARG A 137 3.54 34.17 8.42
N GLU A 138 3.18 32.89 8.44
CA GLU A 138 1.88 32.45 7.95
C GLU A 138 1.24 31.51 8.97
N CYS A 139 -0.09 31.39 8.87
CA CYS A 139 -0.88 30.58 9.78
C CYS A 139 -1.15 29.23 9.13
N LEU A 140 -0.28 28.26 9.43
CA LEU A 140 -0.30 26.97 8.76
C LEU A 140 -0.33 25.84 9.80
N SER A 141 -0.84 24.69 9.36
CA SER A 141 -0.92 23.50 10.19
C SER A 141 -0.48 22.29 9.38
N MET A 142 -0.31 21.16 10.08
CA MET A 142 0.24 19.96 9.49
C MET A 142 -0.11 18.78 10.38
N ASP A 143 -0.02 17.58 9.82
CA ASP A 143 -0.19 16.34 10.58
C ASP A 143 1.18 15.67 10.71
N TYR A 144 1.53 15.33 11.95
CA TYR A 144 2.90 14.96 12.28
C TYR A 144 3.22 13.53 11.85
N LYS A 145 4.52 13.21 11.95
CA LYS A 145 4.97 11.83 11.85
C LYS A 145 4.18 10.94 12.81
N GLN A 146 3.88 9.74 12.37
CA GLN A 146 3.12 8.78 13.16
C GLN A 146 4.07 7.88 13.95
N THR A 147 3.74 7.66 15.23
CA THR A 147 4.58 6.84 16.10
C THR A 147 3.72 6.04 17.06
N GLN A 148 3.99 4.73 17.12
CA GLN A 148 3.54 3.85 18.18
C GLN A 148 4.76 3.24 18.85
N LEU A 149 4.75 3.16 20.17
CA LEU A 149 5.81 2.45 20.86
C LEU A 149 5.38 2.13 22.28
N CYS A 150 5.93 1.05 22.82
CA CYS A 150 5.74 0.68 24.20
CA CYS A 150 5.73 0.65 24.19
C CYS A 150 7.03 0.12 24.75
N LEU A 151 7.43 0.62 25.92
CA LEU A 151 8.64 0.17 26.62
C LEU A 151 8.26 -0.28 28.01
N ILE A 152 8.85 -1.39 28.46
CA ILE A 152 8.57 -1.98 29.76
C ILE A 152 9.87 -2.30 30.46
N GLY A 153 10.00 -1.82 31.69
CA GLY A 153 11.14 -2.15 32.54
C GLY A 153 10.84 -1.76 33.96
N CYS A 154 11.80 -2.05 34.85
CA CYS A 154 11.71 -1.62 36.24
C CYS A 154 12.51 -0.35 36.50
N LYS A 155 12.98 0.30 35.43
CA LYS A 155 13.76 1.53 35.49
C LYS A 155 13.19 2.50 34.46
N PRO A 156 13.14 3.80 34.77
CA PRO A 156 12.53 4.73 33.82
C PRO A 156 13.34 4.79 32.53
N PRO A 157 12.69 5.02 31.39
CA PRO A 157 13.40 4.98 30.11
C PRO A 157 14.32 6.18 29.93
N THR A 158 15.32 5.98 29.07
CA THR A 158 16.28 7.01 28.74
C THR A 158 15.99 7.52 27.33
N GLY A 159 15.92 8.83 27.18
CA GLY A 159 15.74 9.44 25.87
C GLY A 159 16.99 10.15 25.40
N GLU A 160 17.06 10.43 24.11
CA GLU A 160 18.12 11.24 23.54
C GLU A 160 17.50 12.45 22.85
N HIS A 161 18.24 13.56 22.85
CA HIS A 161 17.82 14.75 22.13
C HIS A 161 19.02 15.66 21.96
N TRP A 162 18.95 16.54 20.97
CA TRP A 162 20.01 17.48 20.67
C TRP A 162 19.73 18.81 21.36
N GLY A 163 20.75 19.34 22.03
CA GLY A 163 20.66 20.63 22.67
C GLY A 163 21.88 21.47 22.38
N LYS A 164 21.99 22.63 23.04
CA LYS A 164 23.12 23.52 22.80
C LYS A 164 24.33 23.06 23.60
N GLY A 165 25.46 22.91 22.93
CA GLY A 165 26.69 22.52 23.57
C GLY A 165 27.42 23.71 24.17
N VAL A 166 28.68 23.47 24.54
CA VAL A 166 29.49 24.52 25.16
C VAL A 166 29.91 25.54 24.12
N ALA A 167 30.18 26.76 24.59
CA ALA A 167 30.50 27.86 23.70
C ALA A 167 31.73 27.56 22.84
N SER A 168 32.67 26.78 23.36
CA SER A 168 33.90 26.47 22.63
C SER A 168 34.63 27.74 22.23
N ALA A 174 34.45 30.41 11.81
CA ALA A 174 33.95 30.66 10.47
C ALA A 174 32.43 30.56 10.42
N THR A 175 31.80 30.35 11.57
CA THR A 175 30.35 30.23 11.63
C THR A 175 29.88 30.56 13.04
N ASP A 176 28.67 31.09 13.13
CA ASP A 176 28.02 31.36 14.40
C ASP A 176 26.92 30.35 14.72
N CYS A 177 26.89 29.24 14.00
CA CYS A 177 25.90 28.21 14.26
C CYS A 177 26.05 27.71 15.69
N PRO A 178 24.96 27.53 16.43
CA PRO A 178 25.08 27.07 17.81
C PRO A 178 25.69 25.68 17.86
N PRO A 179 26.62 25.44 18.80
CA PRO A 179 27.16 24.08 18.93
C PRO A 179 26.09 23.10 19.36
N LEU A 180 26.16 21.88 18.83
CA LEU A 180 25.22 20.83 19.14
C LEU A 180 25.86 19.80 20.06
N GLU A 181 25.07 19.30 21.01
CA GLU A 181 25.50 18.24 21.91
C GLU A 181 24.35 17.27 22.10
N LEU A 182 24.66 15.97 22.06
CA LEU A 182 23.66 14.93 22.25
C LEU A 182 23.50 14.68 23.75
N PHE A 183 22.29 14.92 24.27
CA PHE A 183 22.00 14.79 25.68
C PHE A 183 21.16 13.55 25.94
N ASN A 184 21.46 12.87 27.05
CA ASN A 184 20.61 11.80 27.56
C ASN A 184 19.83 12.32 28.76
N SER A 185 18.59 11.84 28.90
CA SER A 185 17.77 12.22 30.03
C SER A 185 16.69 11.17 30.23
N ILE A 186 16.07 11.20 31.40
CA ILE A 186 14.92 10.35 31.65
C ILE A 186 13.71 10.92 30.92
N ILE A 187 13.00 10.07 30.20
CA ILE A 187 11.75 10.47 29.55
C ILE A 187 10.67 10.54 30.62
N GLU A 188 10.09 11.72 30.79
CA GLU A 188 9.05 11.95 31.79
C GLU A 188 7.68 11.97 31.13
N ASP A 189 6.66 11.67 31.93
CA ASP A 189 5.30 11.76 31.44
C ASP A 189 5.00 13.18 30.98
N GLY A 190 4.44 13.30 29.78
CA GLY A 190 4.16 14.58 29.17
C GLY A 190 5.22 15.06 28.22
N ASP A 191 6.42 14.48 28.27
CA ASP A 191 7.44 14.82 27.28
C ASP A 191 6.91 14.61 25.87
N MET A 192 7.39 15.41 24.94
CA MET A 192 6.98 15.32 23.54
C MET A 192 7.88 14.33 22.80
N VAL A 193 7.26 13.52 21.95
CA VAL A 193 8.02 12.67 21.04
C VAL A 193 8.44 13.49 19.82
N ASP A 194 9.43 13.00 19.10
CA ASP A 194 9.80 13.64 17.84
C ASP A 194 8.64 13.56 16.86
N THR A 195 8.51 14.59 16.02
CA THR A 195 7.33 14.79 15.20
C THR A 195 7.62 14.82 13.72
N GLY A 196 8.87 14.66 13.30
CA GLY A 196 9.28 14.89 11.93
C GLY A 196 10.29 16.01 11.78
N PHE A 197 10.54 16.77 12.84
CA PHE A 197 11.54 17.83 12.85
C PHE A 197 12.76 17.48 13.70
N GLY A 198 12.83 16.26 14.22
CA GLY A 198 13.98 15.78 14.96
C GLY A 198 13.76 15.78 16.45
N CYS A 199 14.70 15.15 17.15
CA CYS A 199 14.71 15.11 18.61
C CYS A 199 15.69 16.19 19.08
N MET A 200 15.16 17.40 19.30
CA MET A 200 15.98 18.52 19.69
C MET A 200 15.23 19.39 20.68
N ASP A 201 16.00 20.25 21.36
CA ASP A 201 15.45 21.27 22.25
C ASP A 201 15.12 22.49 21.41
N PHE A 202 13.89 22.54 20.89
CA PHE A 202 13.48 23.66 20.06
C PHE A 202 13.49 24.98 20.83
N GLY A 203 13.26 24.92 22.14
CA GLY A 203 13.24 26.15 22.93
C GLY A 203 14.57 26.87 22.89
N THR A 204 15.67 26.12 22.88
CA THR A 204 17.00 26.70 22.91
C THR A 204 17.64 26.81 21.53
N LEU A 205 17.35 25.88 20.62
CA LEU A 205 18.01 25.85 19.33
C LEU A 205 17.26 26.61 18.24
N GLN A 206 16.01 27.01 18.49
CA GLN A 206 15.24 27.83 17.54
C GLN A 206 14.73 29.04 18.32
N ALA A 207 15.53 30.10 18.32
CA ALA A 207 15.29 31.25 19.18
C ALA A 207 14.13 32.12 18.72
N ASN A 208 13.63 31.94 17.50
CA ASN A 208 12.57 32.79 16.98
C ASN A 208 11.17 32.32 17.35
N LYS A 209 11.04 31.09 17.87
CA LYS A 209 9.78 30.52 18.35
C LYS A 209 8.75 30.32 17.25
N SER A 210 9.16 30.40 15.97
CA SER A 210 8.22 30.30 14.86
C SER A 210 8.60 29.26 13.81
N ASP A 211 9.67 28.49 14.03
CA ASP A 211 10.11 27.54 13.02
C ASP A 211 9.39 26.20 13.09
N VAL A 212 8.75 25.88 14.22
CA VAL A 212 7.92 24.68 14.33
C VAL A 212 6.62 25.04 15.05
N PRO A 213 5.61 24.18 14.95
CA PRO A 213 4.32 24.48 15.57
C PRO A 213 4.42 24.73 17.08
N ILE A 214 3.37 25.38 17.62
CA ILE A 214 3.41 25.88 18.99
C ILE A 214 3.45 24.75 20.03
N ASP A 215 3.03 23.54 19.68
CA ASP A 215 3.05 22.46 20.67
C ASP A 215 4.44 21.87 20.86
N ILE A 216 5.44 22.30 20.09
CA ILE A 216 6.81 21.83 20.32
C ILE A 216 7.81 22.99 20.29
N CYS A 217 7.37 24.16 19.83
CA CYS A 217 8.32 25.26 19.61
C CYS A 217 9.01 25.69 20.90
N ASN A 218 8.39 25.47 22.06
CA ASN A 218 9.02 25.74 23.34
C ASN A 218 9.20 24.46 24.16
N SER A 219 9.44 23.35 23.47
CA SER A 219 9.55 22.04 24.10
C SER A 219 10.81 21.33 23.62
N THR A 220 11.14 20.25 24.30
CA THR A 220 12.18 19.32 23.86
C THR A 220 11.49 18.05 23.38
N CYS A 221 11.74 17.68 22.13
CA CYS A 221 11.28 16.41 21.60
C CYS A 221 12.37 15.36 21.80
N LYS A 222 12.00 14.25 22.43
CA LYS A 222 12.95 13.21 22.78
C LYS A 222 12.65 11.94 21.98
N TYR A 223 13.71 11.24 21.60
CA TYR A 223 13.64 9.92 21.00
C TYR A 223 14.22 8.89 21.96
N PRO A 224 13.65 7.70 22.06
CA PRO A 224 14.20 6.72 22.99
C PRO A 224 15.61 6.33 22.59
N ASP A 225 16.53 6.34 23.56
CA ASP A 225 17.91 5.92 23.32
C ASP A 225 17.97 4.40 23.41
N TYR A 226 17.40 3.75 22.39
CA TYR A 226 17.36 2.29 22.36
C TYR A 226 18.75 1.68 22.50
N LEU A 227 19.73 2.23 21.78
CA LEU A 227 21.06 1.65 21.79
C LEU A 227 21.69 1.70 23.18
N LYS A 228 21.48 2.81 23.90
CA LYS A 228 22.02 2.92 25.25
C LYS A 228 21.28 1.99 26.21
N MET A 229 19.96 1.90 26.08
CA MET A 229 19.18 1.07 27.00
C MET A 229 19.41 -0.41 26.76
N ALA A 230 19.62 -0.82 25.51
CA ALA A 230 19.84 -2.23 25.21
C ALA A 230 21.20 -2.70 25.69
N SER A 231 22.19 -1.80 25.76
CA SER A 231 23.55 -2.18 26.10
C SER A 231 23.86 -2.07 27.59
N GLU A 232 22.92 -1.58 28.40
CA GLU A 232 23.17 -1.51 29.83
C GLU A 232 23.33 -2.93 30.38
N PRO A 233 24.28 -3.15 31.30
CA PRO A 233 24.61 -4.54 31.68
C PRO A 233 23.43 -5.34 32.21
N TYR A 234 22.69 -4.79 33.19
CA TYR A 234 21.66 -5.57 33.85
C TYR A 234 20.37 -5.67 33.05
N GLY A 235 20.10 -4.70 32.17
CA GLY A 235 18.93 -4.78 31.32
C GLY A 235 17.62 -4.39 31.98
N ASP A 236 17.65 -3.46 32.94
CA ASP A 236 16.45 -3.11 33.68
C ASP A 236 15.52 -2.18 32.90
N SER A 237 16.01 -1.54 31.84
CA SER A 237 15.21 -0.51 31.16
C SER A 237 14.23 -1.13 30.17
N LEU A 238 14.61 -2.20 29.48
CA LEU A 238 13.79 -2.76 28.41
C LEU A 238 13.64 -4.27 28.61
N PHE A 239 12.63 -4.67 29.38
CA PHE A 239 12.22 -6.08 29.37
C PHE A 239 11.69 -6.46 28.00
N PHE A 240 11.12 -5.51 27.28
CA PHE A 240 10.31 -5.76 26.10
C PHE A 240 9.95 -4.41 25.49
N PHE A 241 9.96 -4.33 24.16
CA PHE A 241 9.54 -3.10 23.51
C PHE A 241 9.05 -3.39 22.10
N LEU A 242 8.12 -2.56 21.65
CA LEU A 242 7.65 -2.55 20.28
C LEU A 242 7.64 -1.11 19.79
N ARG A 243 7.82 -0.94 18.48
CA ARG A 243 7.86 0.40 17.91
C ARG A 243 7.41 0.36 16.46
N ARG A 244 6.71 1.41 16.03
CA ARG A 244 6.30 1.54 14.63
C ARG A 244 6.22 3.03 14.31
N GLU A 245 7.11 3.49 13.45
CA GLU A 245 7.20 4.89 13.03
C GLU A 245 7.00 4.98 11.53
N GLN A 246 6.45 6.10 11.08
CA GLN A 246 6.37 6.30 9.63
C GLN A 246 6.04 7.76 9.33
N MET A 247 6.58 8.23 8.20
CA MET A 247 6.28 9.58 7.72
C MET A 247 6.75 9.69 6.28
N PHE A 248 6.18 10.66 5.57
CA PHE A 248 6.69 11.12 4.28
C PHE A 248 6.65 12.63 4.27
N VAL A 249 7.26 13.23 3.26
CA VAL A 249 7.31 14.68 3.11
C VAL A 249 6.07 15.13 2.35
N ARG A 250 5.25 15.96 2.99
CA ARG A 250 4.02 16.43 2.36
C ARG A 250 4.23 17.74 1.60
N HIS A 251 5.03 18.67 2.13
CA HIS A 251 5.26 19.94 1.45
C HIS A 251 6.71 20.39 1.65
N PHE A 252 7.12 21.33 0.79
CA PHE A 252 8.49 21.85 0.77
C PHE A 252 8.43 23.36 0.86
N PHE A 253 9.06 23.92 1.90
CA PHE A 253 9.10 25.36 2.14
C PHE A 253 10.54 25.79 2.35
N ASN A 254 10.74 27.10 2.45
CA ASN A 254 12.00 27.64 2.94
C ASN A 254 11.72 28.67 4.04
N ARG A 255 12.79 29.07 4.72
CA ARG A 255 12.70 29.94 5.88
C ARG A 255 12.95 31.39 5.48
N ALA A 256 12.28 32.29 6.17
CA ALA A 256 12.67 33.70 6.17
C ALA A 256 13.72 33.92 7.26
N GLY A 257 14.45 35.00 7.12
CA GLY A 257 15.58 35.27 7.99
C GLY A 257 16.90 35.13 7.24
N LYS A 258 17.95 35.68 7.84
CA LYS A 258 19.27 35.67 7.23
C LYS A 258 19.82 34.24 7.17
N LEU A 259 20.28 33.83 6.00
CA LEU A 259 20.91 32.53 5.86
C LEU A 259 22.26 32.55 6.56
N GLY A 260 22.43 31.67 7.55
CA GLY A 260 23.62 31.72 8.38
C GLY A 260 24.87 31.24 7.68
N GLU A 261 24.73 30.30 6.74
CA GLU A 261 25.87 29.72 6.01
C GLU A 261 25.57 29.82 4.52
N ALA A 262 26.21 30.76 3.85
CA ALA A 262 25.96 30.98 2.44
C ALA A 262 26.40 29.78 1.62
N VAL A 263 25.68 29.52 0.53
CA VAL A 263 26.07 28.46 -0.39
C VAL A 263 27.44 28.79 -0.97
N PRO A 264 28.42 27.87 -0.93
CA PRO A 264 29.73 28.16 -1.51
C PRO A 264 29.65 28.48 -3.00
N ASP A 265 30.62 29.27 -3.47
CA ASP A 265 30.63 29.74 -4.85
C ASP A 265 30.85 28.61 -5.86
N ASP A 266 31.47 27.51 -5.46
CA ASP A 266 31.75 26.44 -6.41
C ASP A 266 30.53 25.57 -6.70
N LEU A 267 29.37 25.89 -6.14
CA LEU A 267 28.16 25.09 -6.33
C LEU A 267 27.12 25.76 -7.21
N TYR A 268 27.42 26.92 -7.79
CA TYR A 268 26.47 27.58 -8.68
C TYR A 268 27.19 28.68 -9.43
N ILE A 269 26.59 29.07 -10.55
CA ILE A 269 27.03 30.23 -11.33
C ILE A 269 26.15 31.41 -10.94
N LYS A 270 26.78 32.53 -10.58
CA LYS A 270 26.05 33.67 -10.05
C LYS A 270 24.99 34.16 -11.03
N GLY A 271 23.90 34.68 -10.48
CA GLY A 271 22.87 35.32 -11.26
C GLY A 271 23.22 36.77 -11.57
N SER A 272 22.23 37.48 -12.09
CA SER A 272 22.42 38.87 -12.49
C SER A 272 21.05 39.52 -12.67
N GLY A 273 21.05 40.85 -12.59
CA GLY A 273 19.79 41.57 -12.69
C GLY A 273 18.84 41.09 -11.61
N ASN A 274 17.65 40.65 -12.02
CA ASN A 274 16.63 40.23 -11.06
C ASN A 274 16.95 38.88 -10.42
N THR A 275 18.00 38.18 -10.86
CA THR A 275 18.45 36.96 -10.18
C THR A 275 19.74 37.17 -9.40
N ALA A 276 20.16 38.42 -9.21
CA ALA A 276 21.43 38.69 -8.53
C ALA A 276 21.35 38.47 -7.03
N VAL A 277 20.16 38.56 -6.43
CA VAL A 277 19.99 38.41 -4.99
C VAL A 277 19.52 36.98 -4.73
N ILE A 278 20.41 36.15 -4.20
CA ILE A 278 20.15 34.73 -4.10
C ILE A 278 19.07 34.47 -3.04
N GLN A 279 18.13 33.58 -3.35
CA GLN A 279 17.10 33.20 -2.42
C GLN A 279 17.65 32.24 -1.36
N SER A 280 16.96 32.16 -0.24
CA SER A 280 17.41 31.34 0.88
C SER A 280 17.26 29.87 0.57
N SER A 281 18.32 29.10 0.82
CA SER A 281 18.29 27.65 0.71
C SER A 281 18.10 26.98 2.07
N ALA A 282 17.57 27.72 3.04
CA ALA A 282 17.19 27.14 4.33
C ALA A 282 15.84 26.47 4.15
N PHE A 283 15.88 25.29 3.54
CA PHE A 283 14.66 24.54 3.26
C PHE A 283 14.22 23.78 4.51
N PHE A 284 12.94 23.37 4.50
CA PHE A 284 12.45 22.47 5.51
C PHE A 284 11.20 21.81 4.99
N PRO A 285 10.97 20.53 5.24
CA PRO A 285 9.74 19.88 4.82
C PRO A 285 8.68 19.91 5.92
N THR A 286 7.43 19.74 5.50
CA THR A 286 6.44 19.37 6.50
C THR A 286 6.23 17.87 6.46
N PRO A 287 6.11 17.21 7.61
CA PRO A 287 5.89 15.77 7.62
C PRO A 287 4.42 15.43 7.43
N SER A 288 4.17 14.14 7.23
CA SER A 288 2.84 13.57 7.28
C SER A 288 2.98 12.13 7.72
N GLY A 289 2.17 11.71 8.68
CA GLY A 289 2.22 10.34 9.16
C GLY A 289 1.40 9.35 8.34
N SER A 290 0.67 9.85 7.35
CA SER A 290 -0.12 9.02 6.45
C SER A 290 -1.27 8.37 7.26
N ILE A 291 -1.66 7.17 6.86
CA ILE A 291 -2.90 6.56 7.32
C ILE A 291 -2.68 5.84 8.64
N VAL A 292 -3.71 5.84 9.48
CA VAL A 292 -3.77 5.00 10.65
C VAL A 292 -4.75 3.86 10.36
N THR A 293 -4.39 2.65 10.77
CA THR A 293 -5.19 1.47 10.50
C THR A 293 -5.24 0.57 11.73
N SER A 294 -6.36 -0.14 11.89
CA SER A 294 -6.47 -1.09 12.99
C SER A 294 -5.41 -2.19 12.89
N GLU A 295 -5.14 -2.66 11.66
CA GLU A 295 -4.22 -3.78 11.47
C GLU A 295 -2.81 -3.47 11.95
N SER A 296 -2.43 -2.21 12.03
CA SER A 296 -1.09 -1.82 12.45
C SER A 296 -0.99 -1.58 13.95
N GLN A 297 -2.08 -1.75 14.69
CA GLN A 297 -2.10 -1.41 16.10
C GLN A 297 -1.13 -2.28 16.90
N LEU A 298 -0.40 -1.64 17.82
CA LEU A 298 0.43 -2.35 18.78
C LEU A 298 -0.29 -2.64 20.09
N PHE A 299 -1.43 -2.00 20.34
CA PHE A 299 -2.08 -2.01 21.64
C PHE A 299 -3.33 -2.86 21.62
N ASN A 300 -3.98 -2.96 22.78
CA ASN A 300 -5.19 -3.77 22.95
C ASN A 300 -4.92 -5.23 22.59
N LYS A 301 -3.74 -5.72 22.95
CA LYS A 301 -3.42 -7.14 22.80
C LYS A 301 -2.38 -7.52 23.82
N PRO A 302 -2.34 -8.78 24.25
CA PRO A 302 -1.46 -9.16 25.35
C PRO A 302 -0.03 -9.41 24.88
N TYR A 303 0.93 -8.96 25.69
CA TYR A 303 2.33 -9.28 25.53
C TYR A 303 2.72 -10.27 26.61
N TRP A 304 3.23 -11.43 26.22
CA TRP A 304 3.70 -12.43 27.16
C TRP A 304 5.22 -12.28 27.30
N LEU A 305 5.66 -11.82 28.48
CA LEU A 305 7.07 -11.54 28.73
C LEU A 305 7.74 -12.83 29.20
N GLN A 306 7.96 -13.73 28.25
CA GLN A 306 8.49 -15.05 28.57
C GLN A 306 10.00 -15.06 28.69
N ARG A 307 10.70 -14.51 27.70
CA ARG A 307 12.16 -14.57 27.64
C ARG A 307 12.68 -13.21 27.16
N ALA A 308 13.17 -12.40 28.09
CA ALA A 308 13.76 -11.12 27.72
C ALA A 308 15.12 -11.34 27.07
N GLN A 309 15.50 -10.38 26.21
CA GLN A 309 16.81 -10.45 25.59
C GLN A 309 17.91 -10.05 26.56
N GLY A 310 17.64 -9.12 27.46
CA GLY A 310 18.58 -8.76 28.50
C GLY A 310 18.56 -9.73 29.66
N HIS A 311 19.39 -9.45 30.66
CA HIS A 311 19.58 -10.37 31.78
C HIS A 311 18.47 -10.29 32.82
N ASN A 312 17.72 -9.19 32.87
CA ASN A 312 16.58 -9.07 33.78
C ASN A 312 15.34 -9.59 33.06
N ASN A 313 14.90 -10.79 33.43
CA ASN A 313 13.76 -11.42 32.77
C ASN A 313 12.45 -11.03 33.48
N GLY A 314 12.17 -9.72 33.46
CA GLY A 314 10.91 -9.21 33.95
C GLY A 314 10.81 -9.02 35.44
N ILE A 315 11.92 -8.95 36.15
CA ILE A 315 11.90 -8.84 37.61
C ILE A 315 11.71 -7.38 37.99
N CYS A 316 10.65 -7.10 38.75
CA CYS A 316 10.30 -5.72 39.12
C CYS A 316 10.96 -5.37 40.45
N TRP A 317 12.28 -5.16 40.38
CA TRP A 317 13.03 -4.74 41.56
C TRP A 317 12.44 -3.45 42.13
N GLY A 318 12.45 -3.36 43.46
CA GLY A 318 11.86 -2.21 44.11
C GLY A 318 10.34 -2.18 44.07
N ASN A 319 9.70 -3.26 43.60
CA ASN A 319 8.25 -3.36 43.59
C ASN A 319 7.63 -2.23 42.76
N GLN A 320 8.21 -1.97 41.60
CA GLN A 320 7.68 -0.97 40.69
C GLN A 320 8.00 -1.38 39.27
N LEU A 321 7.29 -0.77 38.33
CA LEU A 321 7.40 -1.10 36.92
C LEU A 321 7.11 0.17 36.13
N PHE A 322 7.81 0.35 35.02
CA PHE A 322 7.63 1.51 34.16
C PHE A 322 7.09 1.07 32.81
N VAL A 323 5.93 1.59 32.44
CA VAL A 323 5.34 1.35 31.13
C VAL A 323 5.33 2.69 30.40
N THR A 324 6.10 2.78 29.32
CA THR A 324 6.19 3.99 28.52
C THR A 324 5.45 3.75 27.20
N VAL A 325 4.61 4.71 26.81
CA VAL A 325 3.79 4.58 25.61
C VAL A 325 3.83 5.87 24.82
N VAL A 326 3.96 5.75 23.50
CA VAL A 326 3.58 6.78 22.55
C VAL A 326 2.58 6.15 21.59
N ASP A 327 1.50 6.88 21.32
CA ASP A 327 0.48 6.37 20.40
C ASP A 327 -0.19 7.57 19.75
N THR A 328 0.25 7.91 18.55
CA THR A 328 -0.33 9.02 17.79
C THR A 328 -1.51 8.60 16.93
N THR A 329 -1.94 7.33 17.02
CA THR A 329 -3.00 6.82 16.17
C THR A 329 -4.39 7.15 16.68
N ARG A 330 -4.51 7.81 17.83
CA ARG A 330 -5.77 8.29 18.36
C ARG A 330 -5.66 9.78 18.70
N SER A 331 -4.95 10.52 17.85
CA SER A 331 -4.56 11.89 18.16
C SER A 331 -5.61 12.91 17.77
N THR A 332 -6.82 12.47 17.41
CA THR A 332 -7.91 13.38 17.07
C THR A 332 -8.04 14.47 18.13
N ASN A 333 -8.15 15.71 17.66
CA ASN A 333 -8.43 16.85 18.52
C ASN A 333 -9.86 17.30 18.26
N MET A 334 -10.67 17.36 19.32
CA MET A 334 -12.07 17.72 19.18
C MET A 334 -12.25 19.22 19.15
N THR A 335 -13.17 19.67 18.29
CA THR A 335 -13.57 21.07 18.23
C THR A 335 -14.78 21.31 19.11
N LEU A 336 -14.68 22.29 20.01
CA LEU A 336 -15.79 22.73 20.85
C LEU A 336 -16.13 24.18 20.51
N CYS A 337 -17.41 24.50 20.49
CA CYS A 337 -17.87 25.84 20.14
C CYS A 337 -19.00 26.26 21.07
N THR A 338 -18.82 27.39 21.75
CA THR A 338 -19.84 27.95 22.63
C THR A 338 -20.51 29.14 21.96
N GLU A 339 -21.80 29.29 22.23
CA GLU A 339 -22.59 30.40 21.71
C GLU A 339 -22.65 31.47 22.79
N VAL A 340 -21.98 32.60 22.55
CA VAL A 340 -22.02 33.71 23.49
C VAL A 340 -23.34 34.46 23.36
N THR A 341 -23.81 34.67 22.14
CA THR A 341 -25.02 35.44 21.88
C THR A 341 -25.87 34.69 20.86
N LYS A 342 -27.12 34.40 21.24
CA LYS A 342 -28.03 33.67 20.38
C LYS A 342 -28.77 34.65 19.48
N GLU A 343 -28.62 34.48 18.16
CA GLU A 343 -29.28 35.34 17.19
C GLU A 343 -29.78 34.50 16.03
N GLY A 344 -30.72 35.07 15.26
CA GLY A 344 -31.36 34.34 14.18
C GLY A 344 -30.51 34.17 12.94
N THR A 345 -29.43 34.95 12.80
CA THR A 345 -28.48 34.80 11.71
C THR A 345 -27.08 34.59 12.28
N TYR A 346 -26.23 33.98 11.46
CA TYR A 346 -24.90 33.59 11.90
C TYR A 346 -23.97 34.79 11.94
N LYS A 347 -23.21 34.92 13.03
CA LYS A 347 -22.20 35.96 13.16
C LYS A 347 -20.99 35.39 13.90
N ASN A 348 -19.82 35.50 13.29
CA ASN A 348 -18.61 34.92 13.87
C ASN A 348 -18.39 35.38 15.30
N ASP A 349 -18.65 36.66 15.58
CA ASP A 349 -18.38 37.20 16.91
C ASP A 349 -19.31 36.67 17.98
N ASN A 350 -20.34 35.90 17.62
CA ASN A 350 -21.25 35.32 18.60
C ASN A 350 -20.77 33.97 19.14
N PHE A 351 -19.63 33.46 18.67
CA PHE A 351 -19.17 32.13 19.03
C PHE A 351 -17.71 32.15 19.45
N LYS A 352 -17.36 31.21 20.33
CA LYS A 352 -15.98 31.00 20.75
C LYS A 352 -15.57 29.57 20.45
N GLU A 353 -14.37 29.41 19.90
CA GLU A 353 -13.87 28.11 19.46
C GLU A 353 -12.79 27.61 20.42
N TYR A 354 -12.86 26.32 20.74
CA TYR A 354 -11.90 25.67 21.61
C TYR A 354 -11.45 24.36 20.98
N VAL A 355 -10.28 23.90 21.41
CA VAL A 355 -9.73 22.61 20.99
C VAL A 355 -9.42 21.80 22.23
N ARG A 356 -9.88 20.55 22.24
CA ARG A 356 -9.61 19.64 23.34
C ARG A 356 -9.16 18.28 22.80
N HIS A 357 -8.26 17.65 23.53
CA HIS A 357 -7.80 16.30 23.22
C HIS A 357 -7.91 15.43 24.48
N VAL A 358 -8.16 14.14 24.27
CA VAL A 358 -8.34 13.20 25.37
C VAL A 358 -7.54 11.94 25.09
N GLU A 359 -7.16 11.25 26.16
CA GLU A 359 -6.46 9.98 26.07
C GLU A 359 -7.06 9.03 27.09
N GLU A 360 -7.29 7.79 26.67
CA GLU A 360 -7.95 6.77 27.49
C GLU A 360 -7.05 5.54 27.53
N TYR A 361 -6.63 5.14 28.73
CA TYR A 361 -5.77 3.99 28.92
C TYR A 361 -6.40 3.02 29.92
N ASP A 362 -6.04 1.75 29.80
CA ASP A 362 -6.45 0.72 30.76
C ASP A 362 -5.33 -0.31 30.81
N LEU A 363 -4.47 -0.20 31.81
CA LEU A 363 -3.30 -1.06 31.93
C LEU A 363 -3.66 -2.33 32.70
N GLN A 364 -3.28 -3.48 32.15
CA GLN A 364 -3.63 -4.78 32.70
C GLN A 364 -2.37 -5.61 32.83
N PHE A 365 -2.19 -6.27 33.98
CA PHE A 365 -0.95 -6.98 34.26
C PHE A 365 -1.25 -8.35 34.85
N VAL A 366 -0.35 -9.30 34.55
CA VAL A 366 -0.26 -10.57 35.27
C VAL A 366 1.14 -10.65 35.86
N PHE A 367 1.22 -10.86 37.18
CA PHE A 367 2.49 -10.96 37.88
C PHE A 367 2.66 -12.37 38.44
N GLN A 368 3.92 -12.80 38.49
CA GLN A 368 4.28 -14.10 39.05
C GLN A 368 5.17 -13.87 40.26
N LEU A 369 4.78 -14.45 41.39
CA LEU A 369 5.55 -14.28 42.62
C LEU A 369 6.85 -15.08 42.53
N CYS A 370 7.94 -14.46 42.99
CA CYS A 370 9.25 -15.08 42.96
C CYS A 370 9.90 -14.92 44.32
N LYS A 371 10.75 -15.88 44.67
CA LYS A 371 11.53 -15.82 45.91
C LYS A 371 13.00 -15.93 45.60
N ILE A 372 13.81 -15.24 46.41
CA ILE A 372 15.25 -15.19 46.24
C ILE A 372 15.89 -15.65 47.55
N THR A 373 16.64 -16.74 47.49
CA THR A 373 17.40 -17.19 48.64
C THR A 373 18.69 -16.38 48.72
N LEU A 374 18.91 -15.70 49.84
CA LEU A 374 20.02 -14.76 49.97
C LEU A 374 21.26 -15.50 50.49
N THR A 375 21.86 -16.27 49.60
CA THR A 375 23.15 -16.88 49.88
C THR A 375 24.23 -15.80 49.86
N ALA A 376 25.40 -16.16 50.39
CA ALA A 376 26.53 -15.22 50.36
C ALA A 376 26.85 -14.77 48.94
N GLU A 377 26.66 -15.66 47.96
CA GLU A 377 26.98 -15.33 46.58
C GLU A 377 25.92 -14.42 45.97
N ILE A 378 24.65 -14.61 46.32
CA ILE A 378 23.59 -13.80 45.76
C ILE A 378 23.52 -12.43 46.44
N MET A 379 23.76 -12.38 47.75
CA MET A 379 23.79 -11.09 48.44
C MET A 379 24.86 -10.18 47.84
N THR A 380 26.05 -10.72 47.58
CA THR A 380 27.10 -9.92 46.95
C THR A 380 26.67 -9.47 45.57
N TYR A 381 26.07 -10.36 44.79
CA TYR A 381 25.65 -10.02 43.43
C TYR A 381 24.61 -8.91 43.45
N ILE A 382 23.62 -9.01 44.34
CA ILE A 382 22.57 -8.00 44.39
C ILE A 382 23.10 -6.70 44.97
N HIS A 383 24.05 -6.77 45.90
CA HIS A 383 24.58 -5.55 46.50
C HIS A 383 25.30 -4.68 45.45
N THR A 384 26.11 -5.32 44.61
CA THR A 384 26.78 -4.57 43.55
C THR A 384 25.79 -4.06 42.51
N MET A 385 24.81 -4.89 42.15
CA MET A 385 23.80 -4.47 41.18
C MET A 385 23.04 -3.26 41.68
N ASP A 386 22.47 -3.34 42.88
CA ASP A 386 21.74 -2.22 43.46
C ASP A 386 21.63 -2.46 44.96
N SER A 387 22.43 -1.72 45.74
CA SER A 387 22.43 -1.92 47.19
C SER A 387 21.07 -1.62 47.81
N ASN A 388 20.29 -0.74 47.19
CA ASN A 388 19.01 -0.37 47.77
C ASN A 388 18.06 -1.56 47.86
N ILE A 389 18.21 -2.55 46.97
CA ILE A 389 17.35 -3.73 47.01
C ILE A 389 17.46 -4.40 48.38
N LEU A 390 18.69 -4.64 48.84
CA LEU A 390 18.87 -5.29 50.13
C LEU A 390 18.46 -4.38 51.28
N GLU A 391 18.70 -3.07 51.13
CA GLU A 391 18.33 -2.13 52.19
C GLU A 391 16.81 -2.09 52.39
N ASP A 392 16.06 -1.98 51.29
CA ASP A 392 14.61 -2.00 51.39
C ASP A 392 14.12 -3.34 51.92
N TRP A 393 14.84 -4.42 51.64
CA TRP A 393 14.53 -5.71 52.24
C TRP A 393 14.92 -5.78 53.70
N GLN A 394 15.77 -4.88 54.17
CA GLN A 394 16.26 -4.89 55.54
C GLN A 394 16.90 -6.24 55.86
N PHE A 395 17.79 -6.68 54.98
CA PHE A 395 18.47 -7.97 55.12
C PHE A 395 19.98 -7.78 55.13
N GLU A 429 14.74 11.28 49.54
CA GLU A 429 15.20 9.90 49.55
C GLU A 429 15.22 9.33 48.13
N ASP A 430 14.04 8.95 47.64
CA ASP A 430 13.90 8.35 46.32
C ASP A 430 14.36 9.35 45.26
N PRO A 431 15.46 9.09 44.54
CA PRO A 431 15.95 10.08 43.57
C PRO A 431 15.02 10.27 42.37
N LEU A 432 14.07 9.37 42.15
CA LEU A 432 13.14 9.50 41.03
C LEU A 432 11.97 10.43 41.33
N ASN A 433 11.89 10.99 42.53
CA ASN A 433 10.77 11.86 42.88
C ASN A 433 10.88 13.25 42.28
N LYS A 434 12.07 13.63 41.80
CA LYS A 434 12.20 14.91 41.11
C LYS A 434 11.57 14.88 39.73
N TYR A 435 11.33 13.69 39.17
CA TYR A 435 10.77 13.54 37.85
C TYR A 435 9.24 13.41 37.92
N THR A 436 8.60 13.63 36.78
CA THR A 436 7.14 13.58 36.67
C THR A 436 6.75 12.31 35.93
N PHE A 437 5.95 11.49 36.59
CA PHE A 437 5.39 10.27 35.99
C PHE A 437 3.90 10.23 36.26
N TRP A 438 3.20 9.45 35.43
CA TRP A 438 1.80 9.13 35.69
C TRP A 438 1.76 7.99 36.70
N GLU A 439 1.44 8.31 37.94
CA GLU A 439 1.44 7.32 39.01
C GLU A 439 0.26 6.37 38.86
N VAL A 440 0.54 5.08 38.97
CA VAL A 440 -0.49 4.03 38.89
C VAL A 440 -0.29 3.14 40.11
N ASN A 441 -1.14 3.31 41.12
CA ASN A 441 -1.00 2.60 42.39
C ASN A 441 -1.81 1.31 42.32
N LEU A 442 -1.12 0.17 42.24
CA LEU A 442 -1.76 -1.13 42.24
C LEU A 442 -1.66 -1.85 43.58
N LYS A 443 -1.23 -1.13 44.63
CA LYS A 443 -1.02 -1.78 45.93
C LYS A 443 -2.28 -2.45 46.45
N GLU A 444 -3.46 -1.91 46.11
CA GLU A 444 -4.72 -2.45 46.57
C GLU A 444 -5.49 -3.18 45.47
N LYS A 445 -4.85 -3.46 44.34
CA LYS A 445 -5.53 -4.00 43.17
C LYS A 445 -5.11 -5.42 42.82
N PHE A 446 -4.22 -6.03 43.60
CA PHE A 446 -3.74 -7.38 43.31
C PHE A 446 -4.81 -8.41 43.68
N SER A 447 -5.12 -9.29 42.72
CA SER A 447 -6.11 -10.34 42.92
C SER A 447 -5.53 -11.68 42.47
N ALA A 448 -5.80 -12.72 43.24
CA ALA A 448 -5.37 -14.07 42.90
C ALA A 448 -6.35 -14.79 41.98
N ASP A 449 -7.54 -14.22 41.73
CA ASP A 449 -8.57 -14.86 40.92
C ASP A 449 -8.39 -14.40 39.47
N LEU A 450 -7.38 -14.96 38.82
CA LEU A 450 -7.04 -14.51 37.46
C LEU A 450 -8.21 -14.65 36.51
N ASP A 451 -8.99 -15.73 36.62
CA ASP A 451 -10.02 -15.99 35.62
C ASP A 451 -11.19 -15.03 35.72
N GLN A 452 -11.19 -14.10 36.68
CA GLN A 452 -12.24 -13.10 36.80
C GLN A 452 -11.96 -11.86 35.97
N PHE A 453 -10.85 -11.81 35.23
CA PHE A 453 -10.45 -10.62 34.51
C PHE A 453 -9.97 -10.99 33.11
N PRO A 454 -10.11 -10.07 32.15
CA PRO A 454 -9.77 -10.42 30.75
C PRO A 454 -8.36 -10.98 30.56
N LEU A 455 -7.34 -10.25 31.02
CA LEU A 455 -5.97 -10.71 30.79
C LEU A 455 -5.65 -11.96 31.58
N GLY A 456 -6.21 -12.09 32.79
CA GLY A 456 -6.03 -13.31 33.54
C GLY A 456 -6.52 -14.53 32.79
N ARG A 457 -7.71 -14.43 32.18
CA ARG A 457 -8.24 -15.54 31.39
C ARG A 457 -7.35 -15.82 30.19
N LYS A 458 -6.84 -14.77 29.54
CA LYS A 458 -5.94 -14.98 28.41
C LYS A 458 -4.66 -15.67 28.87
N PHE A 459 -4.13 -15.28 30.03
CA PHE A 459 -2.90 -15.91 30.53
C PHE A 459 -3.13 -17.38 30.87
N LEU A 460 -4.26 -17.70 31.52
CA LEU A 460 -4.53 -19.09 31.86
C LEU A 460 -4.67 -19.94 30.60
N LEU A 461 -5.38 -19.42 29.59
CA LEU A 461 -5.57 -20.17 28.36
C LEU A 461 -4.25 -20.33 27.61
N GLN A 462 -3.40 -19.31 27.64
CA GLN A 462 -2.15 -19.36 26.87
C GLN A 462 -1.11 -20.24 27.54
N SER A 463 -1.08 -20.24 28.88
CA SER A 463 -0.09 -21.03 29.61
C SER A 463 -0.53 -22.47 29.83
N GLY A 464 -1.77 -22.82 29.47
CA GLY A 464 -2.26 -24.15 29.71
C GLY A 464 -2.71 -24.42 31.13
N LEU A 465 -2.83 -23.39 31.96
CA LEU A 465 -3.25 -23.56 33.35
C LEU A 465 -4.78 -23.53 33.44
N LYS B 12 -15.73 -16.36 41.48
CA LYS B 12 -17.13 -16.15 41.79
C LYS B 12 -17.98 -16.28 40.53
N VAL B 13 -17.54 -15.65 39.43
CA VAL B 13 -18.14 -15.88 38.12
C VAL B 13 -17.44 -17.08 37.49
N VAL B 14 -18.24 -17.97 36.90
CA VAL B 14 -17.71 -19.18 36.29
C VAL B 14 -18.16 -19.24 34.83
N SER B 15 -17.43 -20.03 34.05
CA SER B 15 -17.76 -20.21 32.65
C SER B 15 -19.09 -20.93 32.50
N THR B 16 -19.85 -20.55 31.48
CA THR B 16 -21.11 -21.25 31.19
C THR B 16 -20.87 -22.71 30.85
N ASP B 17 -19.66 -23.07 30.43
CA ASP B 17 -19.35 -24.47 30.16
C ASP B 17 -19.51 -25.33 31.40
N GLU B 18 -19.45 -24.75 32.61
CA GLU B 18 -19.46 -25.51 33.84
C GLU B 18 -20.86 -25.84 34.33
N TYR B 19 -21.89 -25.10 33.90
CA TYR B 19 -23.25 -25.37 34.34
C TYR B 19 -24.27 -25.38 33.20
N VAL B 20 -23.85 -25.20 31.96
CA VAL B 20 -24.73 -25.31 30.80
C VAL B 20 -24.30 -26.54 30.01
N SER B 21 -25.20 -27.51 29.89
CA SER B 21 -24.90 -28.76 29.19
C SER B 21 -25.34 -28.67 27.73
N ARG B 22 -24.44 -29.05 26.83
CA ARG B 22 -24.70 -28.98 25.40
C ARG B 22 -25.36 -30.25 24.90
N THR B 23 -26.27 -30.10 23.94
CA THR B 23 -26.88 -31.22 23.27
C THR B 23 -26.35 -31.30 21.84
N SER B 24 -26.74 -32.37 21.15
CA SER B 24 -26.42 -32.53 19.73
C SER B 24 -27.52 -31.99 18.83
N ILE B 25 -28.43 -31.18 19.38
CA ILE B 25 -29.53 -30.61 18.62
C ILE B 25 -29.09 -29.25 18.08
N TYR B 26 -29.09 -29.10 16.77
CA TYR B 26 -28.72 -27.84 16.13
C TYR B 26 -29.87 -27.33 15.28
N TYR B 27 -29.98 -26.01 15.19
CA TYR B 27 -31.00 -25.37 14.38
C TYR B 27 -30.39 -24.21 13.60
N TYR B 28 -30.85 -24.04 12.37
CA TYR B 28 -30.47 -22.89 11.56
C TYR B 28 -31.61 -21.88 11.55
N ALA B 29 -31.23 -20.60 11.44
CA ALA B 29 -32.20 -19.53 11.34
C ALA B 29 -31.59 -18.39 10.52
N GLY B 30 -32.40 -17.80 9.65
CA GLY B 30 -31.96 -16.69 8.83
C GLY B 30 -33.05 -15.65 8.72
N SER B 31 -32.63 -14.40 8.58
CA SER B 31 -33.54 -13.27 8.49
C SER B 31 -34.07 -13.03 7.09
N SER B 32 -33.44 -13.61 6.07
CA SER B 32 -33.70 -13.25 4.68
C SER B 32 -33.36 -11.78 4.46
N ARG B 33 -33.58 -11.29 3.23
CA ARG B 33 -33.11 -9.95 2.87
C ARG B 33 -33.72 -8.90 3.78
N LEU B 34 -32.86 -8.08 4.38
CA LEU B 34 -33.27 -6.92 5.18
C LEU B 34 -32.83 -5.67 4.43
N LEU B 35 -33.78 -4.81 4.09
CA LEU B 35 -33.51 -3.60 3.33
C LEU B 35 -33.86 -2.36 4.13
N ALA B 36 -33.03 -1.32 3.99
CA ALA B 36 -33.31 0.00 4.54
C ALA B 36 -33.03 1.02 3.45
N VAL B 37 -33.97 1.94 3.25
CA VAL B 37 -33.90 2.93 2.18
C VAL B 37 -34.29 4.28 2.77
N GLY B 38 -33.47 5.29 2.53
CA GLY B 38 -33.78 6.62 3.04
C GLY B 38 -32.78 7.66 2.58
N ASN B 39 -32.84 8.81 3.26
CA ASN B 39 -31.98 9.95 3.01
C ASN B 39 -30.76 9.88 3.92
N PRO B 40 -29.54 9.97 3.38
CA PRO B 40 -28.36 9.74 4.21
C PRO B 40 -28.06 10.86 5.19
N TYR B 41 -28.62 12.05 4.99
CA TYR B 41 -28.25 13.21 5.78
C TYR B 41 -29.26 13.58 6.85
N PHE B 42 -30.54 13.32 6.61
CA PHE B 42 -31.58 13.70 7.56
C PHE B 42 -32.89 13.01 7.15
N SER B 43 -33.77 12.85 8.12
CA SER B 43 -35.07 12.23 7.86
C SER B 43 -36.07 13.27 7.36
N ILE B 44 -37.04 12.81 6.58
CA ILE B 44 -38.15 13.63 6.10
C ILE B 44 -39.38 13.29 6.93
N LYS B 45 -40.00 14.30 7.51
CA LYS B 45 -41.13 14.10 8.40
C LYS B 45 -42.45 14.13 7.63
N SER B 46 -43.48 13.58 8.24
CA SER B 46 -44.81 13.62 7.65
C SER B 46 -45.36 15.05 7.66
N PRO B 47 -46.06 15.47 6.60
CA PRO B 47 -46.70 16.79 6.65
C PRO B 47 -47.83 16.87 7.67
N ASN B 48 -48.35 15.74 8.12
CA ASN B 48 -49.45 15.71 9.08
C ASN B 48 -48.97 15.73 10.52
N ASN B 49 -47.69 15.42 10.77
CA ASN B 49 -47.19 15.29 12.13
C ASN B 49 -45.67 15.32 12.06
N ASN B 50 -45.08 16.44 12.49
CA ASN B 50 -43.63 16.62 12.36
C ASN B 50 -42.84 15.68 13.26
N LYS B 51 -43.50 14.93 14.14
CA LYS B 51 -42.83 13.93 14.97
C LYS B 51 -42.87 12.54 14.34
N LYS B 52 -43.52 12.39 13.18
CA LYS B 52 -43.61 11.11 12.49
C LYS B 52 -42.66 11.14 11.29
N VAL B 53 -41.88 10.08 11.14
CA VAL B 53 -40.89 10.00 10.07
C VAL B 53 -41.54 9.35 8.85
N LEU B 54 -41.44 10.03 7.71
CA LEU B 54 -41.91 9.49 6.44
C LEU B 54 -40.80 8.85 5.62
N VAL B 55 -39.64 9.51 5.52
CA VAL B 55 -38.45 8.94 4.90
C VAL B 55 -37.36 8.90 5.97
N PRO B 56 -36.92 7.72 6.41
CA PRO B 56 -35.94 7.68 7.50
C PRO B 56 -34.57 8.16 7.05
N LYS B 57 -33.76 8.49 8.05
CA LYS B 57 -32.34 8.74 7.83
C LYS B 57 -31.63 7.39 7.79
N VAL B 58 -31.03 7.07 6.63
CA VAL B 58 -30.36 5.80 6.42
C VAL B 58 -28.99 6.11 5.83
N SER B 59 -27.94 5.78 6.58
CA SER B 59 -26.58 6.17 6.22
C SER B 59 -25.62 5.02 6.49
N GLY B 60 -24.61 4.91 5.62
CA GLY B 60 -23.53 3.98 5.84
C GLY B 60 -22.70 4.26 7.07
N LEU B 61 -22.90 5.41 7.71
CA LEU B 61 -22.19 5.76 8.94
C LEU B 61 -23.05 5.58 10.18
N GLN B 62 -24.14 4.82 10.08
CA GLN B 62 -24.98 4.49 11.22
C GLN B 62 -24.59 3.14 11.79
N TYR B 63 -24.77 3.00 13.10
CA TYR B 63 -24.80 1.68 13.73
C TYR B 63 -26.09 0.98 13.33
N ARG B 64 -25.97 -0.28 12.94
CA ARG B 64 -27.12 -1.16 12.79
C ARG B 64 -27.09 -2.12 13.98
N VAL B 65 -28.09 -2.02 14.85
CA VAL B 65 -28.16 -2.83 16.06
C VAL B 65 -29.39 -3.71 15.93
N PHE B 66 -29.19 -4.96 15.55
CA PHE B 66 -30.28 -5.91 15.37
C PHE B 66 -30.55 -6.63 16.69
N ARG B 67 -31.80 -6.56 17.16
CA ARG B 67 -32.25 -7.34 18.30
C ARG B 67 -32.91 -8.60 17.75
N VAL B 68 -32.20 -9.71 17.81
CA VAL B 68 -32.65 -10.96 17.19
C VAL B 68 -33.46 -11.74 18.22
N ARG B 69 -34.74 -11.98 17.91
CA ARG B 69 -35.65 -12.68 18.80
C ARG B 69 -35.66 -14.16 18.46
N LEU B 70 -35.37 -15.01 19.44
CA LEU B 70 -35.34 -16.45 19.26
C LEU B 70 -36.59 -17.09 19.88
N PRO B 71 -37.08 -18.18 19.32
CA PRO B 71 -38.21 -18.87 19.95
C PRO B 71 -37.80 -19.45 21.30
N ASP B 72 -38.68 -19.28 22.29
CA ASP B 72 -38.43 -19.82 23.62
C ASP B 72 -38.33 -21.34 23.52
N PRO B 73 -37.15 -21.93 23.75
CA PRO B 73 -37.04 -23.39 23.60
C PRO B 73 -37.87 -24.17 24.59
N ASN B 74 -38.15 -23.60 25.77
CA ASN B 74 -39.01 -24.26 26.74
C ASN B 74 -40.47 -24.29 26.30
N LYS B 75 -40.83 -23.54 25.26
CA LYS B 75 -42.18 -23.56 24.70
C LYS B 75 -42.16 -23.88 23.20
N PHE B 76 -41.01 -24.32 22.68
CA PHE B 76 -40.89 -24.68 21.28
C PHE B 76 -41.54 -26.04 21.03
N GLY B 77 -42.16 -26.19 19.86
CA GLY B 77 -42.86 -27.42 19.54
C GLY B 77 -41.95 -28.52 19.05
N PHE B 78 -41.07 -29.02 19.92
CA PHE B 78 -40.18 -30.09 19.53
C PHE B 78 -40.96 -31.38 19.31
N PRO B 79 -40.66 -32.14 18.25
CA PRO B 79 -41.39 -33.41 18.05
C PRO B 79 -41.14 -34.42 19.14
N ASP B 80 -39.96 -34.39 19.76
CA ASP B 80 -39.62 -35.32 20.83
C ASP B 80 -38.89 -34.54 21.92
N THR B 81 -39.41 -34.62 23.15
CA THR B 81 -38.85 -33.88 24.28
C THR B 81 -38.18 -34.80 25.30
N SER B 82 -37.88 -36.03 24.92
CA SER B 82 -37.30 -37.00 25.83
C SER B 82 -35.83 -36.73 26.15
N PHE B 83 -35.25 -35.63 25.65
CA PHE B 83 -33.85 -35.32 25.88
C PHE B 83 -33.62 -34.50 27.14
N TYR B 84 -34.68 -34.11 27.84
CA TYR B 84 -34.52 -33.37 29.09
C TYR B 84 -35.79 -33.54 29.92
N ASN B 85 -35.71 -33.09 31.17
CA ASN B 85 -36.82 -33.20 32.11
C ASN B 85 -37.26 -31.80 32.53
N PRO B 86 -38.41 -31.30 32.06
CA PRO B 86 -38.83 -29.94 32.47
C PRO B 86 -39.10 -29.81 33.96
N ASP B 87 -39.26 -30.92 34.68
CA ASP B 87 -39.46 -30.83 36.12
C ASP B 87 -38.21 -30.30 36.83
N THR B 88 -37.03 -30.53 36.24
CA THR B 88 -35.77 -30.15 36.87
C THR B 88 -34.85 -29.32 35.97
N GLN B 89 -35.19 -29.12 34.70
CA GLN B 89 -34.28 -28.50 33.76
C GLN B 89 -35.01 -27.45 32.93
N ARG B 90 -34.22 -26.54 32.36
CA ARG B 90 -34.71 -25.53 31.44
C ARG B 90 -33.74 -25.43 30.27
N LEU B 91 -34.27 -24.97 29.13
CA LEU B 91 -33.52 -24.94 27.89
C LEU B 91 -33.14 -23.51 27.52
N VAL B 92 -32.06 -23.38 26.75
CA VAL B 92 -31.58 -22.10 26.27
C VAL B 92 -30.75 -22.34 25.03
N TRP B 93 -30.84 -21.43 24.06
CA TRP B 93 -30.06 -21.54 22.84
C TRP B 93 -28.67 -20.99 23.05
N ALA B 94 -27.71 -21.59 22.34
CA ALA B 94 -26.35 -21.08 22.26
C ALA B 94 -26.04 -20.80 20.79
N CYS B 95 -25.47 -19.63 20.52
CA CYS B 95 -25.07 -19.28 19.17
C CYS B 95 -23.68 -19.85 18.90
N VAL B 96 -23.58 -20.72 17.90
CA VAL B 96 -22.32 -21.35 17.54
C VAL B 96 -21.82 -20.93 16.16
N GLY B 97 -22.64 -20.24 15.37
CA GLY B 97 -22.23 -19.78 14.07
C GLY B 97 -23.03 -18.58 13.60
N LEU B 98 -22.39 -17.65 12.90
CA LEU B 98 -23.04 -16.46 12.38
C LEU B 98 -22.36 -16.05 11.10
N GLU B 99 -23.14 -15.53 10.16
CA GLU B 99 -22.61 -14.86 8.98
C GLU B 99 -23.46 -13.63 8.70
N ILE B 100 -22.81 -12.49 8.53
CA ILE B 100 -23.49 -11.23 8.28
C ILE B 100 -23.43 -10.99 6.78
N GLY B 101 -24.54 -11.30 6.09
CA GLY B 101 -24.61 -11.04 4.67
C GLY B 101 -24.76 -9.54 4.39
N ARG B 102 -23.99 -9.07 3.42
CA ARG B 102 -24.04 -7.67 2.99
C ARG B 102 -24.21 -7.64 1.48
N GLY B 103 -25.31 -7.02 1.03
CA GLY B 103 -25.54 -6.77 -0.38
C GLY B 103 -25.09 -5.37 -0.77
N GLN B 104 -25.35 -5.04 -2.04
CA GLN B 104 -24.98 -3.77 -2.65
C GLN B 104 -23.48 -3.73 -2.92
N PRO B 105 -23.04 -2.97 -3.92
CA PRO B 105 -21.61 -2.92 -4.23
C PRO B 105 -20.83 -2.13 -3.19
N LEU B 106 -19.53 -2.41 -3.12
CA LEU B 106 -18.64 -1.58 -2.34
C LEU B 106 -18.61 -0.17 -2.92
N GLY B 107 -18.42 0.82 -2.05
CA GLY B 107 -18.44 2.20 -2.49
C GLY B 107 -18.31 3.13 -1.31
N VAL B 108 -18.19 4.42 -1.62
CA VAL B 108 -17.95 5.45 -0.62
C VAL B 108 -18.88 6.63 -0.91
N GLY B 109 -19.55 7.12 0.15
CA GLY B 109 -20.34 8.32 0.05
C GLY B 109 -19.62 9.51 0.67
N VAL B 110 -20.18 10.70 0.43
CA VAL B 110 -19.63 11.93 0.97
C VAL B 110 -20.72 12.66 1.75
N SER B 111 -20.28 13.48 2.69
CA SER B 111 -21.17 14.32 3.48
C SER B 111 -20.58 15.72 3.56
N GLY B 112 -21.44 16.71 3.74
CA GLY B 112 -20.98 18.07 3.78
C GLY B 112 -21.92 18.99 4.51
N HIS B 113 -21.76 20.28 4.26
CA HIS B 113 -22.55 21.31 4.91
C HIS B 113 -22.58 22.53 3.99
N PRO B 114 -23.76 23.07 3.65
CA PRO B 114 -23.78 24.30 2.84
C PRO B 114 -23.16 25.49 3.54
N TYR B 115 -23.04 25.45 4.87
CA TYR B 115 -22.44 26.53 5.65
C TYR B 115 -21.42 25.94 6.63
N LEU B 116 -20.44 25.21 6.11
CA LEU B 116 -19.40 24.65 6.96
C LEU B 116 -18.50 25.77 7.48
N ASN B 117 -18.18 25.73 8.77
CA ASN B 117 -17.31 26.74 9.38
C ASN B 117 -15.86 26.42 9.04
N LYS B 118 -15.53 26.67 7.78
CA LYS B 118 -14.15 26.68 7.31
C LYS B 118 -13.82 28.11 6.94
N PHE B 119 -12.69 28.62 7.46
CA PHE B 119 -12.27 29.97 7.14
C PHE B 119 -11.18 29.92 6.07
N ASP B 120 -9.97 29.56 6.47
CA ASP B 120 -8.83 29.52 5.57
C ASP B 120 -8.32 28.10 5.41
N ASP B 121 -7.66 27.87 4.27
CA ASP B 121 -6.87 26.67 4.04
C ASP B 121 -5.47 26.92 4.59
N THR B 122 -5.07 26.12 5.58
CA THR B 122 -3.84 26.35 6.32
C THR B 122 -2.73 25.37 5.94
N GLU B 123 -2.81 24.77 4.75
CA GLU B 123 -1.85 23.74 4.39
C GLU B 123 -0.57 24.35 3.78
N THR B 124 -0.70 25.37 2.92
CA THR B 124 0.47 25.86 2.19
C THR B 124 0.59 27.38 2.17
N SER B 125 -0.52 28.11 2.07
CA SER B 125 -0.47 29.57 1.88
C SER B 125 -1.61 30.21 2.65
N ASN B 126 -1.28 31.01 3.67
CA ASN B 126 -2.28 31.66 4.52
C ASN B 126 -1.62 32.91 5.13
N ARG B 127 -1.32 33.88 4.28
CA ARG B 127 -0.58 35.07 4.69
C ARG B 127 -1.46 36.05 5.44
N TYR B 128 -0.82 36.92 6.21
CA TYR B 128 -1.48 38.05 6.82
C TYR B 128 -1.64 39.18 5.80
N PRO B 129 -2.65 40.05 5.96
CA PRO B 129 -3.64 40.04 7.03
C PRO B 129 -4.78 39.05 6.77
N ALA B 130 -5.54 38.72 7.81
CA ALA B 130 -6.64 37.78 7.67
C ALA B 130 -7.88 38.48 7.14
N GLN B 131 -8.64 37.75 6.32
CA GLN B 131 -9.82 38.28 5.67
C GLN B 131 -10.83 38.80 6.70
N PRO B 132 -11.53 39.89 6.42
CA PRO B 132 -12.62 40.31 7.30
C PRO B 132 -13.90 39.54 7.01
N GLY B 133 -14.79 39.52 8.01
CA GLY B 133 -16.08 38.91 7.80
C GLY B 133 -16.87 38.58 9.05
N SER B 134 -18.20 38.58 8.91
CA SER B 134 -19.10 38.10 9.95
C SER B 134 -19.70 36.74 9.64
N ASP B 135 -19.65 36.30 8.38
CA ASP B 135 -20.13 34.97 8.00
C ASP B 135 -19.33 34.55 6.77
N ASN B 136 -18.27 33.77 6.99
CA ASN B 136 -17.39 33.30 5.92
C ASN B 136 -17.56 31.80 5.68
N ARG B 137 -18.69 31.24 6.09
CA ARG B 137 -18.91 29.81 5.92
C ARG B 137 -18.94 29.44 4.44
N GLU B 138 -18.63 28.19 4.15
CA GLU B 138 -18.50 27.71 2.78
C GLU B 138 -19.23 26.38 2.63
N CYS B 139 -19.60 26.07 1.38
CA CYS B 139 -20.35 24.86 1.05
C CYS B 139 -19.34 23.78 0.65
N LEU B 140 -19.01 22.90 1.60
CA LEU B 140 -17.96 21.93 1.41
C LEU B 140 -18.43 20.54 1.81
N SER B 141 -17.80 19.52 1.23
CA SER B 141 -18.09 18.12 1.53
C SER B 141 -16.79 17.36 1.73
N MET B 142 -16.92 16.12 2.18
CA MET B 142 -15.76 15.31 2.51
C MET B 142 -16.19 13.85 2.55
N ASP B 143 -15.21 12.95 2.56
CA ASP B 143 -15.44 11.53 2.75
C ASP B 143 -14.88 11.12 4.10
N TYR B 144 -15.69 10.39 4.87
CA TYR B 144 -15.41 10.17 6.28
C TYR B 144 -14.39 9.04 6.49
N LYS B 145 -13.87 9.00 7.71
CA LYS B 145 -13.13 7.85 8.19
C LYS B 145 -13.89 6.56 7.89
N GLN B 146 -13.15 5.51 7.55
CA GLN B 146 -13.73 4.22 7.19
C GLN B 146 -13.78 3.33 8.42
N THR B 147 -14.93 2.69 8.65
CA THR B 147 -15.09 1.79 9.79
C THR B 147 -15.85 0.54 9.37
N GLN B 148 -15.33 -0.61 9.77
CA GLN B 148 -16.06 -1.87 9.78
C GLN B 148 -16.00 -2.43 11.20
N LEU B 149 -17.14 -2.92 11.68
CA LEU B 149 -17.12 -3.61 12.98
C LEU B 149 -18.35 -4.48 13.11
N CYS B 150 -18.20 -5.54 13.89
CA CYS B 150 -19.32 -6.40 14.25
CA CYS B 150 -19.31 -6.42 14.25
C CYS B 150 -19.16 -6.81 15.70
N LEU B 151 -20.25 -6.69 16.46
CA LEU B 151 -20.30 -7.09 17.86
C LEU B 151 -21.44 -8.09 18.03
N ILE B 152 -21.19 -9.13 18.82
CA ILE B 152 -22.18 -10.18 19.08
C ILE B 152 -22.26 -10.41 20.57
N GLY B 153 -23.48 -10.43 21.10
CA GLY B 153 -23.72 -10.76 22.50
C GLY B 153 -25.20 -10.89 22.74
N CYS B 154 -25.54 -11.33 23.96
CA CYS B 154 -26.93 -11.41 24.38
C CYS B 154 -27.39 -10.14 25.11
N LYS B 155 -26.56 -9.10 25.13
CA LYS B 155 -26.83 -7.83 25.77
C LYS B 155 -26.46 -6.71 24.81
N PRO B 156 -27.25 -5.64 24.73
CA PRO B 156 -26.96 -4.60 23.75
C PRO B 156 -25.62 -3.96 24.04
N PRO B 157 -24.96 -3.43 23.01
CA PRO B 157 -23.60 -2.90 23.21
C PRO B 157 -23.59 -1.57 23.93
N THR B 158 -22.47 -1.29 24.59
CA THR B 158 -22.25 -0.04 25.29
C THR B 158 -21.31 0.83 24.47
N GLY B 159 -21.70 2.09 24.25
CA GLY B 159 -20.86 3.05 23.57
C GLY B 159 -20.31 4.08 24.54
N GLU B 160 -19.31 4.81 24.05
CA GLU B 160 -18.73 5.92 24.79
C GLU B 160 -18.74 7.16 23.89
N HIS B 161 -19.07 8.31 24.49
CA HIS B 161 -19.05 9.56 23.76
C HIS B 161 -18.86 10.70 24.75
N TRP B 162 -18.31 11.80 24.26
CA TRP B 162 -18.06 12.97 25.09
C TRP B 162 -19.25 13.92 24.99
N GLY B 163 -19.70 14.42 26.15
CA GLY B 163 -20.78 15.38 26.21
C GLY B 163 -20.44 16.49 27.17
N LYS B 164 -21.38 17.42 27.31
CA LYS B 164 -21.19 18.55 28.21
C LYS B 164 -21.35 18.08 29.66
N GLY B 165 -20.30 18.26 30.45
CA GLY B 165 -20.26 17.79 31.82
C GLY B 165 -20.77 18.82 32.81
N VAL B 166 -20.28 18.72 34.03
CA VAL B 166 -20.66 19.60 35.14
C VAL B 166 -19.51 20.55 35.42
N ALA B 167 -19.84 21.83 35.64
CA ALA B 167 -18.85 22.83 35.95
C ALA B 167 -18.51 22.82 37.45
N THR B 175 -11.32 29.72 32.17
CA THR B 175 -11.69 29.45 30.78
C THR B 175 -13.21 29.21 30.68
N ASP B 176 -13.79 29.62 29.56
CA ASP B 176 -15.19 29.40 29.28
C ASP B 176 -15.42 28.14 28.45
N CYS B 177 -14.41 27.29 28.32
CA CYS B 177 -14.58 26.06 27.55
C CYS B 177 -15.60 25.16 28.24
N PRO B 178 -16.52 24.55 27.49
CA PRO B 178 -17.47 23.62 28.12
C PRO B 178 -16.73 22.48 28.82
N PRO B 179 -17.19 22.05 29.99
CA PRO B 179 -16.56 20.88 30.62
C PRO B 179 -16.91 19.61 29.87
N LEU B 180 -15.93 18.73 29.74
CA LEU B 180 -16.10 17.49 29.00
C LEU B 180 -16.35 16.33 29.95
N GLU B 181 -17.37 15.54 29.64
CA GLU B 181 -17.73 14.37 30.42
C GLU B 181 -17.83 13.18 29.48
N LEU B 182 -17.20 12.07 29.86
CA LEU B 182 -17.27 10.84 29.06
C LEU B 182 -18.51 10.07 29.48
N PHE B 183 -19.46 9.92 28.57
CA PHE B 183 -20.73 9.26 28.84
C PHE B 183 -20.74 7.86 28.24
N ASN B 184 -21.25 6.91 29.02
CA ASN B 184 -21.59 5.59 28.50
C ASN B 184 -23.08 5.52 28.24
N SER B 185 -23.46 4.77 27.21
CA SER B 185 -24.85 4.60 26.86
C SER B 185 -24.98 3.34 26.01
N ILE B 186 -26.20 2.87 25.87
CA ILE B 186 -26.49 1.78 24.93
C ILE B 186 -26.47 2.35 23.52
N ILE B 187 -25.74 1.69 22.63
CA ILE B 187 -25.77 2.05 21.22
C ILE B 187 -27.06 1.52 20.62
N GLU B 188 -27.84 2.41 20.02
CA GLU B 188 -29.12 2.08 19.43
C GLU B 188 -29.01 2.04 17.92
N ASP B 189 -29.92 1.30 17.30
CA ASP B 189 -29.97 1.26 15.84
C ASP B 189 -30.23 2.66 15.30
N GLY B 190 -29.36 3.11 14.40
CA GLY B 190 -29.45 4.44 13.84
C GLY B 190 -28.51 5.45 14.47
N ASP B 191 -27.87 5.11 15.59
CA ASP B 191 -26.84 5.97 16.15
C ASP B 191 -25.70 6.12 15.15
N MET B 192 -25.04 7.26 15.20
CA MET B 192 -23.93 7.54 14.29
C MET B 192 -22.62 7.06 14.89
N VAL B 193 -21.78 6.47 14.04
CA VAL B 193 -20.42 6.15 14.44
C VAL B 193 -19.54 7.38 14.26
N ASP B 194 -18.39 7.38 14.94
CA ASP B 194 -17.45 8.49 14.77
C ASP B 194 -16.96 8.52 13.33
N THR B 195 -16.60 9.72 12.87
CA THR B 195 -16.34 9.95 11.47
C THR B 195 -14.97 10.56 11.19
N GLY B 196 -14.14 10.76 12.20
CA GLY B 196 -12.92 11.54 12.08
C GLY B 196 -12.91 12.79 12.94
N PHE B 197 -14.05 13.20 13.48
CA PHE B 197 -14.13 14.33 14.39
C PHE B 197 -14.34 13.91 15.83
N GLY B 198 -14.37 12.62 16.11
CA GLY B 198 -14.42 12.11 17.47
C GLY B 198 -15.80 11.58 17.84
N CYS B 199 -15.84 10.89 18.98
CA CYS B 199 -17.09 10.42 19.56
C CYS B 199 -17.56 11.47 20.55
N MET B 200 -18.41 12.38 20.08
CA MET B 200 -18.89 13.47 20.92
C MET B 200 -20.32 13.82 20.53
N ASP B 201 -20.99 14.52 21.44
CA ASP B 201 -22.33 15.05 21.19
C ASP B 201 -22.17 16.41 20.51
N PHE B 202 -22.22 16.42 19.19
CA PHE B 202 -22.00 17.66 18.45
C PHE B 202 -23.14 18.64 18.67
N GLY B 203 -24.35 18.15 18.91
CA GLY B 203 -25.47 19.04 19.15
C GLY B 203 -25.24 19.97 20.33
N THR B 204 -24.64 19.45 21.40
CA THR B 204 -24.46 20.24 22.62
C THR B 204 -23.07 20.86 22.72
N LEU B 205 -22.05 20.27 22.11
CA LEU B 205 -20.68 20.76 22.26
C LEU B 205 -20.25 21.68 21.13
N GLN B 206 -20.98 21.75 20.03
CA GLN B 206 -20.69 22.69 18.94
C GLN B 206 -21.98 23.50 18.69
N ALA B 207 -22.08 24.65 19.36
CA ALA B 207 -23.34 25.39 19.38
C ALA B 207 -23.67 26.05 18.05
N ASN B 208 -22.68 26.31 17.20
CA ASN B 208 -22.93 27.04 15.96
C ASN B 208 -23.57 26.18 14.87
N LYS B 209 -23.59 24.86 15.05
CA LYS B 209 -24.22 23.93 14.11
C LYS B 209 -23.53 23.91 12.74
N SER B 210 -22.31 24.43 12.63
CA SER B 210 -21.62 24.53 11.34
C SER B 210 -20.19 23.99 11.37
N ASP B 211 -19.77 23.33 12.45
CA ASP B 211 -18.39 22.88 12.52
C ASP B 211 -18.18 21.48 11.95
N VAL B 212 -19.25 20.71 11.78
CA VAL B 212 -19.17 19.41 11.10
C VAL B 212 -20.35 19.29 10.14
N PRO B 213 -20.28 18.34 9.21
CA PRO B 213 -21.37 18.18 8.24
C PRO B 213 -22.71 17.96 8.91
N ILE B 214 -23.78 18.14 8.12
CA ILE B 214 -25.13 18.17 8.65
C ILE B 214 -25.60 16.80 9.13
N ASP B 215 -24.97 15.71 8.69
CA ASP B 215 -25.42 14.40 9.14
C ASP B 215 -24.94 14.06 10.55
N ILE B 216 -24.10 14.88 11.16
CA ILE B 216 -23.66 14.64 12.53
C ILE B 216 -23.70 15.91 13.38
N CYS B 217 -23.95 17.07 12.76
CA CYS B 217 -23.88 18.32 13.50
C CYS B 217 -24.94 18.41 14.58
N ASN B 218 -26.08 17.74 14.40
CA ASN B 218 -27.12 17.66 15.43
C ASN B 218 -27.28 16.24 15.95
N SER B 219 -26.19 15.46 15.95
CA SER B 219 -26.20 14.08 16.36
C SER B 219 -25.12 13.83 17.39
N THR B 220 -25.14 12.64 17.97
CA THR B 220 -24.07 12.16 18.83
C THR B 220 -23.37 11.00 18.11
N CYS B 221 -22.06 11.11 17.97
CA CYS B 221 -21.25 10.02 17.43
C CYS B 221 -20.71 9.20 18.58
N LYS B 222 -20.92 7.88 18.51
CA LYS B 222 -20.53 6.98 19.58
C LYS B 222 -19.47 6.01 19.08
N TYR B 223 -18.52 5.70 19.95
CA TYR B 223 -17.52 4.67 19.74
C TYR B 223 -17.75 3.54 20.74
N PRO B 224 -17.62 2.28 20.33
CA PRO B 224 -17.85 1.19 21.30
C PRO B 224 -16.89 1.29 22.46
N ASP B 225 -17.41 1.12 23.68
CA ASP B 225 -16.56 1.07 24.87
C ASP B 225 -16.07 -0.37 25.06
N TYR B 226 -15.13 -0.74 24.20
CA TYR B 226 -14.60 -2.10 24.22
C TYR B 226 -14.04 -2.47 25.59
N LEU B 227 -13.30 -1.55 26.21
CA LEU B 227 -12.66 -1.84 27.48
C LEU B 227 -13.69 -2.15 28.56
N LYS B 228 -14.75 -1.34 28.64
CA LYS B 228 -15.81 -1.60 29.62
C LYS B 228 -16.52 -2.91 29.31
N MET B 229 -16.85 -3.16 28.05
CA MET B 229 -17.59 -4.37 27.70
C MET B 229 -16.76 -5.63 27.94
N ALA B 230 -15.47 -5.57 27.65
CA ALA B 230 -14.63 -6.75 27.86
C ALA B 230 -14.40 -7.05 29.33
N SER B 231 -14.53 -6.06 30.20
CA SER B 231 -14.20 -6.22 31.61
C SER B 231 -15.42 -6.54 32.47
N GLU B 232 -16.62 -6.64 31.89
CA GLU B 232 -17.78 -6.94 32.71
C GLU B 232 -17.72 -8.39 33.18
N PRO B 233 -18.24 -8.67 34.39
CA PRO B 233 -18.00 -10.00 34.98
C PRO B 233 -18.47 -11.17 34.12
N TYR B 234 -19.70 -11.11 33.61
CA TYR B 234 -20.31 -12.27 32.96
C TYR B 234 -20.03 -12.34 31.45
N GLY B 235 -19.57 -11.25 30.85
CA GLY B 235 -19.22 -11.26 29.45
C GLY B 235 -20.39 -11.43 28.51
N ASP B 236 -21.54 -10.82 28.83
CA ASP B 236 -22.72 -10.94 27.99
C ASP B 236 -22.66 -10.03 26.77
N SER B 237 -21.82 -9.00 26.77
CA SER B 237 -21.84 -8.00 25.71
C SER B 237 -21.09 -8.46 24.47
N LEU B 238 -19.93 -9.09 24.63
CA LEU B 238 -19.03 -9.41 23.51
C LEU B 238 -18.70 -10.90 23.51
N PHE B 239 -19.59 -11.71 22.93
CA PHE B 239 -19.22 -13.07 22.59
C PHE B 239 -18.07 -13.09 21.60
N PHE B 240 -17.98 -12.06 20.76
CA PHE B 240 -17.08 -12.04 19.61
C PHE B 240 -17.19 -10.67 18.98
N PHE B 241 -16.09 -10.18 18.44
CA PHE B 241 -16.13 -8.93 17.69
C PHE B 241 -14.95 -8.86 16.74
N LEU B 242 -15.13 -8.08 15.67
CA LEU B 242 -14.09 -7.73 14.73
C LEU B 242 -14.23 -6.25 14.43
N ARG B 243 -13.10 -5.60 14.11
CA ARG B 243 -13.11 -4.17 13.86
C ARG B 243 -11.97 -3.82 12.92
N ARG B 244 -12.20 -2.82 12.08
CA ARG B 244 -11.17 -2.33 11.17
C ARG B 244 -11.48 -0.87 10.86
N GLU B 245 -10.66 0.04 11.37
CA GLU B 245 -10.80 1.47 11.15
C GLU B 245 -9.61 1.99 10.37
N GLN B 246 -9.81 3.06 9.60
CA GLN B 246 -8.69 3.70 8.93
C GLN B 246 -9.07 5.09 8.45
N MET B 247 -8.10 5.99 8.48
CA MET B 247 -8.27 7.33 7.95
C MET B 247 -6.92 8.03 7.86
N PHE B 248 -6.87 9.08 7.05
CA PHE B 248 -5.76 10.00 7.03
C PHE B 248 -6.32 11.42 6.91
N VAL B 249 -5.44 12.41 7.08
CA VAL B 249 -5.84 13.81 6.99
C VAL B 249 -5.77 14.25 5.55
N ARG B 250 -6.91 14.63 4.98
CA ARG B 250 -6.97 15.06 3.58
C ARG B 250 -6.74 16.55 3.42
N HIS B 251 -7.30 17.39 4.29
CA HIS B 251 -7.10 18.83 4.19
C HIS B 251 -6.95 19.45 5.56
N PHE B 252 -6.38 20.65 5.57
CA PHE B 252 -6.11 21.41 6.78
C PHE B 252 -6.82 22.76 6.67
N PHE B 253 -7.71 23.05 7.61
CA PHE B 253 -8.46 24.29 7.66
C PHE B 253 -8.33 24.91 9.04
N ASN B 254 -8.90 26.10 9.21
CA ASN B 254 -9.09 26.68 10.53
C ASN B 254 -10.51 27.23 10.62
N ARG B 255 -10.91 27.56 11.84
CA ARG B 255 -12.28 27.95 12.15
C ARG B 255 -12.40 29.47 12.17
N ALA B 256 -13.54 29.97 11.72
CA ALA B 256 -13.93 31.34 12.05
C ALA B 256 -14.57 31.37 13.43
N GLY B 257 -14.64 32.56 14.00
CA GLY B 257 -15.13 32.75 15.34
C GLY B 257 -14.02 33.16 16.29
N LYS B 258 -14.43 33.66 17.46
CA LYS B 258 -13.47 34.11 18.45
C LYS B 258 -12.71 32.91 19.01
N LEU B 259 -11.40 33.07 19.18
CA LEU B 259 -10.56 32.01 19.74
C LEU B 259 -10.72 32.01 21.25
N GLY B 260 -11.27 30.91 21.78
CA GLY B 260 -11.62 30.87 23.19
C GLY B 260 -10.42 30.88 24.11
N GLU B 261 -9.30 30.31 23.68
CA GLU B 261 -8.09 30.22 24.50
C GLU B 261 -6.92 30.72 23.66
N ALA B 262 -6.44 31.92 23.98
CA ALA B 262 -5.38 32.55 23.20
C ALA B 262 -4.06 31.81 23.38
N VAL B 263 -3.25 31.82 22.32
CA VAL B 263 -1.92 31.21 22.39
C VAL B 263 -1.08 31.96 23.43
N PRO B 264 -0.46 31.27 24.38
CA PRO B 264 0.35 31.98 25.39
C PRO B 264 1.49 32.75 24.75
N ASP B 265 1.92 33.82 25.44
CA ASP B 265 2.92 34.72 24.91
C ASP B 265 4.29 34.10 24.79
N ASP B 266 4.57 33.00 25.51
CA ASP B 266 5.88 32.39 25.48
C ASP B 266 6.08 31.49 24.27
N LEU B 267 5.06 31.30 23.43
CA LEU B 267 5.17 30.43 22.27
C LEU B 267 5.32 31.18 20.96
N TYR B 268 5.45 32.50 20.97
CA TYR B 268 5.66 33.24 19.74
C TYR B 268 6.11 34.66 20.07
N ILE B 269 6.74 35.29 19.08
CA ILE B 269 7.09 36.70 19.13
C ILE B 269 5.99 37.47 18.39
N LYS B 270 5.47 38.50 19.04
CA LYS B 270 4.32 39.21 18.48
C LYS B 270 4.64 39.80 17.12
N GLY B 271 3.60 39.87 16.28
CA GLY B 271 3.70 40.56 15.01
C GLY B 271 3.50 42.05 15.16
N SER B 272 3.34 42.71 14.02
CA SER B 272 3.16 44.16 14.01
C SER B 272 2.64 44.57 12.64
N GLY B 273 1.99 45.72 12.60
CA GLY B 273 1.47 46.25 11.35
C GLY B 273 0.51 45.27 10.71
N ASN B 274 0.87 44.78 9.53
CA ASN B 274 0.03 43.83 8.79
C ASN B 274 -0.13 42.50 9.53
N THR B 275 0.81 42.15 10.40
CA THR B 275 0.76 40.89 11.14
C THR B 275 0.35 41.07 12.59
N ALA B 276 -0.25 42.21 12.93
CA ALA B 276 -0.52 42.53 14.33
C ALA B 276 -1.72 41.78 14.89
N VAL B 277 -2.67 41.39 14.04
CA VAL B 277 -3.89 40.72 14.49
C VAL B 277 -3.71 39.23 14.23
N ILE B 278 -3.46 38.48 15.29
CA ILE B 278 -3.09 37.07 15.16
C ILE B 278 -4.24 36.30 14.54
N GLN B 279 -3.91 35.38 13.63
CA GLN B 279 -4.90 34.51 13.03
C GLN B 279 -5.28 33.39 13.99
N SER B 280 -6.43 32.77 13.70
CA SER B 280 -6.96 31.74 14.59
C SER B 280 -6.17 30.44 14.45
N SER B 281 -5.68 29.93 15.58
CA SER B 281 -5.07 28.62 15.64
C SER B 281 -6.07 27.52 15.99
N ALA B 282 -7.36 27.78 15.76
CA ALA B 282 -8.40 26.77 15.93
C ALA B 282 -8.46 25.91 14.65
N PHE B 283 -7.44 25.07 14.50
CA PHE B 283 -7.30 24.23 13.34
C PHE B 283 -8.24 23.04 13.41
N PHE B 284 -8.61 22.51 12.23
CA PHE B 284 -9.29 21.24 12.19
C PHE B 284 -9.00 20.58 10.85
N PRO B 285 -8.81 19.26 10.83
CA PRO B 285 -8.61 18.56 9.56
C PRO B 285 -9.90 17.99 9.01
N THR B 286 -9.89 17.73 7.72
CA THR B 286 -10.92 16.87 7.16
C THR B 286 -10.36 15.46 7.04
N PRO B 287 -11.09 14.43 7.46
CA PRO B 287 -10.58 13.07 7.31
C PRO B 287 -10.84 12.55 5.90
N SER B 288 -10.27 11.37 5.64
CA SER B 288 -10.60 10.60 4.45
C SER B 288 -10.43 9.12 4.81
N GLY B 289 -11.38 8.30 4.38
CA GLY B 289 -11.32 6.88 4.65
C GLY B 289 -10.43 6.10 3.70
N SER B 290 -9.94 6.76 2.65
CA SER B 290 -9.06 6.14 1.66
C SER B 290 -9.88 5.07 0.91
N ILE B 291 -9.20 4.02 0.49
CA ILE B 291 -9.75 3.05 -0.45
C ILE B 291 -10.49 1.95 0.30
N VAL B 292 -11.59 1.49 -0.30
CA VAL B 292 -12.29 0.29 0.16
C VAL B 292 -11.92 -0.84 -0.78
N THR B 293 -11.76 -2.05 -0.25
CA THR B 293 -11.30 -3.19 -1.02
C THR B 293 -12.00 -4.46 -0.54
N SER B 294 -12.20 -5.39 -1.47
CA SER B 294 -12.84 -6.66 -1.13
C SER B 294 -12.01 -7.44 -0.12
N GLU B 295 -10.68 -7.38 -0.24
CA GLU B 295 -9.80 -8.18 0.60
C GLU B 295 -9.88 -7.79 2.07
N SER B 296 -10.31 -6.58 2.38
CA SER B 296 -10.42 -6.13 3.77
C SER B 296 -11.80 -6.36 4.38
N GLN B 297 -12.72 -6.97 3.63
CA GLN B 297 -14.08 -7.14 4.12
C GLN B 297 -14.13 -8.02 5.36
N LEU B 298 -14.92 -7.59 6.34
CA LEU B 298 -15.18 -8.40 7.53
C LEU B 298 -16.41 -9.26 7.41
N PHE B 299 -17.25 -9.02 6.41
CA PHE B 299 -18.57 -9.62 6.34
C PHE B 299 -18.63 -10.63 5.20
N ASN B 300 -19.81 -11.22 5.01
CA ASN B 300 -20.01 -12.26 4.00
C ASN B 300 -19.05 -13.42 4.23
N LYS B 301 -18.81 -13.75 5.49
CA LYS B 301 -18.00 -14.91 5.85
C LYS B 301 -18.46 -15.44 7.19
N PRO B 302 -18.29 -16.73 7.46
CA PRO B 302 -18.80 -17.30 8.71
C PRO B 302 -17.89 -17.03 9.90
N TYR B 303 -18.52 -16.72 11.03
CA TYR B 303 -17.84 -16.65 12.32
C TYR B 303 -18.28 -17.86 13.14
N TRP B 304 -17.32 -18.62 13.65
CA TRP B 304 -17.59 -19.78 14.49
C TRP B 304 -17.33 -19.41 15.94
N LEU B 305 -18.40 -19.32 16.73
CA LEU B 305 -18.30 -18.89 18.13
C LEU B 305 -18.07 -20.13 18.99
N GLN B 306 -16.83 -20.60 18.98
CA GLN B 306 -16.46 -21.83 19.68
C GLN B 306 -16.06 -21.58 21.13
N ARG B 307 -15.23 -20.57 21.39
CA ARG B 307 -14.75 -20.28 22.73
C ARG B 307 -14.66 -18.77 22.88
N ALA B 308 -15.63 -18.19 23.58
CA ALA B 308 -15.58 -16.77 23.89
C ALA B 308 -14.47 -16.49 24.91
N GLN B 309 -13.94 -15.26 24.84
CA GLN B 309 -12.92 -14.86 25.81
C GLN B 309 -13.52 -14.62 27.18
N GLY B 310 -14.78 -14.17 27.24
CA GLY B 310 -15.48 -14.01 28.50
C GLY B 310 -16.07 -15.32 28.98
N HIS B 311 -16.79 -15.23 30.10
CA HIS B 311 -17.34 -16.42 30.73
C HIS B 311 -18.63 -16.91 30.07
N ASN B 312 -19.34 -16.05 29.34
CA ASN B 312 -20.55 -16.47 28.62
C ASN B 312 -20.13 -16.94 27.24
N ASN B 313 -20.13 -18.26 27.04
CA ASN B 313 -19.68 -18.85 25.78
C ASN B 313 -20.85 -18.97 24.80
N GLY B 314 -21.42 -17.83 24.46
CA GLY B 314 -22.45 -17.76 23.45
C GLY B 314 -23.85 -18.11 23.90
N ILE B 315 -24.12 -18.08 25.20
CA ILE B 315 -25.43 -18.44 25.72
C ILE B 315 -26.37 -17.24 25.59
N CYS B 316 -27.48 -17.44 24.89
CA CYS B 316 -28.42 -16.35 24.59
C CYS B 316 -29.52 -16.32 25.64
N TRP B 317 -29.17 -15.79 26.81
CA TRP B 317 -30.14 -15.66 27.89
C TRP B 317 -31.30 -14.78 27.44
N GLY B 318 -32.50 -15.10 27.93
CA GLY B 318 -33.69 -14.39 27.53
C GLY B 318 -34.14 -14.67 26.11
N ASN B 319 -33.54 -15.68 25.45
CA ASN B 319 -33.95 -16.08 24.11
C ASN B 319 -33.81 -14.92 23.12
N GLN B 320 -32.73 -14.16 23.24
CA GLN B 320 -32.50 -13.04 22.36
C GLN B 320 -31.00 -12.87 22.16
N LEU B 321 -30.65 -12.06 21.16
CA LEU B 321 -29.27 -11.89 20.73
C LEU B 321 -29.16 -10.56 20.03
N PHE B 322 -28.07 -9.84 20.30
CA PHE B 322 -27.82 -8.52 19.69
C PHE B 322 -26.63 -8.61 18.75
N VAL B 323 -26.86 -8.26 17.48
CA VAL B 323 -25.80 -8.18 16.48
C VAL B 323 -25.67 -6.72 16.07
N THR B 324 -24.50 -6.14 16.37
CA THR B 324 -24.23 -4.74 16.08
C THR B 324 -23.25 -4.67 14.91
N VAL B 325 -23.55 -3.82 13.93
CA VAL B 325 -22.73 -3.70 12.73
C VAL B 325 -22.54 -2.24 12.39
N VAL B 326 -21.31 -1.89 12.00
CA VAL B 326 -21.02 -0.68 11.25
C VAL B 326 -20.26 -1.12 10.00
N ASP B 327 -20.68 -0.62 8.84
CA ASP B 327 -20.00 -0.93 7.59
C ASP B 327 -20.09 0.30 6.70
N THR B 328 -19.02 1.08 6.63
CA THR B 328 -18.96 2.23 5.76
C THR B 328 -18.41 1.92 4.37
N THR B 329 -18.07 0.65 4.10
CA THR B 329 -17.48 0.27 2.82
C THR B 329 -18.52 0.11 1.72
N ARG B 330 -19.80 0.33 2.02
CA ARG B 330 -20.86 0.35 1.01
C ARG B 330 -21.68 1.63 1.13
N SER B 331 -21.03 2.73 1.49
CA SER B 331 -21.71 3.97 1.85
C SER B 331 -22.07 4.84 0.64
N THR B 332 -22.07 4.26 -0.57
CA THR B 332 -22.47 5.01 -1.75
C THR B 332 -23.83 5.67 -1.52
N ASN B 333 -23.98 6.89 -2.03
CA ASN B 333 -25.24 7.61 -2.02
C ASN B 333 -25.67 7.84 -3.45
N MET B 334 -26.88 7.41 -3.79
CA MET B 334 -27.34 7.47 -5.16
C MET B 334 -27.93 8.84 -5.48
N THR B 335 -27.54 9.38 -6.64
CA THR B 335 -28.14 10.61 -7.15
C THR B 335 -29.43 10.28 -7.89
N LEU B 336 -30.51 10.96 -7.54
CA LEU B 336 -31.77 10.86 -8.24
C LEU B 336 -32.17 12.24 -8.75
N CYS B 337 -32.78 12.28 -9.92
CA CYS B 337 -33.14 13.55 -10.55
C CYS B 337 -34.46 13.41 -11.28
N THR B 338 -35.39 14.34 -11.02
CA THR B 338 -36.68 14.38 -11.66
C THR B 338 -36.75 15.54 -12.65
N GLU B 339 -37.50 15.34 -13.72
CA GLU B 339 -37.72 16.38 -14.73
C GLU B 339 -39.07 17.03 -14.46
N VAL B 340 -39.03 18.26 -13.93
CA VAL B 340 -40.26 18.98 -13.65
C VAL B 340 -40.89 19.47 -14.95
N THR B 341 -40.09 19.96 -15.88
CA THR B 341 -40.57 20.46 -17.16
C THR B 341 -39.69 19.91 -18.27
N LYS B 342 -40.31 19.27 -19.24
CA LYS B 342 -39.60 18.70 -20.38
C LYS B 342 -39.46 19.77 -21.47
N GLU B 343 -38.22 20.11 -21.81
CA GLU B 343 -37.94 21.10 -22.83
C GLU B 343 -36.74 20.65 -23.66
N GLY B 344 -36.67 21.18 -24.89
CA GLY B 344 -35.68 20.73 -25.85
C GLY B 344 -34.25 21.10 -25.50
N THR B 345 -34.06 22.13 -24.69
CA THR B 345 -32.73 22.52 -24.23
C THR B 345 -32.67 22.48 -22.72
N TYR B 346 -31.44 22.38 -22.21
CA TYR B 346 -31.22 22.14 -20.79
C TYR B 346 -31.41 23.42 -19.99
N LYS B 347 -32.18 23.33 -18.91
CA LYS B 347 -32.35 24.44 -17.99
C LYS B 347 -32.36 23.89 -16.57
N ASN B 348 -31.56 24.49 -15.69
CA ASN B 348 -31.42 23.97 -14.33
C ASN B 348 -32.77 23.93 -13.61
N ASP B 349 -33.61 24.96 -13.81
CA ASP B 349 -34.87 25.04 -13.09
C ASP B 349 -35.89 23.99 -13.53
N ASN B 350 -35.58 23.19 -14.55
CA ASN B 350 -36.48 22.12 -14.97
C ASN B 350 -36.22 20.81 -14.25
N PHE B 351 -35.29 20.77 -13.32
CA PHE B 351 -34.88 19.52 -12.68
C PHE B 351 -34.79 19.70 -11.17
N LYS B 352 -35.07 18.62 -10.45
CA LYS B 352 -34.92 18.57 -9.00
C LYS B 352 -33.97 17.42 -8.64
N GLU B 353 -33.03 17.69 -7.74
CA GLU B 353 -31.99 16.74 -7.38
C GLU B 353 -32.24 16.18 -5.99
N TYR B 354 -32.09 14.85 -5.86
CA TYR B 354 -32.29 14.16 -4.59
C TYR B 354 -31.11 13.24 -4.32
N VAL B 355 -31.01 12.78 -3.08
CA VAL B 355 -29.98 11.84 -2.66
C VAL B 355 -30.65 10.76 -1.82
N ARG B 356 -30.33 9.50 -2.12
CA ARG B 356 -30.85 8.36 -1.37
C ARG B 356 -29.73 7.38 -1.10
N HIS B 357 -29.84 6.69 0.02
CA HIS B 357 -28.89 5.66 0.41
C HIS B 357 -29.66 4.40 0.80
N VAL B 358 -29.05 3.24 0.54
CA VAL B 358 -29.68 1.96 0.83
C VAL B 358 -28.69 1.07 1.57
N GLU B 359 -29.22 0.15 2.36
CA GLU B 359 -28.44 -0.85 3.06
C GLU B 359 -29.13 -2.19 2.92
N GLU B 360 -28.37 -3.25 2.61
CA GLU B 360 -28.91 -4.58 2.40
C GLU B 360 -28.17 -5.55 3.31
N TYR B 361 -28.92 -6.23 4.18
CA TYR B 361 -28.38 -7.20 5.12
C TYR B 361 -29.06 -8.55 4.93
N ASP B 362 -28.36 -9.60 5.37
CA ASP B 362 -28.92 -10.95 5.41
C ASP B 362 -28.22 -11.68 6.55
N LEU B 363 -28.90 -11.78 7.70
CA LEU B 363 -28.32 -12.38 8.90
C LEU B 363 -28.62 -13.87 8.94
N GLN B 364 -27.59 -14.67 9.16
CA GLN B 364 -27.67 -16.13 9.13
C GLN B 364 -27.06 -16.67 10.41
N PHE B 365 -27.75 -17.62 11.05
CA PHE B 365 -27.33 -18.12 12.35
C PHE B 365 -27.41 -19.64 12.41
N VAL B 366 -26.55 -20.23 13.23
CA VAL B 366 -26.63 -21.62 13.63
C VAL B 366 -26.67 -21.65 15.15
N PHE B 367 -27.72 -22.27 15.71
CA PHE B 367 -27.90 -22.34 17.15
C PHE B 367 -27.83 -23.78 17.63
N GLN B 368 -27.37 -23.94 18.86
CA GLN B 368 -27.24 -25.24 19.51
C GLN B 368 -28.10 -25.25 20.76
N LEU B 369 -28.96 -26.26 20.89
CA LEU B 369 -29.83 -26.35 22.05
C LEU B 369 -29.03 -26.80 23.26
N CYS B 370 -29.27 -26.13 24.39
CA CYS B 370 -28.58 -26.43 25.64
C CYS B 370 -29.61 -26.63 26.74
N LYS B 371 -29.20 -27.37 27.78
CA LYS B 371 -30.04 -27.64 28.93
C LYS B 371 -29.28 -27.30 30.20
N ILE B 372 -30.03 -26.88 31.22
CA ILE B 372 -29.46 -26.48 32.51
C ILE B 372 -30.23 -27.22 33.59
N THR B 373 -29.51 -28.00 34.40
CA THR B 373 -30.12 -28.65 35.56
C THR B 373 -30.14 -27.67 36.72
N LEU B 374 -31.34 -27.29 37.17
CA LEU B 374 -31.50 -26.22 38.14
C LEU B 374 -31.41 -26.78 39.54
N THR B 375 -30.17 -26.97 40.00
CA THR B 375 -29.91 -27.33 41.38
C THR B 375 -29.94 -26.08 42.26
N ALA B 376 -29.94 -26.30 43.58
CA ALA B 376 -29.93 -25.18 44.51
C ALA B 376 -28.72 -24.29 44.29
N GLU B 377 -27.59 -24.87 43.89
CA GLU B 377 -26.38 -24.09 43.67
C GLU B 377 -26.46 -23.31 42.36
N ILE B 378 -26.97 -23.92 41.30
CA ILE B 378 -27.09 -23.24 40.02
C ILE B 378 -28.19 -22.18 40.07
N MET B 379 -29.30 -22.50 40.74
CA MET B 379 -30.36 -21.51 40.89
C MET B 379 -29.86 -20.26 41.61
N THR B 380 -29.07 -20.45 42.67
CA THR B 380 -28.49 -19.30 43.37
C THR B 380 -27.57 -18.52 42.45
N TYR B 381 -26.69 -19.22 41.73
CA TYR B 381 -25.79 -18.53 40.81
C TYR B 381 -26.56 -17.71 39.79
N ILE B 382 -27.54 -18.33 39.13
CA ILE B 382 -28.27 -17.63 38.07
C ILE B 382 -29.07 -16.46 38.65
N HIS B 383 -29.71 -16.67 39.80
CA HIS B 383 -30.52 -15.59 40.37
C HIS B 383 -29.68 -14.36 40.64
N THR B 384 -28.46 -14.53 41.12
CA THR B 384 -27.56 -13.40 41.31
C THR B 384 -27.12 -12.79 39.99
N MET B 385 -26.97 -13.63 38.95
CA MET B 385 -26.56 -13.13 37.65
C MET B 385 -27.66 -12.28 37.02
N ASP B 386 -28.90 -12.77 37.02
CA ASP B 386 -30.01 -12.05 36.40
C ASP B 386 -31.30 -12.71 36.90
N SER B 387 -31.97 -12.05 37.84
CA SER B 387 -33.17 -12.62 38.45
C SER B 387 -34.28 -12.87 37.44
N ASN B 388 -34.24 -12.22 36.28
CA ASN B 388 -35.30 -12.41 35.29
C ASN B 388 -35.25 -13.80 34.66
N ILE B 389 -34.06 -14.43 34.62
CA ILE B 389 -33.91 -15.69 33.91
C ILE B 389 -34.80 -16.75 34.54
N LEU B 390 -34.67 -16.97 35.86
CA LEU B 390 -35.49 -17.97 36.52
C LEU B 390 -36.96 -17.60 36.49
N GLU B 391 -37.28 -16.31 36.67
CA GLU B 391 -38.67 -15.88 36.65
C GLU B 391 -39.32 -16.19 35.31
N ASP B 392 -38.63 -15.89 34.21
CA ASP B 392 -39.16 -16.19 32.89
C ASP B 392 -39.24 -17.69 32.62
N TRP B 393 -38.48 -18.49 33.35
CA TRP B 393 -38.54 -19.95 33.21
C TRP B 393 -39.67 -20.59 34.01
N GLN B 394 -40.35 -19.84 34.87
CA GLN B 394 -41.39 -20.39 35.73
C GLN B 394 -40.79 -21.42 36.69
N PHE B 395 -39.69 -21.04 37.34
CA PHE B 395 -38.96 -21.94 38.22
C PHE B 395 -38.70 -21.30 39.57
N GLU B 429 -42.44 -3.32 30.47
CA GLU B 429 -41.84 -4.01 31.61
C GLU B 429 -40.41 -4.45 31.28
N ASP B 430 -40.15 -4.70 29.99
CA ASP B 430 -38.79 -4.99 29.55
C ASP B 430 -37.98 -3.72 29.56
N PRO B 431 -36.89 -3.62 30.34
CA PRO B 431 -36.17 -2.34 30.44
C PRO B 431 -35.49 -1.92 29.15
N LEU B 432 -35.35 -2.81 28.17
CA LEU B 432 -34.73 -2.48 26.90
C LEU B 432 -35.72 -1.92 25.89
N ASN B 433 -37.01 -1.92 26.19
CA ASN B 433 -38.01 -1.45 25.24
C ASN B 433 -38.03 0.07 25.11
N LYS B 434 -37.33 0.79 25.97
CA LYS B 434 -37.16 2.23 25.80
C LYS B 434 -36.11 2.57 24.74
N TYR B 435 -35.33 1.59 24.30
CA TYR B 435 -34.29 1.82 23.31
C TYR B 435 -34.76 1.38 21.93
N THR B 436 -34.07 1.88 20.91
CA THR B 436 -34.41 1.63 19.52
C THR B 436 -33.43 0.63 18.93
N PHE B 437 -33.93 -0.53 18.52
CA PHE B 437 -33.16 -1.53 17.82
C PHE B 437 -33.87 -1.89 16.53
N TRP B 438 -33.22 -2.69 15.70
CA TRP B 438 -33.84 -3.27 14.51
C TRP B 438 -34.19 -4.72 14.86
N GLU B 439 -35.43 -4.95 15.29
CA GLU B 439 -35.81 -6.31 15.70
C GLU B 439 -35.84 -7.23 14.50
N VAL B 440 -35.27 -8.41 14.68
CA VAL B 440 -35.29 -9.47 13.69
C VAL B 440 -35.96 -10.66 14.35
N ASN B 441 -37.18 -10.97 13.93
CA ASN B 441 -38.01 -11.99 14.57
C ASN B 441 -37.74 -13.34 13.91
N LEU B 442 -37.03 -14.21 14.61
CA LEU B 442 -36.75 -15.56 14.13
C LEU B 442 -37.59 -16.62 14.85
N LYS B 443 -38.66 -16.20 15.55
CA LYS B 443 -39.49 -17.16 16.27
C LYS B 443 -40.02 -18.26 15.36
N GLU B 444 -40.40 -17.89 14.14
CA GLU B 444 -40.99 -18.83 13.19
C GLU B 444 -39.99 -19.25 12.11
N LYS B 445 -38.70 -19.02 12.32
CA LYS B 445 -37.69 -19.20 11.28
C LYS B 445 -36.72 -20.34 11.55
N PHE B 446 -36.85 -21.03 12.68
CA PHE B 446 -35.90 -22.08 13.02
C PHE B 446 -36.17 -23.34 12.20
N SER B 447 -35.10 -23.98 11.75
CA SER B 447 -35.19 -25.21 10.97
C SER B 447 -34.07 -26.15 11.40
N ALA B 448 -34.40 -27.44 11.50
CA ALA B 448 -33.41 -28.45 11.84
C ALA B 448 -32.65 -28.99 10.64
N ASP B 449 -33.04 -28.61 9.42
CA ASP B 449 -32.41 -29.11 8.20
C ASP B 449 -31.28 -28.16 7.81
N LEU B 450 -30.16 -28.27 8.53
CA LEU B 450 -29.06 -27.34 8.35
C LEU B 450 -28.54 -27.34 6.91
N ASP B 451 -28.33 -28.53 6.34
CA ASP B 451 -27.70 -28.61 5.03
C ASP B 451 -28.54 -28.00 3.92
N GLN B 452 -29.75 -27.52 4.20
CA GLN B 452 -30.58 -26.86 3.21
C GLN B 452 -30.29 -25.37 3.08
N PHE B 453 -29.32 -24.85 3.83
CA PHE B 453 -29.03 -23.43 3.86
C PHE B 453 -27.52 -23.22 3.78
N PRO B 454 -27.07 -22.09 3.24
CA PRO B 454 -25.62 -21.90 3.05
C PRO B 454 -24.81 -22.04 4.33
N LEU B 455 -25.17 -21.29 5.37
CA LEU B 455 -24.39 -21.35 6.60
C LEU B 455 -24.50 -22.72 7.28
N GLY B 456 -25.65 -23.37 7.15
CA GLY B 456 -25.78 -24.72 7.68
C GLY B 456 -24.79 -25.68 7.07
N ARG B 457 -24.59 -25.59 5.75
CA ARG B 457 -23.64 -26.48 5.08
C ARG B 457 -22.21 -26.16 5.52
N LYS B 458 -21.88 -24.88 5.66
CA LYS B 458 -20.55 -24.51 6.14
C LYS B 458 -20.31 -25.05 7.55
N PHE B 459 -21.33 -24.99 8.41
CA PHE B 459 -21.19 -25.47 9.78
C PHE B 459 -20.94 -26.97 9.81
N LEU B 460 -21.67 -27.73 8.99
CA LEU B 460 -21.52 -29.18 9.00
C LEU B 460 -20.11 -29.60 8.60
N LEU B 461 -19.54 -28.93 7.59
CA LEU B 461 -18.16 -29.24 7.20
C LEU B 461 -17.18 -28.78 8.26
N GLN B 462 -17.37 -27.58 8.79
CA GLN B 462 -16.48 -27.07 9.83
C GLN B 462 -16.40 -28.04 11.01
N SER B 463 -17.55 -28.53 11.46
CA SER B 463 -17.62 -29.38 12.64
C SER B 463 -17.46 -30.86 12.33
N GLY B 464 -17.43 -31.25 11.06
CA GLY B 464 -17.34 -32.64 10.69
C GLY B 464 -18.63 -33.42 10.83
N LEU B 465 -19.73 -32.76 11.17
CA LEU B 465 -21.02 -33.43 11.32
C LEU B 465 -21.62 -33.78 9.96
N LYS C 12 40.25 -22.55 -10.03
CA LYS C 12 41.31 -22.87 -9.07
C LYS C 12 41.01 -22.30 -7.69
N VAL C 13 40.09 -21.33 -7.61
CA VAL C 13 39.69 -20.78 -6.33
C VAL C 13 38.87 -21.82 -5.58
N VAL C 14 39.17 -22.01 -4.30
CA VAL C 14 38.45 -22.96 -3.46
C VAL C 14 37.82 -22.19 -2.29
N SER C 15 36.82 -22.83 -1.68
CA SER C 15 36.15 -22.24 -0.53
C SER C 15 37.09 -22.23 0.67
N THR C 16 37.05 -21.13 1.44
CA THR C 16 37.88 -21.04 2.64
C THR C 16 37.59 -22.16 3.62
N ASP C 17 36.40 -22.77 3.55
CA ASP C 17 36.08 -23.90 4.42
C ASP C 17 36.99 -25.10 4.16
N GLU C 18 37.73 -25.11 3.07
CA GLU C 18 38.57 -26.26 2.72
C GLU C 18 40.00 -26.15 3.23
N TYR C 19 40.46 -24.95 3.62
CA TYR C 19 41.79 -24.78 4.16
C TYR C 19 41.84 -23.92 5.41
N VAL C 20 40.70 -23.45 5.91
CA VAL C 20 40.62 -22.69 7.15
C VAL C 20 39.86 -23.53 8.15
N SER C 21 40.48 -23.80 9.30
CA SER C 21 39.89 -24.67 10.33
C SER C 21 39.23 -23.80 11.39
N ARG C 22 37.96 -24.09 11.68
CA ARG C 22 37.19 -23.33 12.65
C ARG C 22 37.44 -23.86 14.06
N THR C 23 37.54 -22.95 15.01
CA THR C 23 37.64 -23.28 16.42
C THR C 23 36.34 -22.91 17.13
N SER C 24 36.23 -23.34 18.38
CA SER C 24 35.09 -23.00 19.22
C SER C 24 35.33 -21.74 20.04
N ILE C 25 36.30 -20.92 19.65
CA ILE C 25 36.64 -19.69 20.36
C ILE C 25 35.94 -18.54 19.65
N TYR C 26 35.02 -17.88 20.36
CA TYR C 26 34.28 -16.75 19.84
C TYR C 26 34.55 -15.50 20.68
N TYR C 27 34.57 -14.35 20.01
CA TYR C 27 34.80 -13.07 20.66
C TYR C 27 33.79 -12.05 20.18
N TYR C 28 33.40 -11.14 21.07
CA TYR C 28 32.54 -10.03 20.74
C TYR C 28 33.35 -8.74 20.67
N ALA C 29 32.91 -7.83 19.80
CA ALA C 29 33.52 -6.52 19.69
C ALA C 29 32.47 -5.52 19.26
N GLY C 30 32.48 -4.35 19.89
CA GLY C 30 31.53 -3.30 19.55
C GLY C 30 32.23 -1.96 19.47
N SER C 31 31.73 -1.12 18.56
CA SER C 31 32.33 0.19 18.33
C SER C 31 31.90 1.24 19.34
N SER C 32 30.82 0.99 20.09
CA SER C 32 30.18 2.02 20.90
C SER C 32 29.66 3.14 20.00
N ARG C 33 29.05 4.16 20.59
CA ARG C 33 28.36 5.18 19.81
C ARG C 33 29.32 5.89 18.87
N LEU C 34 28.96 5.92 17.59
CA LEU C 34 29.66 6.70 16.58
C LEU C 34 28.74 7.82 16.11
N LEU C 35 29.22 9.06 16.18
CA LEU C 35 28.43 10.23 15.84
C LEU C 35 29.14 11.06 14.78
N ALA C 36 28.35 11.60 13.85
CA ALA C 36 28.81 12.59 12.89
C ALA C 36 27.80 13.73 12.85
N VAL C 37 28.30 14.96 12.84
CA VAL C 37 27.46 16.16 12.89
C VAL C 37 28.02 17.17 11.90
N GLY C 38 27.17 17.67 11.01
CA GLY C 38 27.62 18.66 10.06
C GLY C 38 26.48 19.21 9.23
N ASN C 39 26.87 19.89 8.15
CA ASN C 39 25.94 20.49 7.20
C ASN C 39 25.59 19.48 6.12
N PRO C 40 24.30 19.27 5.82
CA PRO C 40 23.94 18.21 4.86
C PRO C 40 24.24 18.57 3.42
N TYR C 41 24.48 19.83 3.10
CA TYR C 41 24.60 20.27 1.73
C TYR C 41 26.03 20.54 1.29
N PHE C 42 26.92 20.89 2.22
CA PHE C 42 28.30 21.21 1.87
C PHE C 42 29.12 21.35 3.14
N SER C 43 30.42 21.16 2.99
CA SER C 43 31.35 21.37 4.09
C SER C 43 31.76 22.83 4.16
N ILE C 44 32.26 23.23 5.33
CA ILE C 44 32.75 24.59 5.55
C ILE C 44 34.22 24.47 5.95
N LYS C 45 35.10 25.01 5.10
CA LYS C 45 36.53 24.95 5.33
C LYS C 45 36.97 26.11 6.21
N SER C 46 38.20 26.01 6.71
CA SER C 46 38.79 27.12 7.44
C SER C 46 39.20 28.22 6.45
N PRO C 47 38.89 29.49 6.75
CA PRO C 47 39.26 30.55 5.81
C PRO C 47 40.75 30.63 5.57
N ASN C 48 41.57 30.29 6.56
CA ASN C 48 43.01 30.35 6.40
C ASN C 48 43.55 29.14 5.65
N ASN C 49 42.93 27.98 5.81
CA ASN C 49 43.40 26.73 5.22
C ASN C 49 42.23 26.03 4.56
N ASN C 50 42.20 26.05 3.23
CA ASN C 50 41.10 25.45 2.48
C ASN C 50 41.10 23.92 2.54
N LYS C 51 42.17 23.31 3.03
CA LYS C 51 42.21 21.87 3.25
C LYS C 51 41.86 21.50 4.69
N LYS C 52 41.57 22.47 5.53
CA LYS C 52 41.13 22.26 6.91
C LYS C 52 39.62 22.38 6.97
N VAL C 53 38.97 21.37 7.55
CA VAL C 53 37.52 21.33 7.67
C VAL C 53 37.13 21.80 9.06
N LEU C 54 36.17 22.73 9.12
CA LEU C 54 35.57 23.17 10.37
C LEU C 54 34.19 22.61 10.59
N VAL C 55 33.39 22.49 9.55
CA VAL C 55 32.09 21.83 9.60
C VAL C 55 32.03 20.81 8.47
N PRO C 56 32.03 19.51 8.76
CA PRO C 56 32.01 18.52 7.68
C PRO C 56 30.64 18.45 7.02
N LYS C 57 30.64 17.90 5.80
CA LYS C 57 29.40 17.57 5.11
C LYS C 57 28.92 16.22 5.62
N VAL C 58 27.78 16.21 6.31
CA VAL C 58 27.19 14.99 6.86
C VAL C 58 25.76 14.91 6.35
N SER C 59 25.45 13.88 5.58
CA SER C 59 24.16 13.76 4.92
C SER C 59 23.68 12.32 4.93
N GLY C 60 22.36 12.15 5.02
CA GLY C 60 21.76 10.84 4.90
C GLY C 60 21.90 10.22 3.53
N LEU C 61 22.32 10.99 2.53
CA LEU C 61 22.57 10.48 1.20
C LEU C 61 24.03 10.09 0.97
N GLN C 62 24.81 10.01 2.04
CA GLN C 62 26.22 9.63 1.95
C GLN C 62 26.40 8.14 2.22
N TYR C 63 27.39 7.56 1.55
CA TYR C 63 27.91 6.27 1.95
C TYR C 63 28.69 6.42 3.25
N ARG C 64 28.47 5.53 4.19
CA ARG C 64 29.33 5.38 5.35
C ARG C 64 30.14 4.11 5.15
N VAL C 65 31.45 4.26 4.99
CA VAL C 65 32.36 3.14 4.76
C VAL C 65 33.28 3.05 5.96
N PHE C 66 33.06 2.05 6.81
CA PHE C 66 33.83 1.87 8.02
C PHE C 66 34.98 0.88 7.77
N ARG C 67 36.19 1.28 8.11
CA ARG C 67 37.34 0.40 8.08
C ARG C 67 37.56 -0.11 9.49
N VAL C 68 37.18 -1.37 9.73
CA VAL C 68 37.18 -1.94 11.06
C VAL C 68 38.50 -2.68 11.27
N ARG C 69 39.32 -2.19 12.20
CA ARG C 69 40.61 -2.78 12.49
C ARG C 69 40.47 -3.80 13.61
N LEU C 70 40.94 -5.01 13.36
CA LEU C 70 40.87 -6.08 14.34
C LEU C 70 42.24 -6.32 14.97
N PRO C 71 42.28 -6.80 16.22
CA PRO C 71 43.58 -7.16 16.80
C PRO C 71 44.18 -8.35 16.07
N ASP C 72 45.49 -8.33 15.92
CA ASP C 72 46.18 -9.44 15.28
C ASP C 72 46.05 -10.69 16.15
N PRO C 73 45.33 -11.73 15.71
CA PRO C 73 45.19 -12.91 16.58
C PRO C 73 46.50 -13.62 16.85
N ASN C 74 47.45 -13.54 15.92
CA ASN C 74 48.76 -14.17 16.12
C ASN C 74 49.60 -13.45 17.17
N LYS C 75 49.16 -12.28 17.64
CA LYS C 75 49.83 -11.57 18.72
C LYS C 75 48.84 -11.22 19.83
N PHE C 76 47.68 -11.87 19.85
CA PHE C 76 46.65 -11.59 20.84
C PHE C 76 46.89 -12.40 22.10
N GLY C 77 46.68 -11.75 23.25
CA GLY C 77 46.94 -12.39 24.52
C GLY C 77 45.85 -13.34 24.96
N PHE C 78 45.80 -14.53 24.35
CA PHE C 78 44.85 -15.54 24.76
C PHE C 78 45.26 -16.14 26.10
N PRO C 79 44.30 -16.50 26.95
CA PRO C 79 44.67 -17.10 28.24
C PRO C 79 45.32 -18.47 28.09
N ASP C 80 44.97 -19.23 27.06
CA ASP C 80 45.55 -20.54 26.81
C ASP C 80 45.83 -20.66 25.32
N THR C 81 47.10 -20.79 24.96
CA THR C 81 47.52 -20.86 23.57
C THR C 81 47.81 -22.28 23.12
N SER C 82 47.32 -23.28 23.84
CA SER C 82 47.54 -24.68 23.51
C SER C 82 46.61 -25.18 22.40
N PHE C 83 45.87 -24.29 21.75
CA PHE C 83 44.93 -24.68 20.71
C PHE C 83 45.54 -24.66 19.31
N TYR C 84 46.78 -24.18 19.17
CA TYR C 84 47.42 -24.13 17.87
C TYR C 84 48.93 -24.10 18.07
N ASN C 85 49.66 -24.28 16.97
CA ASN C 85 51.12 -24.33 17.00
C ASN C 85 51.68 -23.25 16.08
N PRO C 86 52.34 -22.22 16.62
CA PRO C 86 52.88 -21.16 15.74
C PRO C 86 53.97 -21.63 14.81
N ASP C 87 54.59 -22.79 15.08
CA ASP C 87 55.61 -23.30 14.18
C ASP C 87 55.04 -23.67 12.82
N THR C 88 53.78 -24.11 12.78
CA THR C 88 53.17 -24.58 11.56
C THR C 88 51.84 -23.91 11.22
N GLN C 89 51.32 -23.03 12.08
CA GLN C 89 49.98 -22.50 11.91
C GLN C 89 49.96 -21.00 12.14
N ARG C 90 48.96 -20.35 11.54
CA ARG C 90 48.68 -18.95 11.76
C ARG C 90 47.18 -18.78 11.99
N LEU C 91 46.83 -17.69 12.67
CA LEU C 91 45.46 -17.44 13.08
C LEU C 91 44.85 -16.30 12.27
N VAL C 92 43.52 -16.31 12.18
CA VAL C 92 42.78 -15.27 11.48
C VAL C 92 41.37 -15.24 12.06
N TRP C 93 40.77 -14.06 12.07
CA TRP C 93 39.41 -13.88 12.55
C TRP C 93 38.42 -14.12 11.43
N ALA C 94 37.28 -14.73 11.77
CA ALA C 94 36.15 -14.86 10.88
C ALA C 94 34.94 -14.16 11.49
N CYS C 95 34.23 -13.40 10.67
CA CYS C 95 33.04 -12.70 11.13
C CYS C 95 31.83 -13.60 10.94
N VAL C 96 31.18 -13.95 12.05
CA VAL C 96 29.98 -14.79 12.01
C VAL C 96 28.72 -14.03 12.39
N GLY C 97 28.84 -12.84 13.00
CA GLY C 97 27.68 -12.08 13.40
C GLY C 97 27.89 -10.59 13.26
N LEU C 98 26.85 -9.88 12.85
CA LEU C 98 26.92 -8.43 12.66
C LEU C 98 25.57 -7.82 12.96
N GLU C 99 25.58 -6.69 13.67
CA GLU C 99 24.39 -5.85 13.81
C GLU C 99 24.81 -4.40 13.67
N ILE C 100 24.12 -3.67 12.79
CA ILE C 100 24.42 -2.28 12.53
C ILE C 100 23.41 -1.45 13.31
N GLY C 101 23.85 -0.93 14.45
CA GLY C 101 22.99 -0.09 15.25
C GLY C 101 22.81 1.28 14.61
N ARG C 102 21.57 1.76 14.62
CA ARG C 102 21.23 3.07 14.07
C ARG C 102 20.39 3.81 15.11
N GLY C 103 20.90 4.95 15.57
CA GLY C 103 20.15 5.83 16.43
C GLY C 103 19.42 6.90 15.65
N GLN C 104 18.82 7.83 16.37
CA GLN C 104 18.03 8.94 15.82
C GLN C 104 16.71 8.44 15.25
N PRO C 105 15.68 9.28 15.23
CA PRO C 105 14.38 8.83 14.71
C PRO C 105 14.37 8.70 13.20
N LEU C 106 13.46 7.86 12.72
CA LEU C 106 13.18 7.82 11.29
C LEU C 106 12.67 9.18 10.82
N GLY C 107 13.07 9.56 9.62
CA GLY C 107 12.65 10.83 9.07
C GLY C 107 13.23 11.04 7.69
N VAL C 108 12.82 12.13 7.05
CA VAL C 108 13.19 12.42 5.67
C VAL C 108 13.65 13.86 5.58
N GLY C 109 14.83 14.07 5.00
CA GLY C 109 15.31 15.41 4.70
C GLY C 109 15.03 15.79 3.25
N VAL C 110 15.21 17.07 2.96
CA VAL C 110 15.05 17.59 1.61
C VAL C 110 16.33 18.29 1.19
N SER C 111 16.53 18.36 -0.12
CA SER C 111 17.65 19.07 -0.73
C SER C 111 17.11 19.93 -1.86
N GLY C 112 17.83 21.00 -2.16
CA GLY C 112 17.38 21.91 -3.19
C GLY C 112 18.51 22.72 -3.77
N HIS C 113 18.14 23.74 -4.55
CA HIS C 113 19.09 24.60 -5.20
C HIS C 113 18.43 25.97 -5.31
N PRO C 114 19.07 27.03 -4.81
CA PRO C 114 18.50 28.38 -5.00
C PRO C 114 18.40 28.81 -6.45
N TYR C 115 19.18 28.19 -7.34
CA TYR C 115 19.15 28.46 -8.77
C TYR C 115 18.99 27.17 -9.57
N LEU C 116 17.96 26.38 -9.26
CA LEU C 116 17.73 25.16 -10.00
C LEU C 116 17.28 25.49 -11.42
N ASN C 117 17.89 24.81 -12.41
CA ASN C 117 17.52 25.01 -13.81
C ASN C 117 16.22 24.28 -14.07
N LYS C 118 15.13 24.89 -13.63
CA LYS C 118 13.78 24.48 -13.97
C LYS C 118 13.12 25.61 -14.73
N PHE C 119 12.43 25.28 -15.82
CA PHE C 119 11.76 26.29 -16.62
C PHE C 119 10.25 26.19 -16.46
N ASP C 120 9.63 25.22 -17.11
CA ASP C 120 8.19 25.05 -17.04
C ASP C 120 7.81 23.77 -16.30
N ASP C 121 6.64 23.80 -15.68
CA ASP C 121 6.01 22.60 -15.15
C ASP C 121 5.23 21.94 -16.29
N THR C 122 5.66 20.75 -16.69
CA THR C 122 5.12 20.11 -17.89
C THR C 122 4.12 19.01 -17.57
N GLU C 123 3.48 19.06 -16.39
CA GLU C 123 2.58 17.98 -16.01
C GLU C 123 1.18 18.16 -16.58
N THR C 124 0.62 19.38 -16.54
CA THR C 124 -0.77 19.59 -16.92
C THR C 124 -0.98 20.78 -17.85
N SER C 125 -0.24 21.86 -17.69
CA SER C 125 -0.51 23.10 -18.43
C SER C 125 0.81 23.76 -18.80
N ASN C 126 1.12 23.81 -20.10
CA ASN C 126 2.36 24.40 -20.58
C ASN C 126 2.11 24.87 -22.03
N ARG C 127 1.32 25.93 -22.16
CA ARG C 127 0.83 26.38 -23.45
C ARG C 127 1.89 27.18 -24.20
N TYR C 128 1.70 27.24 -25.52
CA TYR C 128 2.48 28.15 -26.34
C TYR C 128 1.88 29.54 -26.29
N PRO C 129 2.69 30.59 -26.57
CA PRO C 129 4.12 30.50 -26.85
C PRO C 129 4.96 30.47 -25.57
N ALA C 130 6.22 30.09 -25.71
CA ALA C 130 7.12 30.08 -24.56
C ALA C 130 7.61 31.50 -24.25
N GLN C 131 8.21 31.65 -23.07
CA GLN C 131 8.73 32.95 -22.61
C GLN C 131 10.13 32.76 -22.04
N PRO C 132 11.07 32.23 -22.84
CA PRO C 132 12.40 31.93 -22.31
C PRO C 132 13.29 33.17 -22.31
N GLY C 133 13.88 33.45 -21.16
CA GLY C 133 14.81 34.57 -21.02
C GLY C 133 16.24 34.10 -20.90
N SER C 134 17.07 34.89 -20.21
CA SER C 134 18.48 34.55 -20.04
C SER C 134 18.77 33.83 -18.72
N ASP C 135 17.92 33.98 -17.71
CA ASP C 135 18.11 33.29 -16.44
C ASP C 135 16.74 33.12 -15.80
N ASN C 136 16.17 31.92 -15.95
CA ASN C 136 14.86 31.59 -15.40
C ASN C 136 14.96 30.57 -14.27
N ARG C 137 16.11 30.48 -13.61
CA ARG C 137 16.32 29.50 -12.57
C ARG C 137 15.45 29.83 -11.36
N GLU C 138 15.10 28.79 -10.61
CA GLU C 138 14.15 28.90 -9.51
C GLU C 138 14.69 28.20 -8.27
N CYS C 139 14.20 28.63 -7.11
CA CYS C 139 14.66 28.14 -5.81
C CYS C 139 13.73 27.02 -5.36
N LEU C 140 14.11 25.78 -5.67
CA LEU C 140 13.27 24.62 -5.46
C LEU C 140 14.01 23.55 -4.67
N SER C 141 13.24 22.72 -3.97
CA SER C 141 13.76 21.60 -3.19
C SER C 141 12.93 20.36 -3.50
N MET C 142 13.41 19.22 -2.99
CA MET C 142 12.79 17.93 -3.28
C MET C 142 13.25 16.92 -2.25
N ASP C 143 12.52 15.82 -2.15
CA ASP C 143 12.91 14.70 -1.30
C ASP C 143 13.38 13.56 -2.18
N TYR C 144 14.56 13.03 -1.87
CA TYR C 144 15.31 12.18 -2.78
C TYR C 144 14.79 10.74 -2.75
N LYS C 145 15.23 9.97 -3.74
CA LYS C 145 15.05 8.53 -3.74
C LYS C 145 15.51 7.94 -2.41
N GLN C 146 14.76 6.95 -1.92
CA GLN C 146 15.06 6.30 -0.65
C GLN C 146 15.93 5.08 -0.89
N THR C 147 17.01 4.97 -0.12
CA THR C 147 17.93 3.84 -0.25
C THR C 147 18.33 3.33 1.13
N GLN C 148 18.26 2.02 1.31
CA GLN C 148 18.92 1.32 2.41
C GLN C 148 19.82 0.25 1.80
N LEU C 149 21.03 0.12 2.34
CA LEU C 149 21.88 -0.98 1.93
C LEU C 149 22.97 -1.19 2.97
N CYS C 150 23.47 -2.42 3.00
CA CYS C 150 24.60 -2.77 3.85
CA CYS C 150 24.61 -2.76 3.84
C CYS C 150 25.47 -3.75 3.08
N LEU C 151 26.78 -3.53 3.10
CA LEU C 151 27.76 -4.42 2.49
C LEU C 151 28.83 -4.73 3.51
N ILE C 152 29.29 -5.97 3.54
CA ILE C 152 30.37 -6.38 4.44
C ILE C 152 31.34 -7.27 3.69
N GLY C 153 32.63 -7.04 3.93
CA GLY C 153 33.70 -7.82 3.34
C GLY C 153 35.01 -7.41 3.96
N CYS C 154 36.08 -8.08 3.53
CA CYS C 154 37.42 -7.71 3.95
C CYS C 154 38.12 -6.79 2.96
N LYS C 155 37.42 -6.39 1.89
CA LYS C 155 37.92 -5.46 0.89
C LYS C 155 36.91 -4.32 0.73
N PRO C 156 37.37 -3.09 0.49
CA PRO C 156 36.42 -2.00 0.34
C PRO C 156 35.53 -2.21 -0.87
N PRO C 157 34.32 -1.67 -0.86
CA PRO C 157 33.39 -1.92 -1.95
C PRO C 157 33.73 -1.15 -3.22
N THR C 158 33.24 -1.67 -4.33
CA THR C 158 33.45 -1.07 -5.64
C THR C 158 32.12 -0.46 -6.11
N GLY C 159 32.20 0.79 -6.57
CA GLY C 159 31.03 1.47 -7.09
C GLY C 159 31.14 1.70 -8.58
N GLU C 160 30.01 1.97 -9.23
CA GLU C 160 29.98 2.36 -10.63
C GLU C 160 29.36 3.74 -10.76
N HIS C 161 29.81 4.49 -11.75
CA HIS C 161 29.23 5.80 -12.04
C HIS C 161 29.63 6.21 -13.45
N TRP C 162 28.80 7.05 -14.06
CA TRP C 162 29.05 7.53 -15.40
C TRP C 162 29.82 8.85 -15.34
N GLY C 163 30.91 8.92 -16.12
CA GLY C 163 31.68 10.14 -16.26
C GLY C 163 31.91 10.44 -17.73
N LYS C 164 32.71 11.48 -17.96
CA LYS C 164 33.00 11.90 -19.33
C LYS C 164 34.06 10.97 -19.93
N GLY C 165 33.77 10.46 -21.11
CA GLY C 165 34.65 9.54 -21.80
C GLY C 165 35.61 10.25 -22.74
N VAL C 166 36.21 9.47 -23.63
CA VAL C 166 37.19 9.98 -24.59
C VAL C 166 36.45 10.73 -25.70
N ALA C 167 36.82 11.98 -25.91
CA ALA C 167 36.23 12.78 -26.98
C ALA C 167 36.76 12.29 -28.33
N SER C 168 35.89 11.70 -29.13
CA SER C 168 36.27 11.17 -30.43
C SER C 168 36.20 12.25 -31.50
N THR C 175 26.75 15.50 -33.14
CA THR C 175 26.27 15.99 -31.86
C THR C 175 27.44 16.33 -30.93
N ASP C 176 27.25 17.34 -30.10
CA ASP C 176 28.25 17.74 -29.10
C ASP C 176 27.96 17.17 -27.73
N CYS C 177 27.06 16.20 -27.63
CA CYS C 177 26.78 15.58 -26.34
C CYS C 177 28.06 14.98 -25.77
N PRO C 178 28.33 15.17 -24.48
CA PRO C 178 29.56 14.60 -23.90
C PRO C 178 29.58 13.09 -24.06
N PRO C 179 30.73 12.50 -24.36
CA PRO C 179 30.80 11.03 -24.39
C PRO C 179 30.70 10.45 -22.99
N LEU C 180 29.99 9.33 -22.88
CA LEU C 180 29.76 8.68 -21.61
C LEU C 180 30.64 7.45 -21.46
N GLU C 181 31.20 7.28 -20.27
CA GLU C 181 32.00 6.10 -19.95
C GLU C 181 31.65 5.63 -18.54
N LEU C 182 31.43 4.33 -18.39
CA LEU C 182 31.10 3.75 -17.09
C LEU C 182 32.39 3.48 -16.33
N PHE C 183 32.57 4.16 -15.20
CA PHE C 183 33.78 4.04 -14.40
C PHE C 183 33.52 3.20 -13.16
N ASN C 184 34.52 2.41 -12.78
CA ASN C 184 34.55 1.75 -11.48
C ASN C 184 35.53 2.47 -10.57
N SER C 185 35.20 2.50 -9.28
CA SER C 185 36.07 3.11 -8.28
C SER C 185 35.72 2.53 -6.92
N ILE C 186 36.60 2.76 -5.96
CA ILE C 186 36.34 2.37 -4.58
C ILE C 186 35.41 3.40 -3.95
N ILE C 187 34.32 2.93 -3.35
CA ILE C 187 33.43 3.82 -2.60
C ILE C 187 34.09 4.19 -1.29
N GLU C 188 34.21 5.49 -1.03
CA GLU C 188 34.86 6.00 0.16
C GLU C 188 33.83 6.56 1.11
N ASP C 189 34.22 6.70 2.38
CA ASP C 189 33.34 7.32 3.36
C ASP C 189 33.09 8.77 2.97
N GLY C 190 31.82 9.12 2.82
CA GLY C 190 31.43 10.45 2.41
C GLY C 190 30.99 10.57 0.97
N ASP C 191 31.26 9.56 0.14
CA ASP C 191 30.72 9.56 -1.21
C ASP C 191 29.20 9.64 -1.17
N MET C 192 28.62 10.17 -2.23
CA MET C 192 27.18 10.32 -2.33
C MET C 192 26.56 9.14 -3.06
N VAL C 193 25.43 8.67 -2.55
CA VAL C 193 24.64 7.66 -3.26
C VAL C 193 23.78 8.35 -4.32
N ASP C 194 23.30 7.55 -5.27
CA ASP C 194 22.38 8.09 -6.26
C ASP C 194 21.07 8.48 -5.59
N THR C 195 20.46 9.55 -6.11
CA THR C 195 19.34 10.21 -5.45
C THR C 195 18.07 10.23 -6.30
N GLY C 196 18.08 9.60 -7.46
CA GLY C 196 16.99 9.71 -8.42
C GLY C 196 17.40 10.34 -9.74
N PHE C 197 18.61 10.87 -9.84
CA PHE C 197 19.12 11.43 -11.09
C PHE C 197 20.23 10.58 -11.70
N GLY C 198 20.49 9.40 -11.15
CA GLY C 198 21.46 8.48 -11.69
C GLY C 198 22.78 8.50 -10.95
N CYS C 199 23.63 7.54 -11.29
CA CYS C 199 24.99 7.46 -10.76
C CYS C 199 25.93 8.07 -11.81
N MET C 200 26.24 9.35 -11.65
CA MET C 200 27.05 10.06 -12.63
C MET C 200 27.88 11.11 -11.92
N ASP C 201 28.90 11.60 -12.63
CA ASP C 201 29.74 12.71 -12.16
C ASP C 201 29.07 14.00 -12.61
N PHE C 202 28.20 14.55 -11.75
CA PHE C 202 27.48 15.76 -12.09
C PHE C 202 28.42 16.95 -12.28
N GLY C 203 29.56 16.95 -11.59
CA GLY C 203 30.50 18.05 -11.74
C GLY C 203 31.04 18.16 -13.16
N THR C 204 31.26 17.04 -13.82
CA THR C 204 31.81 17.04 -15.17
C THR C 204 30.75 16.96 -16.26
N LEU C 205 29.62 16.30 -15.99
CA LEU C 205 28.62 16.06 -17.03
C LEU C 205 27.50 17.10 -17.05
N GLN C 206 27.38 17.92 -16.01
CA GLN C 206 26.42 19.04 -15.97
C GLN C 206 27.22 20.30 -15.67
N ALA C 207 27.65 20.99 -16.73
CA ALA C 207 28.58 22.10 -16.58
C ALA C 207 27.93 23.36 -16.01
N ASN C 208 26.61 23.46 -16.02
CA ASN C 208 25.94 24.67 -15.56
C ASN C 208 25.79 24.73 -14.05
N LYS C 209 26.03 23.62 -13.34
CA LYS C 209 26.00 23.56 -11.89
C LYS C 209 24.61 23.83 -11.30
N SER C 210 23.56 23.75 -12.11
CA SER C 210 22.22 24.08 -11.66
C SER C 210 21.17 23.04 -12.04
N ASP C 211 21.55 21.91 -12.63
CA ASP C 211 20.57 20.93 -13.06
C ASP C 211 20.14 19.99 -11.92
N VAL C 212 20.93 19.88 -10.86
CA VAL C 212 20.56 19.08 -9.68
C VAL C 212 20.88 19.87 -8.43
N PRO C 213 20.31 19.47 -7.29
CA PRO C 213 20.55 20.22 -6.05
C PRO C 213 22.02 20.33 -5.69
N ILE C 214 22.30 21.29 -4.79
CA ILE C 214 23.68 21.68 -4.51
C ILE C 214 24.46 20.58 -3.79
N ASP C 215 23.78 19.63 -3.15
CA ASP C 215 24.50 18.58 -2.44
C ASP C 215 25.07 17.52 -3.37
N ILE C 216 24.76 17.56 -4.67
CA ILE C 216 25.33 16.59 -5.61
C ILE C 216 25.81 17.27 -6.88
N CYS C 217 25.49 18.55 -7.07
CA CYS C 217 25.78 19.20 -8.35
C CYS C 217 27.28 19.26 -8.63
N ASN C 218 28.11 19.27 -7.58
CA ASN C 218 29.55 19.22 -7.74
C ASN C 218 30.15 17.94 -7.17
N SER C 219 29.40 16.84 -7.23
CA SER C 219 29.80 15.57 -6.65
C SER C 219 29.60 14.46 -7.66
N THR C 220 30.08 13.28 -7.30
CA THR C 220 29.82 12.05 -8.05
C THR C 220 28.92 11.16 -7.21
N CYS C 221 27.78 10.77 -7.77
CA CYS C 221 26.89 9.80 -7.13
C CYS C 221 27.24 8.40 -7.64
N LYS C 222 27.52 7.50 -6.71
CA LYS C 222 27.96 6.15 -7.05
C LYS C 222 26.90 5.14 -6.65
N TYR C 223 26.77 4.10 -7.47
CA TYR C 223 25.94 2.94 -7.19
C TYR C 223 26.82 1.73 -7.01
N PRO C 224 26.54 0.84 -6.04
CA PRO C 224 27.40 -0.33 -5.88
C PRO C 224 27.40 -1.19 -7.13
N ASP C 225 28.59 -1.56 -7.59
CA ASP C 225 28.73 -2.45 -8.75
C ASP C 225 28.57 -3.87 -8.24
N TYR C 226 27.32 -4.24 -7.95
CA TYR C 226 27.04 -5.56 -7.38
C TYR C 226 27.50 -6.67 -8.31
N LEU C 227 27.30 -6.50 -9.62
CA LEU C 227 27.66 -7.55 -10.56
C LEU C 227 29.16 -7.81 -10.57
N LYS C 228 29.96 -6.74 -10.50
CA LYS C 228 31.41 -6.90 -10.50
C LYS C 228 31.89 -7.53 -9.20
N MET C 229 31.39 -7.04 -8.07
CA MET C 229 31.84 -7.56 -6.78
C MET C 229 31.43 -9.02 -6.59
N ALA C 230 30.26 -9.40 -7.09
CA ALA C 230 29.81 -10.78 -6.93
C ALA C 230 30.56 -11.75 -7.82
N SER C 231 31.16 -11.27 -8.90
CA SER C 231 31.84 -12.13 -9.87
C SER C 231 33.35 -12.15 -9.69
N GLU C 232 33.89 -11.50 -8.66
CA GLU C 232 35.33 -11.54 -8.46
C GLU C 232 35.73 -12.92 -7.93
N PRO C 233 36.89 -13.43 -8.33
CA PRO C 233 37.18 -14.86 -8.05
C PRO C 233 37.13 -15.24 -6.58
N TYR C 234 37.76 -14.47 -5.70
CA TYR C 234 37.88 -14.87 -4.31
C TYR C 234 36.72 -14.43 -3.44
N GLY C 235 35.91 -13.48 -3.90
CA GLY C 235 34.73 -13.05 -3.18
C GLY C 235 35.01 -12.32 -1.89
N ASP C 236 36.05 -11.48 -1.86
CA ASP C 236 36.40 -10.75 -0.66
C ASP C 236 35.54 -9.50 -0.43
N SER C 237 34.78 -9.06 -1.44
CA SER C 237 34.06 -7.79 -1.33
C SER C 237 32.71 -7.94 -0.65
N LEU C 238 31.98 -9.03 -0.91
CA LEU C 238 30.58 -9.18 -0.47
C LEU C 238 30.40 -10.50 0.28
N PHE C 239 30.82 -10.55 1.54
CA PHE C 239 30.40 -11.65 2.40
C PHE C 239 28.88 -11.75 2.44
N PHE C 240 28.21 -10.60 2.42
CA PHE C 240 26.80 -10.48 2.71
C PHE C 240 26.37 -9.07 2.35
N PHE C 241 25.13 -8.92 1.89
CA PHE C 241 24.60 -7.59 1.64
C PHE C 241 23.08 -7.64 1.64
N LEU C 242 22.48 -6.51 1.98
CA LEU C 242 21.06 -6.26 1.83
C LEU C 242 20.88 -4.91 1.18
N ARG C 243 19.78 -4.72 0.46
CA ARG C 243 19.50 -3.47 -0.21
C ARG C 243 17.99 -3.30 -0.35
N ARG C 244 17.54 -2.04 -0.27
CA ARG C 244 16.14 -1.72 -0.47
C ARG C 244 16.06 -0.28 -1.00
N GLU C 245 15.61 -0.13 -2.25
CA GLU C 245 15.50 1.16 -2.89
C GLU C 245 14.05 1.40 -3.31
N GLN C 246 13.63 2.67 -3.32
CA GLN C 246 12.30 2.97 -3.84
C GLN C 246 12.19 4.45 -4.18
N MET C 247 11.41 4.74 -5.22
CA MET C 247 11.09 6.11 -5.60
C MET C 247 9.95 6.09 -6.61
N PHE C 248 9.28 7.23 -6.71
CA PHE C 248 8.35 7.50 -7.79
C PHE C 248 8.61 8.92 -8.29
N VAL C 249 7.93 9.29 -9.38
CA VAL C 249 8.10 10.61 -9.97
C VAL C 249 7.11 11.57 -9.31
N ARG C 250 7.62 12.58 -8.63
CA ARG C 250 6.79 13.55 -7.94
C ARG C 250 6.35 14.69 -8.87
N HIS C 251 7.26 15.23 -9.67
CA HIS C 251 6.92 16.35 -10.55
C HIS C 251 7.61 16.20 -11.89
N PHE C 252 7.11 16.96 -12.86
CA PHE C 252 7.59 16.93 -14.24
C PHE C 252 7.95 18.35 -14.64
N PHE C 253 9.21 18.57 -14.98
CA PHE C 253 9.72 19.87 -15.38
C PHE C 253 10.45 19.73 -16.71
N ASN C 254 10.84 20.86 -17.28
CA ASN C 254 11.76 20.87 -18.41
C ASN C 254 12.86 21.90 -18.14
N ARG C 255 13.91 21.82 -18.93
CA ARG C 255 15.13 22.59 -18.72
C ARG C 255 15.12 23.87 -19.57
N ALA C 256 15.77 24.90 -19.04
CA ALA C 256 16.15 26.04 -19.86
C ALA C 256 17.53 25.78 -20.46
N GLY C 257 17.84 26.52 -21.50
CA GLY C 257 19.04 26.29 -22.27
C GLY C 257 18.71 25.68 -23.63
N LYS C 258 19.69 25.76 -24.53
CA LYS C 258 19.50 25.26 -25.88
C LYS C 258 19.32 23.75 -25.87
N LEU C 259 18.33 23.26 -26.61
CA LEU C 259 18.16 21.83 -26.78
C LEU C 259 19.27 21.29 -27.69
N GLY C 260 20.11 20.41 -27.14
CA GLY C 260 21.28 19.97 -27.87
C GLY C 260 20.97 19.05 -29.04
N GLU C 261 19.87 18.30 -28.95
CA GLU C 261 19.48 17.35 -30.00
C GLU C 261 18.00 17.56 -30.29
N ALA C 262 17.71 18.25 -31.39
CA ALA C 262 16.34 18.62 -31.71
C ALA C 262 15.50 17.39 -32.05
N VAL C 263 14.20 17.51 -31.81
CA VAL C 263 13.28 16.41 -32.15
C VAL C 263 13.25 16.23 -33.66
N PRO C 264 13.50 15.03 -34.18
CA PRO C 264 13.40 14.83 -35.64
C PRO C 264 12.02 15.21 -36.16
N ASP C 265 11.99 15.65 -37.42
CA ASP C 265 10.77 16.21 -38.01
C ASP C 265 9.73 15.16 -38.34
N ASP C 266 10.08 13.88 -38.33
CA ASP C 266 9.08 12.84 -38.57
C ASP C 266 8.28 12.48 -37.32
N LEU C 267 8.59 13.09 -36.17
CA LEU C 267 7.89 12.81 -34.93
C LEU C 267 6.85 13.86 -34.57
N TYR C 268 6.63 14.86 -35.41
CA TYR C 268 5.62 15.87 -35.13
C TYR C 268 5.32 16.67 -36.39
N ILE C 269 4.14 17.29 -36.40
CA ILE C 269 3.76 18.24 -37.44
C ILE C 269 4.05 19.63 -36.92
N LYS C 270 4.70 20.45 -37.75
CA LYS C 270 5.16 21.75 -37.30
C LYS C 270 4.00 22.67 -36.94
N GLY C 271 4.25 23.54 -35.98
CA GLY C 271 3.30 24.57 -35.61
C GLY C 271 3.43 25.81 -36.48
N SER C 272 2.79 26.87 -36.03
CA SER C 272 2.79 28.14 -36.75
C SER C 272 2.28 29.23 -35.83
N GLY C 273 2.57 30.47 -36.18
CA GLY C 273 2.13 31.59 -35.36
C GLY C 273 2.66 31.49 -33.95
N ASN C 274 1.74 31.41 -32.98
CA ASN C 274 2.14 31.30 -31.58
C ASN C 274 2.86 29.99 -31.28
N THR C 275 2.64 28.95 -32.09
CA THR C 275 3.27 27.66 -31.88
C THR C 275 4.45 27.41 -32.82
N ALA C 276 4.93 28.45 -33.52
CA ALA C 276 5.96 28.24 -34.53
C ALA C 276 7.28 27.80 -33.91
N VAL C 277 7.61 28.33 -32.73
CA VAL C 277 8.88 28.02 -32.07
C VAL C 277 8.63 26.89 -31.07
N ILE C 278 9.29 25.76 -31.29
CA ILE C 278 9.05 24.56 -30.50
C ILE C 278 9.60 24.76 -29.08
N GLN C 279 8.88 24.26 -28.09
CA GLN C 279 9.35 24.27 -26.72
C GLN C 279 10.37 23.16 -26.49
N SER C 280 11.16 23.31 -25.44
CA SER C 280 12.22 22.35 -25.16
C SER C 280 11.64 21.04 -24.63
N SER C 281 12.06 19.93 -25.23
CA SER C 281 11.71 18.59 -24.76
C SER C 281 12.80 18.00 -23.87
N ALA C 282 13.64 18.85 -23.27
CA ALA C 282 14.63 18.40 -22.29
C ALA C 282 13.91 18.28 -20.95
N PHE C 283 13.13 17.21 -20.81
CA PHE C 283 12.36 16.97 -19.61
C PHE C 283 13.26 16.42 -18.51
N PHE C 284 12.81 16.60 -17.26
CA PHE C 284 13.43 15.90 -16.16
C PHE C 284 12.41 15.78 -15.03
N PRO C 285 12.35 14.64 -14.36
CA PRO C 285 11.46 14.50 -13.20
C PRO C 285 12.19 14.83 -11.91
N THR C 286 11.40 15.18 -10.90
CA THR C 286 11.94 15.18 -9.56
C THR C 286 11.54 13.89 -8.86
N PRO C 287 12.45 13.24 -8.14
CA PRO C 287 12.09 11.99 -7.46
C PRO C 287 11.40 12.25 -6.13
N SER C 288 10.88 11.16 -5.56
CA SER C 288 10.42 11.14 -4.17
C SER C 288 10.62 9.73 -3.64
N GLY C 289 11.19 9.62 -2.45
CA GLY C 289 11.38 8.34 -1.81
C GLY C 289 10.18 7.79 -1.10
N SER C 290 9.10 8.56 -1.05
CA SER C 290 7.83 8.12 -0.44
C SER C 290 8.05 7.88 1.05
N ILE C 291 7.27 6.99 1.64
CA ILE C 291 7.17 6.86 3.09
C ILE C 291 8.32 6.00 3.60
N VAL C 292 8.84 6.36 4.78
CA VAL C 292 9.75 5.52 5.54
C VAL C 292 8.96 4.85 6.66
N THR C 293 9.27 3.59 6.95
CA THR C 293 8.52 2.80 7.92
C THR C 293 9.46 1.92 8.72
N SER C 294 9.07 1.66 9.98
CA SER C 294 9.85 0.75 10.82
C SER C 294 9.93 -0.64 10.22
N GLU C 295 8.81 -1.13 9.66
CA GLU C 295 8.76 -2.51 9.19
C GLU C 295 9.69 -2.78 8.02
N SER C 296 10.16 -1.73 7.33
CA SER C 296 11.04 -1.89 6.19
C SER C 296 12.52 -1.74 6.55
N GLN C 297 12.83 -1.51 7.83
CA GLN C 297 14.20 -1.27 8.24
C GLN C 297 15.07 -2.50 7.99
N LEU C 298 16.28 -2.25 7.46
CA LEU C 298 17.30 -3.29 7.35
C LEU C 298 18.20 -3.37 8.57
N PHE C 299 18.17 -2.36 9.44
CA PHE C 299 19.17 -2.22 10.49
C PHE C 299 18.58 -2.57 11.85
N ASN C 300 19.43 -2.46 12.88
CA ASN C 300 19.04 -2.78 14.25
C ASN C 300 18.52 -4.21 14.36
N LYS C 301 19.12 -5.12 13.59
CA LYS C 301 18.82 -6.54 13.72
C LYS C 301 20.05 -7.34 13.31
N PRO C 302 20.24 -8.53 13.87
CA PRO C 302 21.48 -9.27 13.63
C PRO C 302 21.50 -9.92 12.26
N TYR C 303 22.68 -9.93 11.65
CA TYR C 303 22.97 -10.71 10.45
C TYR C 303 23.90 -11.83 10.83
N TRP C 304 23.48 -13.07 10.58
CA TRP C 304 24.31 -14.25 10.86
C TRP C 304 24.99 -14.68 9.57
N LEU C 305 26.30 -14.49 9.51
CA LEU C 305 27.08 -14.81 8.31
C LEU C 305 27.50 -16.27 8.42
N GLN C 306 26.62 -17.16 7.96
CA GLN C 306 26.85 -18.60 8.06
C GLN C 306 27.44 -19.18 6.79
N ARG C 307 26.88 -18.84 5.62
CA ARG C 307 27.31 -19.42 4.35
C ARG C 307 27.32 -18.31 3.30
N ALA C 308 28.49 -17.76 3.03
CA ALA C 308 28.62 -16.74 1.99
C ALA C 308 28.44 -17.36 0.61
N GLN C 309 27.94 -16.55 -0.33
CA GLN C 309 27.78 -17.02 -1.70
C GLN C 309 29.11 -17.09 -2.42
N GLY C 310 30.08 -16.27 -2.01
CA GLY C 310 31.42 -16.34 -2.56
C GLY C 310 32.28 -17.37 -1.83
N HIS C 311 33.53 -17.47 -2.29
CA HIS C 311 34.44 -18.46 -1.74
C HIS C 311 35.03 -18.06 -0.40
N ASN C 312 35.07 -16.76 -0.09
CA ASN C 312 35.54 -16.29 1.21
C ASN C 312 34.34 -16.28 2.16
N ASN C 313 34.30 -17.25 3.06
CA ASN C 313 33.18 -17.40 3.99
C ASN C 313 33.43 -16.59 5.27
N GLY C 314 33.58 -15.28 5.08
CA GLY C 314 33.69 -14.36 6.19
C GLY C 314 35.07 -14.21 6.78
N ILE C 315 36.11 -14.69 6.11
CA ILE C 315 37.47 -14.60 6.64
C ILE C 315 37.96 -13.17 6.49
N CYS C 316 38.44 -12.58 7.58
CA CYS C 316 38.89 -11.19 7.59
C CYS C 316 40.42 -11.14 7.39
N TRP C 317 40.83 -11.44 6.17
CA TRP C 317 42.24 -11.38 5.83
C TRP C 317 42.81 -10.00 6.16
N GLY C 318 44.03 -9.99 6.71
CA GLY C 318 44.65 -8.75 7.11
C GLY C 318 44.16 -8.17 8.41
N ASN C 319 43.33 -8.90 9.16
CA ASN C 319 42.83 -8.45 10.46
C ASN C 319 42.05 -7.15 10.31
N GLN C 320 41.13 -7.14 9.34
CA GLN C 320 40.30 -5.97 9.10
C GLN C 320 39.09 -6.40 8.28
N LEU C 321 38.06 -5.57 8.31
CA LEU C 321 36.93 -5.74 7.41
C LEU C 321 36.32 -4.38 7.13
N PHE C 322 35.49 -4.33 6.10
CA PHE C 322 34.87 -3.10 5.65
C PHE C 322 33.36 -3.26 5.72
N VAL C 323 32.70 -2.33 6.42
CA VAL C 323 31.25 -2.28 6.51
C VAL C 323 30.79 -1.00 5.80
N THR C 324 29.97 -1.16 4.77
CA THR C 324 29.45 -0.04 4.00
C THR C 324 27.95 0.05 4.23
N VAL C 325 27.46 1.27 4.46
CA VAL C 325 26.05 1.49 4.77
C VAL C 325 25.57 2.74 4.04
N VAL C 326 24.40 2.64 3.42
CA VAL C 326 23.59 3.80 3.07
C VAL C 326 22.25 3.64 3.79
N ASP C 327 21.81 4.70 4.47
CA ASP C 327 20.53 4.70 5.16
C ASP C 327 19.94 6.10 5.04
N THR C 328 19.00 6.26 4.11
CA THR C 328 18.31 7.53 3.93
C THR C 328 17.04 7.63 4.76
N THR C 329 16.72 6.61 5.58
CA THR C 329 15.49 6.62 6.37
C THR C 329 15.60 7.45 7.63
N ARG C 330 16.76 8.02 7.94
CA ARG C 330 16.95 8.92 9.07
C ARG C 330 17.56 10.23 8.61
N SER C 331 17.14 10.72 7.44
CA SER C 331 17.78 11.83 6.77
C SER C 331 17.23 13.19 7.19
N THR C 332 16.51 13.25 8.31
CA THR C 332 15.99 14.52 8.80
C THR C 332 17.11 15.53 8.98
N ASN C 333 16.90 16.74 8.46
CA ASN C 333 17.81 17.84 8.68
C ASN C 333 17.18 18.80 9.69
N MET C 334 17.90 19.11 10.75
CA MET C 334 17.39 19.96 11.81
C MET C 334 17.55 21.43 11.46
N THR C 335 16.52 22.22 11.75
CA THR C 335 16.54 23.67 11.62
C THR C 335 17.07 24.28 12.91
N LEU C 336 18.08 25.13 12.79
CA LEU C 336 18.60 25.89 13.93
C LEU C 336 18.47 27.38 13.62
N CYS C 337 18.10 28.15 14.63
CA CYS C 337 17.89 29.59 14.46
C CYS C 337 18.43 30.34 15.67
N THR C 338 19.26 31.35 15.41
CA THR C 338 19.83 32.20 16.44
C THR C 338 19.21 33.58 16.38
N GLU C 339 19.15 34.25 17.53
CA GLU C 339 18.60 35.58 17.65
C GLU C 339 19.76 36.58 17.70
N VAL C 340 19.97 37.30 16.61
CA VAL C 340 21.02 38.31 16.58
C VAL C 340 20.66 39.47 17.49
N THR C 341 19.41 39.94 17.42
CA THR C 341 18.94 41.07 18.21
C THR C 341 17.59 40.74 18.81
N LYS C 342 17.46 40.95 20.12
CA LYS C 342 16.22 40.67 20.83
C LYS C 342 15.33 41.91 20.78
N GLU C 343 14.14 41.77 20.22
CA GLU C 343 13.19 42.87 20.12
C GLU C 343 11.80 42.35 20.42
N GLY C 344 10.90 43.28 20.77
CA GLY C 344 9.57 42.93 21.21
C GLY C 344 8.64 42.46 20.11
N THR C 345 8.95 42.80 18.86
CA THR C 345 8.19 42.34 17.71
C THR C 345 9.12 41.61 16.75
N TYR C 346 8.53 40.79 15.88
CA TYR C 346 9.30 39.91 15.02
C TYR C 346 9.83 40.67 13.81
N LYS C 347 11.12 40.48 13.51
CA LYS C 347 11.73 41.02 12.31
C LYS C 347 12.72 40.00 11.75
N ASN C 348 12.57 39.66 10.48
CA ASN C 348 13.40 38.63 9.86
C ASN C 348 14.89 38.91 10.06
N ASP C 349 15.29 40.16 9.95
CA ASP C 349 16.72 40.50 10.01
C ASP C 349 17.32 40.30 11.40
N ASN C 350 16.51 39.99 12.41
CA ASN C 350 17.02 39.74 13.75
C ASN C 350 17.40 38.28 13.99
N PHE C 351 17.34 37.44 12.96
CA PHE C 351 17.56 36.01 13.14
C PHE C 351 18.46 35.48 12.02
N LYS C 352 19.13 34.37 12.32
CA LYS C 352 19.97 33.66 11.36
C LYS C 352 19.56 32.20 11.33
N GLU C 353 19.35 31.66 10.12
CA GLU C 353 18.89 30.30 9.94
C GLU C 353 20.05 29.38 9.56
N TYR C 354 20.11 28.22 10.19
CA TYR C 354 21.12 27.21 9.91
C TYR C 354 20.45 25.86 9.71
N VAL C 355 21.20 24.94 9.11
CA VAL C 355 20.73 23.56 8.91
C VAL C 355 21.84 22.62 9.33
N ARG C 356 21.47 21.58 10.07
CA ARG C 356 22.42 20.58 10.54
C ARG C 356 21.80 19.19 10.41
N HIS C 357 22.67 18.21 10.14
CA HIS C 357 22.28 16.82 10.05
C HIS C 357 23.23 15.99 10.89
N VAL C 358 22.70 14.95 11.53
CA VAL C 358 23.49 14.09 12.41
C VAL C 358 23.28 12.64 12.01
N GLU C 359 24.28 11.81 12.33
CA GLU C 359 24.21 10.38 12.09
C GLU C 359 24.74 9.66 13.32
N GLU C 360 24.03 8.63 13.76
CA GLU C 360 24.40 7.86 14.94
C GLU C 360 24.50 6.39 14.55
N TYR C 361 25.66 5.79 14.81
CA TYR C 361 25.90 4.39 14.49
C TYR C 361 26.41 3.67 15.72
N ASP C 362 26.25 2.34 15.71
CA ASP C 362 26.79 1.47 16.76
C ASP C 362 27.00 0.10 16.13
N LEU C 363 28.26 -0.20 15.79
CA LEU C 363 28.61 -1.42 15.08
C LEU C 363 28.94 -2.52 16.08
N GLN C 364 28.29 -3.67 15.91
CA GLN C 364 28.41 -4.79 16.84
C GLN C 364 28.78 -6.05 16.08
N PHE C 365 29.77 -6.79 16.58
CA PHE C 365 30.33 -7.92 15.85
C PHE C 365 30.51 -9.12 16.76
N VAL C 366 30.34 -10.31 16.19
CA VAL C 366 30.76 -11.57 16.81
C VAL C 366 31.76 -12.21 15.86
N PHE C 367 32.95 -12.51 16.38
CA PHE C 367 34.04 -13.08 15.60
C PHE C 367 34.37 -14.48 16.07
N GLN C 368 34.80 -15.32 15.13
CA GLN C 368 35.20 -16.69 15.41
C GLN C 368 36.67 -16.85 15.06
N LEU C 369 37.43 -17.41 15.99
CA LEU C 369 38.87 -17.61 15.79
C LEU C 369 39.09 -18.83 14.90
N CYS C 370 39.95 -18.67 13.89
CA CYS C 370 40.25 -19.74 12.95
C CYS C 370 41.77 -19.94 12.89
N LYS C 371 42.17 -21.13 12.46
CA LYS C 371 43.57 -21.49 12.32
C LYS C 371 43.80 -22.12 10.96
N ILE C 372 44.99 -21.88 10.41
CA ILE C 372 45.36 -22.37 9.08
C ILE C 372 46.67 -23.13 9.22
N THR C 373 46.65 -24.42 8.86
CA THR C 373 47.85 -25.23 8.82
C THR C 373 48.57 -24.95 7.50
N LEU C 374 49.76 -24.35 7.58
CA LEU C 374 50.44 -23.84 6.40
C LEU C 374 51.30 -24.93 5.79
N THR C 375 50.66 -25.78 5.00
CA THR C 375 51.34 -26.76 4.18
C THR C 375 51.93 -26.08 2.94
N ALA C 376 52.72 -26.84 2.18
CA ALA C 376 53.27 -26.30 0.94
C ALA C 376 52.16 -25.96 -0.04
N GLU C 377 51.12 -26.78 -0.11
CA GLU C 377 50.03 -26.54 -1.05
C GLU C 377 49.25 -25.29 -0.67
N ILE C 378 48.96 -25.11 0.63
CA ILE C 378 48.16 -23.97 1.05
C ILE C 378 48.96 -22.68 0.94
N MET C 379 50.27 -22.74 1.24
CA MET C 379 51.10 -21.55 1.08
C MET C 379 51.10 -21.07 -0.36
N THR C 380 51.22 -21.99 -1.31
CA THR C 380 51.16 -21.61 -2.72
C THR C 380 49.82 -20.97 -3.06
N TYR C 381 48.74 -21.49 -2.48
CA TYR C 381 47.41 -20.95 -2.78
C TYR C 381 47.26 -19.54 -2.21
N ILE C 382 47.65 -19.35 -0.96
CA ILE C 382 47.51 -18.03 -0.33
C ILE C 382 48.42 -17.02 -1.00
N HIS C 383 49.64 -17.42 -1.35
CA HIS C 383 50.55 -16.49 -2.02
C HIS C 383 49.96 -16.00 -3.34
N THR C 384 49.36 -16.90 -4.11
CA THR C 384 48.70 -16.50 -5.35
C THR C 384 47.53 -15.57 -5.07
N MET C 385 46.78 -15.83 -4.00
CA MET C 385 45.61 -15.03 -3.68
C MET C 385 46.01 -13.62 -3.26
N ASP C 386 46.96 -13.52 -2.32
CA ASP C 386 47.37 -12.22 -1.80
C ASP C 386 48.73 -12.41 -1.11
N SER C 387 49.80 -11.97 -1.77
CA SER C 387 51.14 -12.19 -1.25
C SER C 387 51.37 -11.55 0.10
N ASN C 388 50.58 -10.54 0.46
CA ASN C 388 50.78 -9.85 1.73
C ASN C 388 50.39 -10.70 2.93
N ILE C 389 49.50 -11.69 2.75
CA ILE C 389 49.00 -12.45 3.89
C ILE C 389 50.15 -13.21 4.57
N LEU C 390 50.93 -13.96 3.79
CA LEU C 390 52.03 -14.71 4.37
C LEU C 390 53.14 -13.79 4.86
N GLU C 391 53.37 -12.67 4.18
CA GLU C 391 54.42 -11.75 4.58
C GLU C 391 54.08 -11.07 5.91
N ASP C 392 52.84 -10.63 6.08
CA ASP C 392 52.44 -10.03 7.34
C ASP C 392 52.48 -11.04 8.48
N TRP C 393 52.23 -12.32 8.18
CA TRP C 393 52.36 -13.37 9.17
C TRP C 393 53.81 -13.69 9.52
N GLN C 394 54.77 -13.22 8.70
CA GLN C 394 56.18 -13.55 8.89
C GLN C 394 56.37 -15.07 8.91
N PHE C 395 55.90 -15.70 7.84
CA PHE C 395 55.93 -17.16 7.72
C PHE C 395 56.47 -17.57 6.36
N GLU C 429 52.84 2.76 2.55
CA GLU C 429 53.00 1.38 2.10
C GLU C 429 51.64 0.76 1.79
N ASP C 430 50.72 0.87 2.74
CA ASP C 430 49.37 0.34 2.56
C ASP C 430 48.68 1.07 1.42
N PRO C 431 48.29 0.38 0.33
CA PRO C 431 47.68 1.10 -0.80
C PRO C 431 46.30 1.65 -0.52
N LEU C 432 45.65 1.21 0.56
CA LEU C 432 44.33 1.72 0.90
C LEU C 432 44.36 3.03 1.67
N ASN C 433 45.55 3.50 2.07
CA ASN C 433 45.65 4.73 2.83
C ASN C 433 45.45 5.98 1.98
N LYS C 434 45.38 5.84 0.66
CA LYS C 434 45.03 6.97 -0.21
C LYS C 434 43.53 7.26 -0.18
N TYR C 435 42.72 6.35 0.35
CA TYR C 435 41.28 6.52 0.42
C TYR C 435 40.86 6.98 1.81
N THR C 436 39.65 7.52 1.87
CA THR C 436 39.09 8.04 3.12
C THR C 436 38.03 7.06 3.63
N PHE C 437 38.24 6.56 4.84
CA PHE C 437 37.28 5.69 5.50
C PHE C 437 37.04 6.19 6.92
N TRP C 438 35.92 5.76 7.48
CA TRP C 438 35.64 5.99 8.89
C TRP C 438 36.34 4.89 9.69
N GLU C 439 37.42 5.25 10.37
CA GLU C 439 38.25 4.27 11.06
C GLU C 439 37.60 3.83 12.36
N VAL C 440 37.40 2.52 12.52
CA VAL C 440 36.85 1.93 13.74
C VAL C 440 37.90 0.97 14.27
N ASN C 441 38.55 1.34 15.37
CA ASN C 441 39.63 0.54 15.95
C ASN C 441 39.05 -0.36 17.04
N LEU C 442 39.03 -1.67 16.77
CA LEU C 442 38.56 -2.65 17.74
C LEU C 442 39.71 -3.43 18.37
N LYS C 443 40.96 -2.97 18.18
CA LYS C 443 42.11 -3.72 18.68
C LYS C 443 42.01 -3.98 20.18
N GLU C 444 41.43 -3.02 20.92
CA GLU C 444 41.34 -3.13 22.37
C GLU C 444 39.90 -3.33 22.84
N LYS C 445 39.02 -3.81 21.96
CA LYS C 445 37.61 -3.95 22.27
C LYS C 445 37.11 -5.39 22.24
N PHE C 446 38.00 -6.36 22.04
CA PHE C 446 37.59 -7.76 21.97
C PHE C 446 37.35 -8.32 23.36
N SER C 447 36.25 -9.06 23.51
CA SER C 447 35.88 -9.67 24.78
C SER C 447 35.36 -11.07 24.53
N ALA C 448 35.81 -12.03 25.35
CA ALA C 448 35.35 -13.40 25.25
C ALA C 448 34.02 -13.65 25.95
N ASP C 449 33.51 -12.66 26.69
CA ASP C 449 32.26 -12.82 27.46
C ASP C 449 31.09 -12.36 26.58
N LEU C 450 30.64 -13.28 25.72
CA LEU C 450 29.62 -12.94 24.74
C LEU C 450 28.30 -12.54 25.42
N ASP C 451 27.88 -13.30 26.43
CA ASP C 451 26.57 -13.06 27.03
C ASP C 451 26.48 -11.74 27.77
N GLN C 452 27.55 -10.95 27.82
CA GLN C 452 27.54 -9.63 28.45
C GLN C 452 27.18 -8.53 27.47
N PHE C 453 26.82 -8.87 26.23
CA PHE C 453 26.56 -7.89 25.20
C PHE C 453 25.32 -8.30 24.41
N PRO C 454 24.54 -7.34 23.92
CA PRO C 454 23.28 -7.69 23.24
C PRO C 454 23.46 -8.68 22.09
N LEU C 455 24.33 -8.36 21.13
CA LEU C 455 24.53 -9.27 19.99
C LEU C 455 25.13 -10.59 20.42
N GLY C 456 26.00 -10.57 21.43
CA GLY C 456 26.56 -11.82 21.94
C GLY C 456 25.48 -12.74 22.48
N ARG C 457 24.52 -12.19 23.23
CA ARG C 457 23.41 -12.99 23.74
C ARG C 457 22.57 -13.52 22.59
N LYS C 458 22.34 -12.71 21.55
CA LYS C 458 21.58 -13.18 20.40
C LYS C 458 22.30 -14.30 19.68
N PHE C 459 23.64 -14.26 19.65
CA PHE C 459 24.39 -15.30 18.96
C PHE C 459 24.32 -16.62 19.71
N LEU C 460 24.44 -16.59 21.04
CA LEU C 460 24.37 -17.81 21.82
C LEU C 460 23.01 -18.48 21.69
N LEU C 461 21.93 -17.69 21.67
CA LEU C 461 20.60 -18.25 21.45
C LEU C 461 20.49 -18.85 20.05
N GLN C 462 20.99 -18.14 19.05
CA GLN C 462 20.91 -18.63 17.67
C GLN C 462 21.63 -19.96 17.52
N SER C 463 22.87 -20.03 17.98
CA SER C 463 23.71 -21.21 17.77
C SER C 463 23.51 -22.29 18.83
N GLY C 464 22.67 -22.04 19.82
CA GLY C 464 22.45 -23.00 20.89
C GLY C 464 23.60 -23.13 21.88
N LEU C 465 24.71 -22.43 21.66
CA LEU C 465 25.84 -22.48 22.58
C LEU C 465 25.46 -21.96 23.95
N LYS D 12 0.64 -35.98 -32.56
CA LYS D 12 0.60 -36.13 -31.11
C LYS D 12 1.93 -35.68 -30.50
N VAL D 13 1.89 -34.64 -29.69
CA VAL D 13 3.10 -34.06 -29.11
C VAL D 13 3.39 -34.73 -27.77
N VAL D 14 4.67 -34.96 -27.49
CA VAL D 14 5.10 -35.59 -26.24
C VAL D 14 6.20 -34.73 -25.62
N SER D 15 6.37 -34.91 -24.31
CA SER D 15 7.39 -34.17 -23.58
C SER D 15 8.79 -34.58 -24.00
N THR D 16 9.70 -33.61 -24.00
CA THR D 16 11.10 -33.91 -24.29
C THR D 16 11.70 -34.86 -23.26
N ASP D 17 11.10 -34.96 -22.07
CA ASP D 17 11.57 -35.91 -21.08
C ASP D 17 11.49 -37.35 -21.59
N GLU D 18 10.62 -37.63 -22.57
CA GLU D 18 10.38 -38.99 -23.01
C GLU D 18 11.36 -39.46 -24.08
N TYR D 19 12.03 -38.54 -24.79
CA TYR D 19 12.99 -38.94 -25.81
C TYR D 19 14.32 -38.20 -25.73
N VAL D 20 14.51 -37.32 -24.76
CA VAL D 20 15.77 -36.62 -24.54
C VAL D 20 16.37 -37.13 -23.24
N SER D 21 17.55 -37.72 -23.32
CA SER D 21 18.21 -38.31 -22.16
C SER D 21 19.14 -37.29 -21.52
N ARG D 22 19.05 -37.16 -20.20
CA ARG D 22 19.84 -36.18 -19.45
C ARG D 22 21.15 -36.80 -18.99
N THR D 23 22.23 -36.03 -19.12
CA THR D 23 23.53 -36.42 -18.62
C THR D 23 23.85 -35.65 -17.34
N SER D 24 24.93 -36.07 -16.67
CA SER D 24 25.44 -35.37 -15.51
C SER D 24 26.45 -34.30 -15.87
N ILE D 25 26.50 -33.90 -17.15
CA ILE D 25 27.45 -32.91 -17.63
C ILE D 25 26.76 -31.54 -17.58
N TYR D 26 27.34 -30.62 -16.83
CA TYR D 26 26.81 -29.26 -16.72
C TYR D 26 27.90 -28.26 -17.08
N TYR D 27 27.49 -27.18 -17.74
CA TYR D 27 28.39 -26.11 -18.14
C TYR D 27 27.79 -24.76 -17.78
N TYR D 28 28.65 -23.84 -17.33
CA TYR D 28 28.25 -22.47 -17.07
C TYR D 28 28.64 -21.59 -18.25
N ALA D 29 27.89 -20.50 -18.44
CA ALA D 29 28.21 -19.54 -19.48
C ALA D 29 27.59 -18.19 -19.09
N GLY D 30 28.38 -17.14 -19.21
CA GLY D 30 27.90 -15.80 -18.94
C GLY D 30 28.31 -14.85 -20.05
N SER D 31 27.46 -13.84 -20.26
CA SER D 31 27.72 -12.85 -21.31
C SER D 31 28.73 -11.80 -20.89
N SER D 32 29.06 -11.72 -19.61
CA SER D 32 29.78 -10.57 -19.06
C SER D 32 28.94 -9.32 -19.26
N ARG D 33 29.48 -8.15 -18.93
CA ARG D 33 28.67 -6.94 -18.90
C ARG D 33 28.21 -6.54 -20.30
N LEU D 34 26.92 -6.29 -20.45
CA LEU D 34 26.33 -5.80 -21.69
C LEU D 34 25.81 -4.40 -21.44
N LEU D 35 26.31 -3.43 -22.22
CA LEU D 35 25.95 -2.03 -22.06
C LEU D 35 25.33 -1.49 -23.33
N ALA D 36 24.28 -0.68 -23.15
CA ALA D 36 23.68 0.08 -24.24
C ALA D 36 23.53 1.53 -23.78
N VAL D 37 23.93 2.47 -24.63
CA VAL D 37 23.94 3.89 -24.31
C VAL D 37 23.34 4.65 -25.49
N GLY D 38 22.35 5.49 -25.22
CA GLY D 38 21.75 6.26 -26.30
C GLY D 38 20.73 7.25 -25.81
N ASN D 39 19.92 7.74 -26.76
CA ASN D 39 18.89 8.72 -26.52
C ASN D 39 17.56 8.02 -26.25
N PRO D 40 16.86 8.32 -25.15
CA PRO D 40 15.64 7.56 -24.82
C PRO D 40 14.48 7.83 -25.75
N TYR D 41 14.49 8.92 -26.51
CA TYR D 41 13.31 9.34 -27.25
C TYR D 41 13.40 9.06 -28.74
N PHE D 42 14.60 9.03 -29.32
CA PHE D 42 14.73 8.80 -30.75
C PHE D 42 16.20 8.53 -31.06
N SER D 43 16.42 7.81 -32.16
CA SER D 43 17.77 7.64 -32.66
C SER D 43 18.18 8.85 -33.49
N ILE D 44 19.47 9.17 -33.44
CA ILE D 44 20.02 10.28 -34.21
C ILE D 44 20.75 9.68 -35.40
N LYS D 45 20.17 9.84 -36.58
CA LYS D 45 20.74 9.29 -37.80
C LYS D 45 21.62 10.34 -38.48
N SER D 46 22.40 9.88 -39.46
CA SER D 46 23.28 10.78 -40.18
C SER D 46 22.46 11.85 -40.90
N PRO D 47 23.00 13.07 -41.03
CA PRO D 47 22.21 14.18 -41.57
C PRO D 47 21.35 13.82 -42.77
N ASN D 48 21.87 13.02 -43.70
CA ASN D 48 21.10 12.61 -44.87
C ASN D 48 21.05 11.10 -45.08
N ASN D 49 21.83 10.32 -44.34
CA ASN D 49 21.92 8.87 -44.54
C ASN D 49 21.00 8.17 -43.55
N ASN D 50 20.18 7.25 -44.06
CA ASN D 50 19.13 6.65 -43.24
C ASN D 50 19.67 5.51 -42.37
N LYS D 51 20.47 4.62 -42.96
CA LYS D 51 20.93 3.43 -42.26
C LYS D 51 22.27 3.64 -41.56
N LYS D 52 22.67 4.88 -41.32
CA LYS D 52 23.84 5.19 -40.49
C LYS D 52 23.34 5.86 -39.22
N VAL D 53 23.23 5.08 -38.15
CA VAL D 53 22.80 5.58 -36.85
C VAL D 53 24.02 6.08 -36.10
N LEU D 54 23.99 7.34 -35.71
CA LEU D 54 25.06 7.93 -34.91
C LEU D 54 24.83 7.66 -33.42
N VAL D 55 23.61 7.89 -32.94
CA VAL D 55 23.23 7.61 -31.56
C VAL D 55 22.00 6.73 -31.60
N PRO D 56 22.03 5.53 -31.04
CA PRO D 56 20.84 4.67 -31.07
C PRO D 56 19.78 5.12 -30.08
N LYS D 57 18.55 4.72 -30.37
CA LYS D 57 17.46 4.87 -29.42
C LYS D 57 17.58 3.78 -28.37
N VAL D 58 17.79 4.18 -27.12
CA VAL D 58 17.91 3.26 -25.99
C VAL D 58 16.99 3.77 -24.88
N SER D 59 16.02 2.94 -24.50
CA SER D 59 14.99 3.38 -23.58
C SER D 59 14.58 2.22 -22.66
N GLY D 60 14.21 2.57 -21.43
CA GLY D 60 13.67 1.60 -20.51
C GLY D 60 12.33 1.02 -20.93
N LEU D 61 11.69 1.59 -21.94
CA LEU D 61 10.43 1.08 -22.47
C LEU D 61 10.62 0.18 -23.68
N GLN D 62 11.85 -0.24 -23.95
CA GLN D 62 12.14 -1.12 -25.07
C GLN D 62 12.19 -2.57 -24.63
N TYR D 63 11.72 -3.46 -25.50
CA TYR D 63 12.04 -4.87 -25.38
C TYR D 63 13.52 -5.08 -25.62
N ARG D 64 14.17 -5.85 -24.76
CA ARG D 64 15.51 -6.37 -25.02
C ARG D 64 15.36 -7.85 -25.35
N VAL D 65 15.70 -8.21 -26.58
CA VAL D 65 15.53 -9.56 -27.10
C VAL D 65 16.91 -10.08 -27.44
N PHE D 66 17.47 -10.92 -26.57
CA PHE D 66 18.81 -11.45 -26.75
C PHE D 66 18.73 -12.80 -27.47
N ARG D 67 19.39 -12.89 -28.62
CA ARG D 67 19.58 -14.17 -29.30
C ARG D 67 20.90 -14.76 -28.81
N VAL D 68 20.81 -15.79 -27.98
CA VAL D 68 21.97 -16.34 -27.29
C VAL D 68 22.47 -17.53 -28.08
N ARG D 69 23.68 -17.41 -28.62
CA ARG D 69 24.28 -18.45 -29.45
C ARG D 69 25.10 -19.39 -28.58
N LEU D 70 24.81 -20.68 -28.66
CA LEU D 70 25.53 -21.69 -27.91
C LEU D 70 26.47 -22.47 -28.83
N PRO D 71 27.58 -23.00 -28.31
CA PRO D 71 28.41 -23.88 -29.14
C PRO D 71 27.67 -25.17 -29.45
N ASP D 72 27.82 -25.63 -30.69
CA ASP D 72 27.22 -26.89 -31.09
C ASP D 72 27.87 -28.01 -30.27
N PRO D 73 27.12 -28.69 -29.41
CA PRO D 73 27.75 -29.74 -28.60
C PRO D 73 28.30 -30.88 -29.43
N ASN D 74 27.74 -31.12 -30.61
CA ASN D 74 28.24 -32.18 -31.48
C ASN D 74 29.61 -31.83 -32.08
N LYS D 75 30.02 -30.56 -32.02
CA LYS D 75 31.33 -30.13 -32.45
C LYS D 75 32.17 -29.60 -31.30
N PHE D 76 31.68 -29.72 -30.07
CA PHE D 76 32.33 -29.12 -28.91
C PHE D 76 33.44 -30.03 -28.41
N GLY D 77 34.55 -29.41 -27.98
CA GLY D 77 35.71 -30.16 -27.54
C GLY D 77 35.64 -30.59 -26.10
N PHE D 78 34.81 -31.60 -25.81
CA PHE D 78 34.71 -32.11 -24.45
C PHE D 78 36.03 -32.81 -24.08
N PRO D 79 36.41 -32.75 -22.80
CA PRO D 79 37.67 -33.42 -22.40
C PRO D 79 37.59 -34.93 -22.50
N ASP D 80 36.39 -35.50 -22.41
CA ASP D 80 36.21 -36.94 -22.56
C ASP D 80 34.86 -37.16 -23.23
N THR D 81 34.88 -37.56 -24.50
CA THR D 81 33.66 -37.76 -25.27
C THR D 81 33.12 -39.18 -25.16
N SER D 82 33.62 -39.98 -24.21
CA SER D 82 33.20 -41.37 -24.06
C SER D 82 31.87 -41.50 -23.32
N PHE D 83 30.93 -40.59 -23.57
CA PHE D 83 29.64 -40.61 -22.90
C PHE D 83 28.47 -40.74 -23.87
N TYR D 84 28.73 -40.96 -25.16
CA TYR D 84 27.64 -41.13 -26.11
C TYR D 84 28.20 -41.74 -27.39
N ASN D 85 27.28 -42.13 -28.27
CA ASN D 85 27.60 -42.84 -29.51
C ASN D 85 27.20 -41.99 -30.71
N PRO D 86 28.15 -41.30 -31.36
CA PRO D 86 27.79 -40.48 -32.53
C PRO D 86 27.14 -41.26 -33.65
N ASP D 87 27.30 -42.59 -33.70
CA ASP D 87 26.66 -43.37 -34.76
C ASP D 87 25.14 -43.28 -34.67
N THR D 88 24.61 -43.24 -33.45
CA THR D 88 23.17 -43.30 -33.23
C THR D 88 22.60 -42.16 -32.43
N GLN D 89 23.45 -41.27 -31.87
CA GLN D 89 22.99 -40.24 -30.96
C GLN D 89 23.52 -38.88 -31.38
N ARG D 90 22.76 -37.84 -31.03
CA ARG D 90 23.17 -36.46 -31.20
C ARG D 90 22.96 -35.71 -29.90
N LEU D 91 23.66 -34.59 -29.76
CA LEU D 91 23.68 -33.84 -28.51
C LEU D 91 22.93 -32.52 -28.66
N VAL D 92 22.38 -32.06 -27.54
CA VAL D 92 21.70 -30.77 -27.48
C VAL D 92 21.83 -30.25 -26.06
N TRP D 93 21.92 -28.93 -25.94
CA TRP D 93 21.96 -28.30 -24.63
C TRP D 93 20.56 -28.11 -24.08
N ALA D 94 20.45 -28.21 -22.75
CA ALA D 94 19.23 -27.87 -22.03
C ALA D 94 19.55 -26.79 -21.01
N CYS D 95 18.73 -25.75 -20.97
CA CYS D 95 18.91 -24.70 -19.98
C CYS D 95 18.23 -25.10 -18.69
N VAL D 96 18.99 -25.16 -17.61
CA VAL D 96 18.47 -25.53 -16.30
C VAL D 96 18.61 -24.41 -15.28
N GLY D 97 19.30 -23.32 -15.61
CA GLY D 97 19.47 -22.22 -14.69
C GLY D 97 19.74 -20.92 -15.41
N LEU D 98 19.16 -19.82 -14.92
CA LEU D 98 19.30 -18.52 -15.55
C LEU D 98 19.23 -17.44 -14.47
N GLU D 99 20.06 -16.42 -14.61
CA GLU D 99 19.93 -15.20 -13.81
C GLU D 99 20.18 -14.01 -14.72
N ILE D 100 19.20 -13.12 -14.78
CA ILE D 100 19.30 -11.91 -15.58
C ILE D 100 19.89 -10.82 -14.67
N GLY D 101 21.19 -10.59 -14.82
CA GLY D 101 21.84 -9.54 -14.05
C GLY D 101 21.45 -8.18 -14.57
N ARG D 102 21.14 -7.27 -13.64
CA ARG D 102 20.79 -5.89 -13.97
C ARG D 102 21.65 -4.96 -13.13
N GLY D 103 22.42 -4.11 -13.80
CA GLY D 103 23.13 -3.03 -13.14
C GLY D 103 22.35 -1.72 -13.23
N GLN D 104 22.93 -0.69 -12.63
CA GLN D 104 22.37 0.65 -12.56
C GLN D 104 21.31 0.73 -11.46
N PRO D 105 21.09 1.90 -10.86
CA PRO D 105 20.11 2.00 -9.79
C PRO D 105 18.68 1.91 -10.31
N LEU D 106 17.78 1.54 -9.40
CA LEU D 106 16.36 1.66 -9.71
C LEU D 106 16.01 3.12 -9.92
N GLY D 107 15.10 3.39 -10.84
CA GLY D 107 14.68 4.74 -11.12
C GLY D 107 13.59 4.76 -12.16
N VAL D 108 13.07 5.96 -12.40
CA VAL D 108 11.95 6.17 -13.31
C VAL D 108 12.27 7.34 -14.23
N GLY D 109 12.11 7.13 -15.54
CA GLY D 109 12.22 8.19 -16.50
C GLY D 109 10.85 8.72 -16.90
N VAL D 110 10.86 9.84 -17.65
CA VAL D 110 9.64 10.44 -18.16
C VAL D 110 9.79 10.68 -19.65
N SER D 111 8.65 10.76 -20.32
CA SER D 111 8.59 11.02 -21.75
C SER D 111 7.49 12.03 -22.03
N GLY D 112 7.64 12.78 -23.11
CA GLY D 112 6.69 13.82 -23.41
C GLY D 112 6.67 14.15 -24.88
N HIS D 113 6.02 15.27 -25.20
CA HIS D 113 5.86 15.73 -26.56
C HIS D 113 5.81 17.25 -26.47
N PRO D 114 6.63 17.97 -27.22
CA PRO D 114 6.53 19.45 -27.22
C PRO D 114 5.24 19.96 -27.82
N TYR D 115 4.54 19.12 -28.59
CA TYR D 115 3.25 19.45 -29.21
C TYR D 115 2.24 18.34 -28.92
N LEU D 116 2.07 18.00 -27.65
CA LEU D 116 1.08 16.98 -27.29
C LEU D 116 -0.33 17.52 -27.55
N ASN D 117 -1.17 16.67 -28.14
CA ASN D 117 -2.56 17.04 -28.39
C ASN D 117 -3.36 16.87 -27.10
N LYS D 118 -3.07 17.76 -26.15
CA LYS D 118 -3.89 17.98 -24.98
C LYS D 118 -4.60 19.32 -25.17
N PHE D 119 -5.92 19.30 -25.04
CA PHE D 119 -6.69 20.53 -25.19
C PHE D 119 -7.03 21.09 -23.81
N ASP D 120 -7.96 20.44 -23.11
CA ASP D 120 -8.37 20.87 -21.79
C ASP D 120 -8.06 19.80 -20.76
N ASP D 121 -7.87 20.25 -19.52
CA ASP D 121 -7.84 19.37 -18.36
C ASP D 121 -9.29 19.12 -17.93
N THR D 122 -9.75 17.87 -18.04
CA THR D 122 -11.15 17.54 -17.84
C THR D 122 -11.39 16.86 -16.49
N GLU D 123 -10.55 17.14 -15.49
CA GLU D 123 -10.68 16.49 -14.20
C GLU D 123 -11.63 17.22 -13.25
N THR D 124 -11.59 18.55 -13.20
CA THR D 124 -12.38 19.28 -12.21
C THR D 124 -13.10 20.50 -12.78
N SER D 125 -12.48 21.25 -13.69
CA SER D 125 -13.03 22.51 -14.16
C SER D 125 -12.79 22.64 -15.65
N ASN D 126 -13.87 22.60 -16.43
CA ASN D 126 -13.79 22.70 -17.89
C ASN D 126 -15.14 23.24 -18.38
N ARG D 127 -15.37 24.53 -18.10
CA ARG D 127 -16.64 25.17 -18.41
C ARG D 127 -16.74 25.54 -19.89
N TYR D 128 -17.96 25.76 -20.34
CA TYR D 128 -18.21 26.29 -21.67
C TYR D 128 -18.03 27.80 -21.69
N PRO D 129 -17.73 28.37 -22.85
CA PRO D 129 -17.51 27.71 -24.14
C PRO D 129 -16.08 27.20 -24.29
N ALA D 130 -15.84 26.37 -25.30
CA ALA D 130 -14.50 25.86 -25.56
C ALA D 130 -13.59 26.98 -26.07
N GLN D 131 -12.31 26.87 -25.75
CA GLN D 131 -11.34 27.89 -26.14
C GLN D 131 -11.20 27.90 -27.67
N PRO D 132 -11.02 29.07 -28.27
CA PRO D 132 -10.74 29.12 -29.71
C PRO D 132 -9.29 28.76 -30.02
N GLY D 133 -9.04 28.48 -31.29
CA GLY D 133 -7.70 28.21 -31.77
C GLY D 133 -7.64 27.06 -32.76
N SER D 134 -6.64 27.09 -33.62
CA SER D 134 -6.38 26.00 -34.56
C SER D 134 -5.20 25.12 -34.15
N ASP D 135 -4.38 25.57 -33.19
CA ASP D 135 -3.26 24.78 -32.68
C ASP D 135 -3.13 25.11 -31.20
N ASN D 136 -3.69 24.23 -30.35
CA ASN D 136 -3.66 24.38 -28.91
C ASN D 136 -2.81 23.31 -28.24
N ARG D 137 -1.85 22.75 -28.98
CA ARG D 137 -1.00 21.71 -28.43
C ARG D 137 -0.08 22.28 -27.36
N GLU D 138 0.35 21.42 -26.44
CA GLU D 138 1.14 21.83 -25.29
C GLU D 138 2.33 20.91 -25.11
N CYS D 139 3.34 21.43 -24.42
CA CYS D 139 4.58 20.70 -24.16
C CYS D 139 4.47 20.02 -22.80
N LEU D 140 4.11 18.74 -22.83
CA LEU D 140 3.81 17.99 -21.61
C LEU D 140 4.59 16.68 -21.59
N SER D 141 4.81 16.17 -20.38
CA SER D 141 5.52 14.91 -20.18
C SER D 141 4.75 14.09 -19.14
N MET D 142 5.15 12.83 -19.01
CA MET D 142 4.45 11.88 -18.14
C MET D 142 5.39 10.73 -17.84
N ASP D 143 5.06 9.98 -16.79
CA ASP D 143 5.79 8.75 -16.45
C ASP D 143 4.90 7.57 -16.80
N TYR D 144 5.46 6.61 -17.53
CA TYR D 144 4.67 5.59 -18.20
C TYR D 144 4.26 4.48 -17.23
N LYS D 145 3.34 3.65 -17.72
CA LYS D 145 3.03 2.38 -17.07
C LYS D 145 4.32 1.62 -16.77
N GLN D 146 4.35 0.94 -15.63
CA GLN D 146 5.51 0.18 -15.21
C GLN D 146 5.36 -1.28 -15.63
N THR D 147 6.44 -1.85 -16.17
CA THR D 147 6.43 -3.23 -16.62
C THR D 147 7.79 -3.88 -16.35
N GLN D 148 7.75 -5.05 -15.70
CA GLN D 148 8.85 -6.00 -15.71
C GLN D 148 8.36 -7.29 -16.34
N LEU D 149 9.19 -7.90 -17.18
CA LEU D 149 8.86 -9.22 -17.70
C LEU D 149 10.12 -9.88 -18.22
N CYS D 150 10.14 -11.21 -18.12
CA CYS D 150 11.20 -12.01 -18.70
CA CYS D 150 11.20 -12.02 -18.68
C CYS D 150 10.58 -13.24 -19.34
N LEU D 151 10.97 -13.50 -20.58
CA LEU D 151 10.54 -14.67 -21.33
C LEU D 151 11.78 -15.40 -21.80
N ILE D 152 11.75 -16.73 -21.72
CA ILE D 152 12.87 -17.54 -22.17
C ILE D 152 12.33 -18.74 -22.96
N GLY D 153 12.92 -18.97 -24.13
CA GLY D 153 12.59 -20.12 -24.95
C GLY D 153 13.65 -20.25 -26.03
N CYS D 154 13.51 -21.30 -26.84
CA CYS D 154 14.41 -21.50 -27.98
C CYS D 154 13.89 -20.88 -29.25
N LYS D 155 12.77 -20.14 -29.19
CA LYS D 155 12.16 -19.47 -30.32
C LYS D 155 11.84 -18.04 -29.92
N PRO D 156 12.02 -17.07 -30.82
CA PRO D 156 11.78 -15.68 -30.44
C PRO D 156 10.32 -15.48 -30.05
N PRO D 157 10.04 -14.51 -29.18
CA PRO D 157 8.67 -14.35 -28.69
C PRO D 157 7.76 -13.71 -29.73
N THR D 158 6.47 -14.00 -29.59
CA THR D 158 5.43 -13.48 -30.48
C THR D 158 4.67 -12.37 -29.75
N GLY D 159 4.55 -11.22 -30.40
CA GLY D 159 3.82 -10.10 -29.85
C GLY D 159 2.47 -9.92 -30.51
N GLU D 160 1.63 -9.11 -29.87
CA GLU D 160 0.34 -8.70 -30.41
C GLU D 160 0.26 -7.19 -30.39
N HIS D 161 -0.39 -6.63 -31.42
CA HIS D 161 -0.62 -5.20 -31.48
C HIS D 161 -1.73 -4.94 -32.49
N TRP D 162 -2.39 -3.79 -32.34
CA TRP D 162 -3.47 -3.39 -33.23
C TRP D 162 -2.93 -2.48 -34.31
N GLY D 163 -3.31 -2.76 -35.56
CA GLY D 163 -2.96 -1.92 -36.69
C GLY D 163 -4.15 -1.72 -37.59
N LYS D 164 -3.91 -1.00 -38.68
CA LYS D 164 -4.99 -0.71 -39.62
C LYS D 164 -5.35 -1.96 -40.40
N GLY D 165 -6.65 -2.28 -40.43
CA GLY D 165 -7.13 -3.44 -41.14
C GLY D 165 -7.56 -3.10 -42.56
N VAL D 166 -8.26 -4.06 -43.18
CA VAL D 166 -8.72 -3.89 -44.55
C VAL D 166 -9.76 -2.78 -44.60
N ALA D 167 -9.71 -1.98 -45.67
CA ALA D 167 -10.60 -0.83 -45.79
C ALA D 167 -12.07 -1.24 -45.68
N SER D 168 -12.42 -2.39 -46.25
CA SER D 168 -13.80 -2.87 -46.22
C SER D 168 -14.73 -1.85 -46.86
N ASN D 171 -20.23 -0.07 -44.02
CA ASN D 171 -19.97 0.33 -42.63
C ASN D 171 -19.28 1.68 -42.59
N ALA D 172 -19.56 2.53 -43.59
CA ALA D 172 -18.91 3.83 -43.71
C ALA D 172 -19.86 5.01 -43.63
N ALA D 173 -21.17 4.80 -43.80
CA ALA D 173 -22.12 5.91 -43.76
C ALA D 173 -22.21 6.54 -42.38
N ALA D 174 -21.85 5.81 -41.32
CA ALA D 174 -21.97 6.31 -39.96
C ALA D 174 -20.64 6.71 -39.34
N THR D 175 -19.52 6.25 -39.89
CA THR D 175 -18.22 6.55 -39.31
C THR D 175 -17.12 6.23 -40.31
N ASP D 176 -16.07 7.04 -40.29
CA ASP D 176 -14.87 6.81 -41.07
C ASP D 176 -13.71 6.34 -40.19
N CYS D 177 -14.01 5.74 -39.05
CA CYS D 177 -12.97 5.29 -38.15
C CYS D 177 -12.09 4.25 -38.84
N PRO D 178 -10.78 4.27 -38.61
CA PRO D 178 -9.90 3.27 -39.23
C PRO D 178 -10.30 1.87 -38.82
N PRO D 179 -10.29 0.91 -39.75
CA PRO D 179 -10.57 -0.48 -39.36
C PRO D 179 -9.41 -1.06 -38.56
N LEU D 180 -9.76 -1.78 -37.49
CA LEU D 180 -8.78 -2.34 -36.58
C LEU D 180 -8.57 -3.82 -36.85
N GLU D 181 -7.32 -4.26 -36.82
CA GLU D 181 -6.97 -5.66 -36.94
C GLU D 181 -5.87 -5.99 -35.93
N LEU D 182 -5.99 -7.14 -35.29
CA LEU D 182 -4.98 -7.60 -34.35
C LEU D 182 -3.91 -8.36 -35.13
N PHE D 183 -2.67 -7.87 -35.05
CA PHE D 183 -1.55 -8.46 -35.77
C PHE D 183 -0.61 -9.16 -34.81
N ASN D 184 -0.16 -10.35 -35.20
CA ASN D 184 0.91 -11.05 -34.51
C ASN D 184 2.22 -10.83 -35.26
N SER D 185 3.30 -10.70 -34.51
CA SER D 185 4.62 -10.54 -35.11
C SER D 185 5.67 -10.98 -34.10
N ILE D 186 6.88 -11.17 -34.58
CA ILE D 186 8.01 -11.44 -33.71
C ILE D 186 8.44 -10.15 -33.04
N ILE D 187 8.63 -10.20 -31.73
CA ILE D 187 9.15 -9.05 -30.99
C ILE D 187 10.64 -8.99 -31.20
N GLU D 188 11.12 -7.85 -31.69
CA GLU D 188 12.53 -7.66 -32.00
C GLU D 188 13.19 -6.81 -30.91
N ASP D 189 14.51 -6.92 -30.81
CA ASP D 189 15.25 -6.09 -29.87
C ASP D 189 15.09 -4.63 -30.28
N GLY D 190 14.62 -3.81 -29.35
CA GLY D 190 14.36 -2.41 -29.61
C GLY D 190 12.91 -2.08 -29.83
N ASP D 191 12.04 -3.07 -30.00
CA ASP D 191 10.60 -2.82 -30.06
C ASP D 191 10.16 -2.15 -28.76
N MET D 192 9.07 -1.38 -28.86
CA MET D 192 8.54 -0.66 -27.70
C MET D 192 7.46 -1.49 -27.02
N VAL D 193 7.53 -1.55 -25.68
CA VAL D 193 6.46 -2.15 -24.91
C VAL D 193 5.31 -1.15 -24.78
N ASP D 194 4.12 -1.67 -24.47
CA ASP D 194 2.99 -0.78 -24.22
C ASP D 194 3.27 0.08 -22.99
N THR D 195 2.70 1.28 -23.01
CA THR D 195 3.06 2.33 -22.05
C THR D 195 1.88 2.86 -21.25
N GLY D 196 0.68 2.34 -21.47
CA GLY D 196 -0.54 2.91 -20.93
C GLY D 196 -1.50 3.41 -21.98
N PHE D 197 -1.07 3.49 -23.24
CA PHE D 197 -1.95 3.86 -24.34
C PHE D 197 -2.29 2.68 -25.23
N GLY D 198 -1.91 1.46 -24.84
CA GLY D 198 -2.26 0.26 -25.56
C GLY D 198 -1.15 -0.23 -26.47
N CYS D 199 -1.33 -1.45 -26.97
CA CYS D 199 -0.41 -2.05 -27.93
C CYS D 199 -0.98 -1.84 -29.31
N MET D 200 -0.52 -0.78 -29.99
CA MET D 200 -1.06 -0.42 -31.29
C MET D 200 0.03 0.24 -32.11
N ASP D 201 -0.23 0.31 -33.43
CA ASP D 201 0.66 1.00 -34.36
C ASP D 201 0.27 2.47 -34.38
N PHE D 202 0.94 3.26 -33.54
CA PHE D 202 0.63 4.69 -33.45
C PHE D 202 1.00 5.42 -34.74
N GLY D 203 2.04 4.96 -35.44
CA GLY D 203 2.44 5.63 -36.67
C GLY D 203 1.35 5.66 -37.71
N THR D 204 0.56 4.59 -37.80
CA THR D 204 -0.50 4.50 -38.79
C THR D 204 -1.88 4.86 -38.24
N LEU D 205 -2.13 4.62 -36.96
CA LEU D 205 -3.45 4.81 -36.40
C LEU D 205 -3.66 6.20 -35.79
N GLN D 206 -2.59 6.97 -35.57
CA GLN D 206 -2.68 8.34 -35.07
C GLN D 206 -1.93 9.23 -36.06
N ALA D 207 -2.67 9.81 -37.00
CA ALA D 207 -2.07 10.50 -38.13
C ALA D 207 -1.52 11.89 -37.79
N ASN D 208 -1.92 12.47 -36.65
CA ASN D 208 -1.47 13.81 -36.30
C ASN D 208 -0.10 13.81 -35.62
N LYS D 209 0.40 12.65 -35.22
CA LYS D 209 1.73 12.50 -34.62
C LYS D 209 1.87 13.31 -33.32
N SER D 210 0.75 13.65 -32.68
CA SER D 210 0.76 14.46 -31.47
C SER D 210 -0.05 13.86 -30.32
N ASP D 211 -0.67 12.69 -30.50
CA ASP D 211 -1.55 12.16 -29.47
C ASP D 211 -0.82 11.35 -28.41
N VAL D 212 0.42 10.95 -28.66
CA VAL D 212 1.24 10.29 -27.63
C VAL D 212 2.65 10.85 -27.70
N PRO D 213 3.45 10.63 -26.64
CA PRO D 213 4.81 11.18 -26.63
C PRO D 213 5.63 10.72 -27.82
N ILE D 214 6.72 11.46 -28.07
CA ILE D 214 7.49 11.29 -29.30
C ILE D 214 8.21 9.95 -29.34
N ASP D 215 8.39 9.28 -28.21
CA ASP D 215 9.11 8.01 -28.21
C ASP D 215 8.24 6.84 -28.65
N ILE D 216 6.95 7.05 -28.90
CA ILE D 216 6.08 5.98 -29.40
C ILE D 216 5.15 6.47 -30.51
N CYS D 217 5.12 7.78 -30.74
CA CYS D 217 4.14 8.32 -31.69
C CYS D 217 4.42 7.85 -33.12
N ASN D 218 5.66 7.53 -33.44
CA ASN D 218 6.00 6.95 -34.73
C ASN D 218 6.50 5.51 -34.58
N SER D 219 5.97 4.79 -33.59
CA SER D 219 6.40 3.44 -33.28
C SER D 219 5.18 2.55 -33.09
N THR D 220 5.45 1.25 -33.02
CA THR D 220 4.43 0.25 -32.69
C THR D 220 4.76 -0.30 -31.30
N CYS D 221 3.80 -0.19 -30.39
CA CYS D 221 3.93 -0.80 -29.08
C CYS D 221 3.34 -2.19 -29.12
N LYS D 222 4.10 -3.17 -28.62
CA LYS D 222 3.70 -4.57 -28.68
C LYS D 222 3.55 -5.14 -27.28
N TYR D 223 2.53 -5.97 -27.11
CA TYR D 223 2.33 -6.73 -25.90
C TYR D 223 2.55 -8.21 -26.20
N PRO D 224 3.20 -8.97 -25.30
CA PRO D 224 3.43 -10.38 -25.60
C PRO D 224 2.11 -11.13 -25.73
N ASP D 225 1.98 -11.92 -26.79
CA ASP D 225 0.80 -12.76 -26.99
C ASP D 225 0.97 -14.05 -26.17
N TYR D 226 0.82 -13.89 -24.85
CA TYR D 226 1.00 -15.02 -23.95
C TYR D 226 0.09 -16.19 -24.32
N LEU D 227 -1.17 -15.89 -24.68
CA LEU D 227 -2.12 -16.95 -24.96
C LEU D 227 -1.70 -17.77 -26.17
N LYS D 228 -1.26 -17.10 -27.24
CA LYS D 228 -0.79 -17.84 -28.41
C LYS D 228 0.46 -18.65 -28.09
N MET D 229 1.41 -18.05 -27.37
CA MET D 229 2.66 -18.74 -27.09
C MET D 229 2.47 -19.93 -26.16
N ALA D 230 1.50 -19.85 -25.23
CA ALA D 230 1.27 -20.96 -24.32
C ALA D 230 0.54 -22.12 -24.98
N SER D 231 -0.18 -21.88 -26.07
CA SER D 231 -0.99 -22.89 -26.71
C SER D 231 -0.32 -23.51 -27.93
N GLU D 232 0.90 -23.12 -28.27
CA GLU D 232 1.59 -23.76 -29.39
C GLU D 232 1.94 -25.19 -29.02
N PRO D 233 1.79 -26.13 -29.96
CA PRO D 233 1.86 -27.56 -29.58
C PRO D 233 3.14 -27.96 -28.89
N TYR D 234 4.29 -27.47 -29.34
CA TYR D 234 5.58 -27.94 -28.82
C TYR D 234 6.09 -27.11 -27.66
N GLY D 235 5.60 -25.88 -27.49
CA GLY D 235 6.00 -25.06 -26.36
C GLY D 235 7.41 -24.52 -26.43
N ASP D 236 7.88 -24.18 -27.62
CA ASP D 236 9.25 -23.67 -27.78
C ASP D 236 9.40 -22.20 -27.38
N SER D 237 8.29 -21.46 -27.31
CA SER D 237 8.38 -20.02 -27.06
C SER D 237 8.62 -19.71 -25.58
N LEU D 238 7.97 -20.44 -24.67
CA LEU D 238 7.98 -20.09 -23.25
C LEU D 238 8.38 -21.30 -22.41
N PHE D 239 9.68 -21.49 -22.21
CA PHE D 239 10.13 -22.41 -21.17
C PHE D 239 9.69 -21.91 -19.80
N PHE D 240 9.55 -20.60 -19.65
CA PHE D 240 9.42 -19.97 -18.35
C PHE D 240 9.22 -18.47 -18.55
N PHE D 241 8.40 -17.84 -17.73
CA PHE D 241 8.21 -16.41 -17.85
C PHE D 241 7.72 -15.84 -16.53
N LEU D 242 8.01 -14.56 -16.31
CA LEU D 242 7.49 -13.78 -15.21
C LEU D 242 7.06 -12.43 -15.75
N ARG D 243 6.10 -11.81 -15.08
CA ARG D 243 5.57 -10.53 -15.52
C ARG D 243 5.00 -9.77 -14.34
N ARG D 244 5.18 -8.45 -14.34
CA ARG D 244 4.63 -7.60 -13.30
C ARG D 244 4.36 -6.22 -13.90
N GLU D 245 3.08 -5.90 -14.10
CA GLU D 245 2.65 -4.64 -14.67
C GLU D 245 1.88 -3.86 -13.61
N GLN D 246 1.93 -2.53 -13.71
CA GLN D 246 1.08 -1.70 -12.86
C GLN D 246 1.00 -0.28 -13.40
N MET D 247 -0.16 0.33 -13.20
CA MET D 247 -0.35 1.73 -13.55
C MET D 247 -1.65 2.21 -12.92
N PHE D 248 -1.76 3.53 -12.81
CA PHE D 248 -3.02 4.20 -12.49
C PHE D 248 -3.13 5.43 -13.38
N VAL D 249 -4.29 6.08 -13.33
CA VAL D 249 -4.54 7.27 -14.14
C VAL D 249 -4.10 8.49 -13.34
N ARG D 250 -3.10 9.20 -13.87
CA ARG D 250 -2.57 10.39 -13.21
C ARG D 250 -3.35 11.64 -13.58
N HIS D 251 -3.73 11.82 -14.84
CA HIS D 251 -4.47 13.02 -15.26
C HIS D 251 -5.50 12.67 -16.32
N PHE D 252 -6.44 13.60 -16.50
CA PHE D 252 -7.56 13.46 -17.41
C PHE D 252 -7.55 14.65 -18.37
N PHE D 253 -7.46 14.36 -19.67
CA PHE D 253 -7.44 15.38 -20.71
C PHE D 253 -8.44 15.01 -21.78
N ASN D 254 -8.62 15.91 -22.76
CA ASN D 254 -9.36 15.60 -23.97
C ASN D 254 -8.56 16.08 -25.17
N ARG D 255 -8.98 15.63 -26.36
CA ARG D 255 -8.25 15.85 -27.59
C ARG D 255 -8.82 17.06 -28.34
N ALA D 256 -7.93 17.80 -28.99
CA ALA D 256 -8.34 18.75 -30.00
C ALA D 256 -8.54 18.04 -31.33
N GLY D 257 -9.28 18.68 -32.22
CA GLY D 257 -9.63 18.10 -33.51
C GLY D 257 -11.10 17.69 -33.55
N LYS D 258 -11.55 17.41 -34.78
CA LYS D 258 -12.95 17.05 -34.98
C LYS D 258 -13.26 15.72 -34.30
N LEU D 259 -14.44 15.64 -33.69
CA LEU D 259 -14.90 14.41 -33.08
C LEU D 259 -15.50 13.53 -34.17
N GLY D 260 -14.89 12.38 -34.41
CA GLY D 260 -15.28 11.56 -35.55
C GLY D 260 -16.63 10.88 -35.38
N GLU D 261 -17.02 10.61 -34.14
CA GLU D 261 -18.28 9.92 -33.85
C GLU D 261 -18.99 10.72 -32.76
N ALA D 262 -19.96 11.53 -33.16
CA ALA D 262 -20.64 12.41 -32.23
C ALA D 262 -21.44 11.61 -31.20
N VAL D 263 -21.63 12.20 -30.03
CA VAL D 263 -22.43 11.56 -28.99
C VAL D 263 -23.88 11.45 -29.47
N PRO D 264 -24.50 10.28 -29.42
CA PRO D 264 -25.90 10.18 -29.82
C PRO D 264 -26.78 11.11 -28.99
N ASP D 265 -27.85 11.61 -29.62
CA ASP D 265 -28.70 12.60 -29.00
C ASP D 265 -29.51 12.07 -27.83
N ASP D 266 -29.60 10.75 -27.67
CA ASP D 266 -30.35 10.18 -26.56
C ASP D 266 -29.56 10.10 -25.27
N LEU D 267 -28.30 10.56 -25.27
CA LEU D 267 -27.44 10.51 -24.09
C LEU D 267 -27.26 11.87 -23.43
N TYR D 268 -27.96 12.90 -23.90
CA TYR D 268 -27.83 14.21 -23.29
C TYR D 268 -28.94 15.12 -23.82
N ILE D 269 -29.19 16.18 -23.08
CA ILE D 269 -30.11 17.24 -23.49
C ILE D 269 -29.28 18.37 -24.05
N LYS D 270 -29.60 18.81 -25.27
CA LYS D 270 -28.79 19.81 -25.95
C LYS D 270 -28.66 21.08 -25.10
N GLY D 271 -27.52 21.74 -25.25
CA GLY D 271 -27.29 23.03 -24.63
C GLY D 271 -27.82 24.17 -25.46
N SER D 272 -27.46 25.38 -25.04
CA SER D 272 -27.92 26.58 -25.73
C SER D 272 -27.05 27.76 -25.33
N GLY D 273 -26.97 28.73 -26.23
CA GLY D 273 -26.14 29.90 -25.99
C GLY D 273 -24.71 29.52 -25.64
N ASN D 274 -24.31 29.85 -24.41
CA ASN D 274 -22.96 29.55 -23.96
C ASN D 274 -22.59 28.07 -24.16
N THR D 275 -23.56 27.17 -24.00
CA THR D 275 -23.32 25.74 -24.06
C THR D 275 -23.80 25.12 -25.38
N ALA D 276 -23.98 25.95 -26.42
CA ALA D 276 -24.58 25.45 -27.67
C ALA D 276 -23.62 24.54 -28.43
N VAL D 277 -22.33 24.84 -28.40
CA VAL D 277 -21.33 24.09 -29.17
C VAL D 277 -20.71 23.06 -28.23
N ILE D 278 -21.03 21.78 -28.47
CA ILE D 278 -20.63 20.71 -27.56
C ILE D 278 -19.11 20.54 -27.59
N GLN D 279 -18.53 20.31 -26.42
CA GLN D 279 -17.10 20.06 -26.33
C GLN D 279 -16.78 18.62 -26.73
N SER D 280 -15.49 18.34 -26.86
CA SER D 280 -15.05 17.04 -27.34
C SER D 280 -15.03 16.02 -26.21
N SER D 281 -15.73 14.90 -26.42
CA SER D 281 -15.68 13.76 -25.52
C SER D 281 -14.59 12.76 -25.91
N ALA D 282 -13.64 13.18 -26.74
CA ALA D 282 -12.47 12.36 -27.06
C ALA D 282 -11.49 12.46 -25.89
N PHE D 283 -11.81 11.75 -24.83
CA PHE D 283 -11.00 11.79 -23.62
C PHE D 283 -9.80 10.87 -23.75
N PHE D 284 -8.78 11.14 -22.92
CA PHE D 284 -7.67 10.22 -22.82
C PHE D 284 -6.96 10.47 -21.50
N PRO D 285 -6.51 9.44 -20.80
CA PRO D 285 -5.79 9.67 -19.55
C PRO D 285 -4.28 9.68 -19.76
N THR D 286 -3.55 10.24 -18.80
CA THR D 286 -2.13 9.96 -18.76
C THR D 286 -1.87 8.88 -17.72
N PRO D 287 -1.01 7.90 -18.02
CA PRO D 287 -0.71 6.86 -17.04
C PRO D 287 0.33 7.32 -16.04
N SER D 288 0.50 6.50 -15.01
CA SER D 288 1.64 6.59 -14.11
C SER D 288 1.96 5.19 -13.61
N GLY D 289 3.24 4.81 -13.67
CA GLY D 289 3.65 3.52 -13.17
C GLY D 289 3.79 3.43 -11.67
N SER D 290 3.66 4.56 -10.98
CA SER D 290 3.76 4.58 -9.52
C SER D 290 5.17 4.20 -9.09
N ILE D 291 5.31 3.60 -7.90
CA ILE D 291 6.61 3.46 -7.27
C ILE D 291 7.32 2.21 -7.79
N VAL D 292 8.66 2.29 -7.85
CA VAL D 292 9.52 1.14 -8.08
C VAL D 292 10.19 0.79 -6.77
N THR D 293 10.27 -0.51 -6.46
CA THR D 293 10.82 -0.97 -5.20
C THR D 293 11.66 -2.21 -5.42
N SER D 294 12.71 -2.37 -4.61
CA SER D 294 13.57 -3.55 -4.71
C SER D 294 12.77 -4.83 -4.50
N GLU D 295 11.86 -4.84 -3.53
CA GLU D 295 11.16 -6.07 -3.17
C GLU D 295 10.30 -6.60 -4.31
N SER D 296 10.01 -5.80 -5.31
CA SER D 296 9.20 -6.21 -6.45
C SER D 296 10.05 -6.65 -7.64
N GLN D 297 11.36 -6.68 -7.50
CA GLN D 297 12.24 -6.98 -8.62
C GLN D 297 12.08 -8.42 -9.09
N LEU D 298 12.04 -8.61 -10.40
CA LEU D 298 12.07 -9.93 -11.00
C LEU D 298 13.48 -10.39 -11.34
N PHE D 299 14.47 -9.51 -11.28
CA PHE D 299 15.79 -9.77 -11.82
C PHE D 299 16.81 -9.86 -10.70
N ASN D 300 18.06 -10.16 -11.08
CA ASN D 300 19.15 -10.38 -10.13
C ASN D 300 18.82 -11.52 -9.16
N LYS D 301 18.11 -12.53 -9.65
CA LYS D 301 17.81 -13.72 -8.87
C LYS D 301 17.80 -14.92 -9.81
N PRO D 302 18.15 -16.11 -9.32
CA PRO D 302 18.20 -17.28 -10.20
C PRO D 302 16.83 -17.88 -10.47
N TYR D 303 16.62 -18.27 -11.72
CA TYR D 303 15.47 -19.08 -12.11
C TYR D 303 15.96 -20.48 -12.41
N TRP D 304 15.35 -21.47 -11.76
CA TRP D 304 15.68 -22.87 -11.99
C TRP D 304 14.63 -23.47 -12.90
N LEU D 305 15.02 -23.79 -14.13
CA LEU D 305 14.08 -24.30 -15.14
C LEU D 305 13.99 -25.82 -15.04
N GLN D 306 13.34 -26.26 -13.96
CA GLN D 306 13.24 -27.69 -13.68
C GLN D 306 12.19 -28.37 -14.55
N ARG D 307 10.94 -27.88 -14.48
CA ARG D 307 9.84 -28.50 -15.21
C ARG D 307 9.01 -27.41 -15.85
N ALA D 308 9.12 -27.29 -17.18
CA ALA D 308 8.33 -26.32 -17.92
C ALA D 308 6.86 -26.77 -17.98
N GLN D 309 5.99 -25.80 -18.24
CA GLN D 309 4.56 -26.11 -18.39
C GLN D 309 4.27 -26.73 -19.76
N GLY D 310 5.04 -26.36 -20.79
CA GLY D 310 4.90 -26.95 -22.09
C GLY D 310 5.68 -28.24 -22.23
N HIS D 311 5.70 -28.76 -23.46
CA HIS D 311 6.35 -30.04 -23.72
C HIS D 311 7.86 -29.92 -23.91
N ASN D 312 8.35 -28.73 -24.27
CA ASN D 312 9.80 -28.52 -24.40
C ASN D 312 10.32 -28.08 -23.05
N ASN D 313 10.95 -29.02 -22.33
CA ASN D 313 11.43 -28.75 -20.98
C ASN D 313 12.84 -28.15 -21.02
N GLY D 314 12.94 -27.03 -21.73
CA GLY D 314 14.18 -26.27 -21.77
C GLY D 314 15.20 -26.73 -22.81
N ILE D 315 14.77 -27.43 -23.85
CA ILE D 315 15.69 -27.95 -24.86
C ILE D 315 15.99 -26.86 -25.86
N CYS D 316 17.28 -26.52 -25.99
CA CYS D 316 17.70 -25.42 -26.87
C CYS D 316 18.02 -25.97 -28.26
N TRP D 317 16.95 -26.31 -28.99
CA TRP D 317 17.10 -26.78 -30.36
C TRP D 317 17.84 -25.72 -31.18
N GLY D 318 18.59 -26.19 -32.18
CA GLY D 318 19.38 -25.29 -33.00
C GLY D 318 20.51 -24.61 -32.28
N ASN D 319 20.79 -25.00 -31.03
CA ASN D 319 21.94 -24.47 -30.29
C ASN D 319 21.81 -22.96 -30.09
N GLN D 320 20.59 -22.51 -29.79
CA GLN D 320 20.34 -21.10 -29.54
C GLN D 320 19.26 -20.98 -28.46
N LEU D 321 19.17 -19.78 -27.92
CA LEU D 321 18.22 -19.48 -26.85
C LEU D 321 17.85 -18.01 -26.97
N PHE D 322 16.59 -17.69 -26.67
CA PHE D 322 16.10 -16.32 -26.71
C PHE D 322 15.67 -15.90 -25.31
N VAL D 323 16.26 -14.83 -24.81
CA VAL D 323 15.89 -14.23 -23.53
C VAL D 323 15.32 -12.86 -23.82
N THR D 324 14.05 -12.65 -23.48
CA THR D 324 13.36 -11.40 -23.72
C THR D 324 13.10 -10.72 -22.38
N VAL D 325 13.39 -9.42 -22.31
CA VAL D 325 13.26 -8.67 -21.07
C VAL D 325 12.65 -7.31 -21.36
N VAL D 326 11.71 -6.92 -20.51
CA VAL D 326 11.32 -5.53 -20.34
C VAL D 326 11.54 -5.18 -18.88
N ASP D 327 12.16 -4.04 -18.61
CA ASP D 327 12.42 -3.62 -17.24
C ASP D 327 12.40 -2.10 -17.21
N THR D 328 11.25 -1.52 -16.84
CA THR D 328 11.12 -0.07 -16.72
C THR D 328 11.54 0.44 -15.34
N THR D 329 11.99 -0.43 -14.45
CA THR D 329 12.32 -0.05 -13.08
C THR D 329 13.69 0.59 -12.96
N ARG D 330 14.44 0.71 -14.06
CA ARG D 330 15.71 1.41 -14.10
C ARG D 330 15.72 2.41 -15.25
N SER D 331 14.58 3.07 -15.47
CA SER D 331 14.36 3.88 -16.66
C SER D 331 14.82 5.32 -16.49
N THR D 332 15.64 5.61 -15.47
CA THR D 332 16.18 6.94 -15.29
C THR D 332 16.84 7.42 -16.58
N ASN D 333 16.52 8.65 -16.97
CA ASN D 333 17.19 9.31 -18.08
C ASN D 333 18.09 10.41 -17.51
N MET D 334 19.38 10.31 -17.79
CA MET D 334 20.35 11.24 -17.22
C MET D 334 20.35 12.56 -17.98
N THR D 335 20.46 13.66 -17.25
CA THR D 335 20.62 14.98 -17.84
C THR D 335 22.10 15.27 -18.03
N LEU D 336 22.47 15.69 -19.24
CA LEU D 336 23.81 16.15 -19.55
C LEU D 336 23.74 17.59 -20.06
N CYS D 337 24.66 18.42 -19.60
CA CYS D 337 24.70 19.82 -19.98
C CYS D 337 26.13 20.23 -20.32
N THR D 338 26.32 20.84 -21.48
CA THR D 338 27.61 21.34 -21.91
C THR D 338 27.62 22.86 -21.85
N GLU D 339 28.79 23.41 -21.54
CA GLU D 339 28.99 24.86 -21.48
C GLU D 339 29.65 25.30 -22.78
N VAL D 340 28.88 25.98 -23.62
CA VAL D 340 29.43 26.51 -24.87
C VAL D 340 30.36 27.67 -24.60
N THR D 341 29.96 28.58 -23.70
CA THR D 341 30.74 29.75 -23.38
C THR D 341 30.77 29.92 -21.86
N LYS D 342 31.97 30.02 -21.30
CA LYS D 342 32.16 30.16 -19.87
C LYS D 342 32.16 31.64 -19.52
N GLU D 343 31.19 32.07 -18.71
CA GLU D 343 31.08 33.45 -18.30
C GLU D 343 30.78 33.51 -16.80
N GLY D 344 30.99 34.70 -16.23
CA GLY D 344 30.87 34.87 -14.79
C GLY D 344 29.44 34.83 -14.27
N THR D 345 28.47 35.11 -15.13
CA THR D 345 27.06 35.06 -14.76
C THR D 345 26.33 34.10 -15.68
N TYR D 346 25.19 33.60 -15.18
CA TYR D 346 24.46 32.55 -15.86
C TYR D 346 23.66 33.12 -17.04
N LYS D 347 23.79 32.47 -18.20
CA LYS D 347 23.01 32.82 -19.37
C LYS D 347 22.58 31.53 -20.07
N ASN D 348 21.28 31.40 -20.32
CA ASN D 348 20.75 30.17 -20.91
C ASN D 348 21.44 29.83 -22.22
N ASP D 349 21.68 30.83 -23.07
CA ASP D 349 22.28 30.59 -24.38
C ASP D 349 23.70 30.05 -24.31
N ASN D 350 24.32 30.05 -23.13
CA ASN D 350 25.68 29.53 -22.99
C ASN D 350 25.72 28.02 -22.75
N PHE D 351 24.57 27.34 -22.73
CA PHE D 351 24.54 25.93 -22.40
C PHE D 351 23.68 25.15 -23.39
N LYS D 352 23.97 23.85 -23.52
CA LYS D 352 23.20 22.92 -24.31
C LYS D 352 22.78 21.75 -23.43
N GLU D 353 21.51 21.34 -23.53
CA GLU D 353 20.95 20.29 -22.71
C GLU D 353 20.75 19.03 -23.54
N TYR D 354 21.17 17.89 -22.98
CA TYR D 354 21.02 16.60 -23.62
C TYR D 354 20.40 15.62 -22.64
N VAL D 355 19.83 14.54 -23.19
CA VAL D 355 19.29 13.44 -22.40
C VAL D 355 19.90 12.15 -22.89
N ARG D 356 20.30 11.29 -21.95
CA ARG D 356 20.88 9.99 -22.28
C ARG D 356 20.32 8.93 -21.34
N HIS D 357 20.17 7.73 -21.87
CA HIS D 357 19.74 6.58 -21.08
C HIS D 357 20.69 5.42 -21.33
N VAL D 358 20.91 4.62 -20.29
CA VAL D 358 21.82 3.49 -20.36
C VAL D 358 21.11 2.26 -19.81
N GLU D 359 21.56 1.09 -20.28
CA GLU D 359 21.07 -0.20 -19.79
C GLU D 359 22.25 -1.13 -19.60
N GLU D 360 22.32 -1.77 -18.44
CA GLU D 360 23.41 -2.67 -18.09
C GLU D 360 22.82 -4.04 -17.79
N TYR D 361 23.27 -5.05 -18.54
CA TYR D 361 22.81 -6.42 -18.39
C TYR D 361 23.99 -7.35 -18.12
N ASP D 362 23.69 -8.49 -17.51
CA ASP D 362 24.69 -9.54 -17.29
C ASP D 362 23.94 -10.86 -17.27
N LEU D 363 23.91 -11.55 -18.41
CA LEU D 363 23.16 -12.78 -18.56
C LEU D 363 24.01 -13.97 -18.14
N GLN D 364 23.47 -14.78 -17.23
CA GLN D 364 24.18 -15.91 -16.64
C GLN D 364 23.34 -17.18 -16.82
N PHE D 365 24.01 -18.27 -17.20
CA PHE D 365 23.30 -19.50 -17.56
C PHE D 365 24.00 -20.71 -16.96
N VAL D 366 23.20 -21.75 -16.69
CA VAL D 366 23.69 -23.10 -16.46
C VAL D 366 23.01 -24.00 -17.48
N PHE D 367 23.79 -24.77 -18.22
CA PHE D 367 23.29 -25.66 -19.25
C PHE D 367 23.63 -27.10 -18.89
N GLN D 368 22.75 -28.01 -19.34
CA GLN D 368 22.91 -29.44 -19.08
C GLN D 368 22.98 -30.16 -20.42
N LEU D 369 24.05 -30.92 -20.63
CA LEU D 369 24.20 -31.66 -21.87
C LEU D 369 23.20 -32.80 -21.93
N CYS D 370 22.57 -32.97 -23.10
CA CYS D 370 21.59 -34.01 -23.32
C CYS D 370 21.95 -34.79 -24.58
N LYS D 371 21.50 -36.03 -24.63
CA LYS D 371 21.72 -36.92 -25.77
C LYS D 371 20.39 -37.48 -26.23
N ILE D 372 20.24 -37.66 -27.54
CA ILE D 372 19.04 -38.20 -28.14
C ILE D 372 19.43 -39.38 -29.02
N THR D 373 18.84 -40.55 -28.75
CA THR D 373 19.04 -41.71 -29.59
C THR D 373 18.07 -41.63 -30.78
N LEU D 374 18.62 -41.56 -31.99
CA LEU D 374 17.81 -41.29 -33.17
C LEU D 374 17.32 -42.59 -33.79
N THR D 375 16.30 -43.16 -33.15
CA THR D 375 15.60 -44.31 -33.70
C THR D 375 14.68 -43.86 -34.84
N ALA D 376 14.13 -44.84 -35.54
CA ALA D 376 13.21 -44.53 -36.64
C ALA D 376 12.00 -43.75 -36.11
N GLU D 377 11.49 -44.13 -34.94
CA GLU D 377 10.33 -43.44 -34.39
C GLU D 377 10.67 -42.02 -33.98
N ILE D 378 11.80 -41.82 -33.32
CA ILE D 378 12.18 -40.48 -32.87
C ILE D 378 12.54 -39.60 -34.06
N MET D 379 13.21 -40.17 -35.06
CA MET D 379 13.56 -39.38 -36.25
C MET D 379 12.30 -38.86 -36.94
N THR D 380 11.27 -39.70 -37.06
CA THR D 380 10.02 -39.25 -37.66
C THR D 380 9.39 -38.14 -36.84
N TYR D 381 9.43 -38.25 -35.51
CA TYR D 381 8.84 -37.22 -34.65
C TYR D 381 9.56 -35.90 -34.79
N ILE D 382 10.89 -35.92 -34.74
CA ILE D 382 11.66 -34.67 -34.82
C ILE D 382 11.53 -34.05 -36.21
N HIS D 383 11.47 -34.88 -37.25
CA HIS D 383 11.34 -34.33 -38.61
C HIS D 383 10.02 -33.57 -38.75
N THR D 384 8.94 -34.12 -38.21
CA THR D 384 7.66 -33.42 -38.25
C THR D 384 7.69 -32.17 -37.38
N MET D 385 8.43 -32.21 -36.26
CA MET D 385 8.53 -31.05 -35.39
C MET D 385 9.31 -29.94 -36.07
N ASP D 386 10.50 -30.25 -36.57
CA ASP D 386 11.35 -29.24 -37.23
C ASP D 386 12.37 -30.00 -38.07
N SER D 387 12.21 -29.95 -39.40
CA SER D 387 13.10 -30.68 -40.30
C SER D 387 14.54 -30.17 -40.24
N ASN D 388 14.74 -28.90 -39.84
CA ASN D 388 16.10 -28.37 -39.78
C ASN D 388 16.93 -29.08 -38.73
N ILE D 389 16.30 -29.63 -37.69
CA ILE D 389 17.05 -30.27 -36.60
C ILE D 389 17.89 -31.42 -37.13
N LEU D 390 17.25 -32.35 -37.85
CA LEU D 390 17.99 -33.49 -38.38
C LEU D 390 18.97 -33.07 -39.45
N GLU D 391 18.58 -32.13 -40.31
CA GLU D 391 19.49 -31.64 -41.35
C GLU D 391 20.73 -31.02 -40.73
N ASP D 392 20.55 -30.12 -39.76
CA ASP D 392 21.69 -29.48 -39.13
C ASP D 392 22.57 -30.50 -38.40
N TRP D 393 21.98 -31.60 -37.93
CA TRP D 393 22.77 -32.66 -37.32
C TRP D 393 23.51 -33.50 -38.35
N GLN D 394 23.13 -33.42 -39.62
CA GLN D 394 23.74 -34.24 -40.66
C GLN D 394 23.53 -35.73 -40.37
N PHE D 395 22.28 -36.09 -40.07
CA PHE D 395 21.94 -37.45 -39.70
C PHE D 395 20.89 -38.02 -40.65
N ASP D 430 18.71 -18.79 -42.81
CA ASP D 430 17.98 -18.77 -41.55
C ASP D 430 16.85 -17.73 -41.61
N PRO D 431 15.60 -18.14 -41.41
CA PRO D 431 14.47 -17.20 -41.53
C PRO D 431 14.43 -16.15 -40.44
N LEU D 432 15.27 -16.25 -39.40
CA LEU D 432 15.30 -15.25 -38.34
C LEU D 432 16.29 -14.13 -38.61
N ASN D 433 17.10 -14.23 -39.67
CA ASN D 433 18.11 -13.21 -39.94
C ASN D 433 17.50 -11.92 -40.45
N LYS D 434 16.25 -11.96 -40.92
CA LYS D 434 15.56 -10.72 -41.31
C LYS D 434 15.13 -9.90 -40.10
N TYR D 435 15.26 -10.44 -38.90
CA TYR D 435 14.86 -9.75 -37.67
C TYR D 435 16.08 -9.23 -36.93
N THR D 436 15.85 -8.26 -36.06
CA THR D 436 16.90 -7.63 -35.27
C THR D 436 16.85 -8.15 -33.84
N PHE D 437 17.99 -8.68 -33.38
CA PHE D 437 18.14 -9.11 -31.99
C PHE D 437 19.48 -8.61 -31.46
N TRP D 438 19.60 -8.63 -30.14
CA TRP D 438 20.88 -8.37 -29.48
C TRP D 438 21.63 -9.70 -29.44
N GLU D 439 22.65 -9.83 -30.28
CA GLU D 439 23.39 -11.08 -30.40
C GLU D 439 24.31 -11.27 -29.20
N VAL D 440 24.20 -12.42 -28.55
CA VAL D 440 25.04 -12.78 -27.41
C VAL D 440 25.73 -14.10 -27.77
N ASN D 441 27.02 -14.03 -28.05
CA ASN D 441 27.78 -15.20 -28.50
C ASN D 441 28.45 -15.85 -27.29
N LEU D 442 27.97 -17.04 -26.92
CA LEU D 442 28.56 -17.84 -25.85
C LEU D 442 29.33 -19.03 -26.38
N LYS D 443 29.72 -19.02 -27.66
CA LYS D 443 30.40 -20.18 -28.24
C LYS D 443 31.74 -20.44 -27.55
N GLU D 444 32.43 -19.37 -27.13
CA GLU D 444 33.73 -19.49 -26.46
C GLU D 444 33.63 -19.19 -24.97
N LYS D 445 32.42 -19.21 -24.40
CA LYS D 445 32.21 -18.81 -23.01
C LYS D 445 31.83 -19.97 -22.10
N PHE D 446 31.65 -21.18 -22.64
CA PHE D 446 31.25 -22.32 -21.83
C PHE D 446 32.40 -22.77 -20.94
N SER D 447 32.10 -23.00 -19.66
CA SER D 447 33.08 -23.49 -18.70
C SER D 447 32.45 -24.58 -17.85
N ALA D 448 33.20 -25.66 -17.63
CA ALA D 448 32.75 -26.77 -16.80
C ALA D 448 32.99 -26.54 -15.31
N ASP D 449 33.76 -25.50 -14.94
CA ASP D 449 34.07 -25.22 -13.55
C ASP D 449 32.96 -24.32 -12.99
N LEU D 450 31.84 -24.95 -12.64
CA LEU D 450 30.67 -24.20 -12.21
C LEU D 450 30.94 -23.38 -10.95
N ASP D 451 31.65 -23.96 -9.98
CA ASP D 451 31.82 -23.30 -8.70
C ASP D 451 32.74 -22.08 -8.78
N GLN D 452 33.27 -21.74 -9.94
CA GLN D 452 34.07 -20.53 -10.11
C GLN D 452 33.22 -19.32 -10.49
N PHE D 453 31.91 -19.48 -10.62
CA PHE D 453 31.03 -18.41 -11.05
C PHE D 453 29.82 -18.31 -10.13
N PRO D 454 29.25 -17.11 -9.97
CA PRO D 454 28.16 -16.93 -9.01
C PRO D 454 26.99 -17.88 -9.22
N LEU D 455 26.40 -17.87 -10.40
CA LEU D 455 25.24 -18.72 -10.66
C LEU D 455 25.60 -20.20 -10.58
N GLY D 456 26.84 -20.56 -10.95
CA GLY D 456 27.27 -21.94 -10.81
C GLY D 456 27.25 -22.40 -9.37
N ARG D 457 27.77 -21.57 -8.46
CA ARG D 457 27.76 -21.92 -7.05
C ARG D 457 26.33 -22.04 -6.53
N LYS D 458 25.43 -21.17 -7.00
CA LYS D 458 24.03 -21.27 -6.60
C LYS D 458 23.41 -22.56 -7.12
N PHE D 459 23.76 -22.98 -8.33
CA PHE D 459 23.23 -24.22 -8.87
C PHE D 459 23.68 -25.42 -8.06
N LEU D 460 24.98 -25.50 -7.77
CA LEU D 460 25.50 -26.62 -6.98
C LEU D 460 24.84 -26.67 -5.61
N LEU D 461 24.62 -25.50 -5.00
CA LEU D 461 23.94 -25.47 -3.71
C LEU D 461 22.47 -25.87 -3.84
N GLN D 462 21.81 -25.41 -4.90
CA GLN D 462 20.40 -25.75 -5.12
C GLN D 462 20.22 -27.25 -5.29
N SER D 463 20.99 -27.85 -6.19
CA SER D 463 20.82 -29.27 -6.51
C SER D 463 21.45 -30.20 -5.50
N GLY D 464 22.21 -29.67 -4.53
CA GLY D 464 22.92 -30.51 -3.59
C GLY D 464 24.21 -31.09 -4.11
N LEU D 465 24.55 -30.85 -5.37
CA LEU D 465 25.79 -31.35 -5.96
C LEU D 465 27.01 -30.76 -5.25
N LYS E 12 -34.98 -32.24 1.56
CA LYS E 12 -35.51 -32.14 0.21
C LYS E 12 -34.37 -32.22 -0.82
N VAL E 13 -33.49 -31.21 -0.79
CA VAL E 13 -32.39 -31.12 -1.75
C VAL E 13 -31.18 -31.86 -1.19
N VAL E 14 -30.48 -32.59 -2.07
CA VAL E 14 -29.29 -33.34 -1.69
C VAL E 14 -28.16 -32.97 -2.64
N SER E 15 -26.94 -33.25 -2.20
CA SER E 15 -25.77 -32.99 -3.04
C SER E 15 -25.76 -33.91 -4.25
N THR E 16 -25.23 -33.38 -5.36
CA THR E 16 -25.07 -34.19 -6.56
C THR E 16 -24.11 -35.34 -6.33
N ASP E 17 -23.23 -35.25 -5.33
CA ASP E 17 -22.32 -36.35 -5.02
C ASP E 17 -23.05 -37.60 -4.55
N GLU E 18 -24.32 -37.49 -4.18
CA GLU E 18 -25.08 -38.63 -3.67
C GLU E 18 -25.81 -39.41 -4.76
N TYR E 19 -26.00 -38.82 -5.95
CA TYR E 19 -26.68 -39.53 -7.02
C TYR E 19 -26.00 -39.35 -8.37
N VAL E 20 -24.85 -38.70 -8.45
CA VAL E 20 -24.07 -38.57 -9.67
C VAL E 20 -22.76 -39.33 -9.47
N SER E 21 -22.53 -40.34 -10.30
CA SER E 21 -21.35 -41.18 -10.19
C SER E 21 -20.26 -40.67 -11.13
N ARG E 22 -19.06 -40.49 -10.57
CA ARG E 22 -17.93 -39.96 -11.33
C ARG E 22 -17.19 -41.09 -12.02
N THR E 23 -16.74 -40.82 -13.23
CA THR E 23 -15.90 -41.74 -13.98
C THR E 23 -14.48 -41.18 -14.06
N SER E 24 -13.56 -42.01 -14.56
CA SER E 24 -12.20 -41.59 -14.79
C SER E 24 -11.98 -40.95 -16.15
N ILE E 25 -13.06 -40.67 -16.88
CA ILE E 25 -12.98 -40.10 -18.22
C ILE E 25 -12.99 -38.58 -18.09
N TYR E 26 -11.99 -37.93 -18.69
CA TYR E 26 -11.87 -36.48 -18.69
C TYR E 26 -11.70 -35.99 -20.12
N TYR E 27 -12.20 -34.78 -20.38
CA TYR E 27 -12.09 -34.16 -21.69
C TYR E 27 -11.70 -32.70 -21.53
N TYR E 28 -10.96 -32.19 -22.51
CA TYR E 28 -10.60 -30.78 -22.57
C TYR E 28 -11.39 -30.09 -23.66
N ALA E 29 -11.67 -28.80 -23.45
CA ALA E 29 -12.36 -27.99 -24.44
C ALA E 29 -11.88 -26.55 -24.30
N GLY E 30 -11.54 -25.94 -25.42
CA GLY E 30 -11.09 -24.56 -25.43
C GLY E 30 -11.81 -23.76 -26.49
N SER E 31 -12.13 -22.51 -26.16
CA SER E 31 -12.86 -21.64 -27.08
C SER E 31 -11.96 -21.01 -28.14
N SER E 32 -10.64 -21.08 -27.97
CA SER E 32 -9.72 -20.29 -28.79
C SER E 32 -9.99 -18.81 -28.57
N ARG E 33 -9.26 -17.95 -29.27
CA ARG E 33 -9.31 -16.52 -28.99
C ARG E 33 -10.68 -15.94 -29.31
N LEU E 34 -11.24 -15.19 -28.36
CA LEU E 34 -12.48 -14.46 -28.54
C LEU E 34 -12.18 -12.97 -28.50
N LEU E 35 -12.68 -12.23 -29.48
CA LEU E 35 -12.40 -10.80 -29.61
C LEU E 35 -13.68 -10.00 -29.74
N ALA E 36 -13.71 -8.86 -29.07
CA ALA E 36 -14.76 -7.86 -29.23
C ALA E 36 -14.11 -6.51 -29.46
N VAL E 37 -14.59 -5.77 -30.46
CA VAL E 37 -14.01 -4.47 -30.83
C VAL E 37 -15.15 -3.50 -31.06
N GLY E 38 -15.13 -2.38 -30.35
CA GLY E 38 -16.16 -1.38 -30.54
C GLY E 38 -15.84 -0.10 -29.82
N ASN E 39 -16.86 0.77 -29.73
CA ASN E 39 -16.77 2.05 -29.06
C ASN E 39 -17.12 1.88 -27.59
N PRO E 40 -16.31 2.38 -26.65
CA PRO E 40 -16.58 2.12 -25.23
C PRO E 40 -17.77 2.89 -24.68
N TYR E 41 -18.19 3.97 -25.35
CA TYR E 41 -19.20 4.86 -24.78
C TYR E 41 -20.60 4.61 -25.33
N PHE E 42 -20.73 4.15 -26.57
CA PHE E 42 -22.04 3.94 -27.16
C PHE E 42 -21.89 3.14 -28.44
N SER E 43 -22.95 2.44 -28.81
CA SER E 43 -23.00 1.78 -30.10
C SER E 43 -23.38 2.78 -31.19
N ILE E 44 -22.93 2.51 -32.41
CA ILE E 44 -23.24 3.33 -33.56
C ILE E 44 -24.16 2.54 -34.47
N LYS E 45 -25.32 3.10 -34.78
CA LYS E 45 -26.32 2.45 -35.61
C LYS E 45 -26.24 2.95 -37.05
N SER E 46 -26.87 2.20 -37.94
CA SER E 46 -26.93 2.56 -39.35
C SER E 46 -28.30 3.13 -39.67
N PRO E 47 -28.42 4.38 -40.11
CA PRO E 47 -29.75 4.88 -40.47
C PRO E 47 -30.11 4.45 -41.90
N ASN E 48 -31.39 4.17 -42.12
CA ASN E 48 -32.48 4.40 -41.16
C ASN E 48 -32.60 3.30 -40.12
N ASN E 49 -31.95 2.16 -40.35
CA ASN E 49 -32.10 1.01 -39.47
C ASN E 49 -31.48 1.35 -38.11
N ASN E 50 -32.26 2.07 -37.30
CA ASN E 50 -31.88 2.37 -35.92
C ASN E 50 -31.74 1.10 -35.09
N LYS E 51 -31.97 -0.06 -35.71
CA LYS E 51 -31.85 -1.34 -35.02
C LYS E 51 -30.68 -2.18 -35.54
N LYS E 52 -29.97 -1.71 -36.57
CA LYS E 52 -28.79 -2.38 -37.09
C LYS E 52 -27.55 -1.73 -36.50
N VAL E 53 -26.75 -2.52 -35.80
CA VAL E 53 -25.54 -2.02 -35.15
C VAL E 53 -24.37 -2.19 -36.10
N LEU E 54 -23.77 -1.07 -36.50
CA LEU E 54 -22.54 -1.10 -37.29
C LEU E 54 -21.30 -1.23 -36.40
N VAL E 55 -21.26 -0.47 -35.31
CA VAL E 55 -20.17 -0.51 -34.35
C VAL E 55 -20.77 -0.84 -32.99
N PRO E 56 -20.46 -1.98 -32.39
CA PRO E 56 -21.03 -2.31 -31.09
C PRO E 56 -20.39 -1.50 -29.97
N LYS E 57 -21.06 -1.49 -28.83
CA LYS E 57 -20.53 -0.88 -27.61
C LYS E 57 -19.71 -1.95 -26.88
N VAL E 58 -18.40 -1.72 -26.79
CA VAL E 58 -17.48 -2.67 -26.16
C VAL E 58 -16.69 -1.89 -25.12
N SER E 59 -16.83 -2.28 -23.86
CA SER E 59 -16.27 -1.53 -22.75
C SER E 59 -15.77 -2.49 -21.67
N GLY E 60 -14.69 -2.08 -21.00
CA GLY E 60 -14.19 -2.81 -19.86
C GLY E 60 -15.14 -2.81 -18.67
N LEU E 61 -16.18 -1.98 -18.70
CA LEU E 61 -17.17 -1.92 -17.63
C LEU E 61 -18.41 -2.75 -17.95
N GLN E 62 -18.31 -3.64 -18.94
CA GLN E 62 -19.43 -4.50 -19.31
C GLN E 62 -19.27 -5.89 -18.72
N TYR E 63 -20.39 -6.49 -18.32
CA TYR E 63 -20.41 -7.92 -18.05
C TYR E 63 -20.22 -8.68 -19.34
N ARG E 64 -19.38 -9.71 -19.28
CA ARG E 64 -19.31 -10.72 -20.33
C ARG E 64 -19.94 -11.99 -19.79
N VAL E 65 -21.04 -12.40 -20.41
CA VAL E 65 -21.80 -13.58 -19.98
C VAL E 65 -21.72 -14.57 -21.13
N PHE E 66 -20.83 -15.55 -21.00
CA PHE E 66 -20.63 -16.56 -22.04
C PHE E 66 -21.56 -17.74 -21.77
N ARG E 67 -22.36 -18.09 -22.77
CA ARG E 67 -23.21 -19.27 -22.73
C ARG E 67 -22.45 -20.38 -23.45
N VAL E 68 -21.80 -21.24 -22.67
CA VAL E 68 -20.92 -22.28 -23.21
C VAL E 68 -21.77 -23.52 -23.50
N ARG E 69 -21.79 -23.93 -24.77
CA ARG E 69 -22.56 -25.09 -25.21
C ARG E 69 -21.67 -26.32 -25.26
N LEU E 70 -22.09 -27.39 -24.57
CA LEU E 70 -21.32 -28.62 -24.55
C LEU E 70 -22.02 -29.69 -25.38
N PRO E 71 -21.27 -30.64 -25.94
CA PRO E 71 -21.92 -31.74 -26.68
C PRO E 71 -22.66 -32.66 -25.72
N ASP E 72 -23.82 -33.13 -26.16
CA ASP E 72 -24.61 -34.06 -25.38
C ASP E 72 -23.82 -35.35 -25.19
N PRO E 73 -23.41 -35.70 -23.96
CA PRO E 73 -22.63 -36.93 -23.78
C PRO E 73 -23.39 -38.19 -24.12
N ASN E 74 -24.73 -38.17 -24.04
CA ASN E 74 -25.52 -39.32 -24.41
C ASN E 74 -25.59 -39.54 -25.92
N LYS E 75 -25.19 -38.54 -26.71
CA LYS E 75 -25.11 -38.65 -28.16
C LYS E 75 -23.68 -38.43 -28.65
N PHE E 76 -22.69 -38.57 -27.76
CA PHE E 76 -21.31 -38.30 -28.09
C PHE E 76 -20.63 -39.57 -28.58
N GLY E 77 -19.75 -39.41 -29.58
CA GLY E 77 -19.06 -40.56 -30.15
C GLY E 77 -17.88 -41.01 -29.33
N PHE E 78 -18.15 -41.77 -28.26
CA PHE E 78 -17.07 -42.30 -27.44
C PHE E 78 -16.45 -43.53 -28.11
N PRO E 79 -15.14 -43.73 -27.99
CA PRO E 79 -14.53 -44.90 -28.61
C PRO E 79 -14.96 -46.21 -27.98
N ASP E 80 -15.28 -46.20 -26.68
CA ASP E 80 -15.73 -47.40 -25.97
C ASP E 80 -16.79 -46.98 -24.96
N THR E 81 -18.01 -47.48 -25.15
CA THR E 81 -19.13 -47.14 -24.28
C THR E 81 -19.42 -48.22 -23.24
N SER E 82 -18.41 -49.05 -22.92
CA SER E 82 -18.59 -50.12 -21.95
C SER E 82 -18.49 -49.65 -20.50
N PHE E 83 -18.46 -48.33 -20.27
CA PHE E 83 -18.35 -47.78 -18.93
C PHE E 83 -19.70 -47.48 -18.29
N TYR E 84 -20.79 -47.60 -19.04
CA TYR E 84 -22.12 -47.34 -18.49
C TYR E 84 -23.14 -48.13 -19.30
N ASN E 85 -24.36 -48.18 -18.77
CA ASN E 85 -25.46 -48.91 -19.40
C ASN E 85 -26.54 -47.92 -19.85
N PRO E 86 -26.65 -47.63 -21.15
CA PRO E 86 -27.67 -46.67 -21.58
C PRO E 86 -29.09 -47.12 -21.31
N ASP E 87 -29.31 -48.43 -21.06
CA ASP E 87 -30.65 -48.89 -20.73
C ASP E 87 -31.10 -48.38 -19.37
N THR E 88 -30.17 -48.14 -18.45
CA THR E 88 -30.51 -47.73 -17.08
C THR E 88 -29.76 -46.49 -16.61
N GLN E 89 -28.93 -45.87 -17.44
CA GLN E 89 -28.10 -44.75 -17.02
C GLN E 89 -28.08 -43.68 -18.08
N ARG E 90 -27.86 -42.44 -17.64
CA ARG E 90 -27.67 -41.30 -18.52
C ARG E 90 -26.40 -40.58 -18.14
N LEU E 91 -25.83 -39.85 -19.09
CA LEU E 91 -24.55 -39.19 -18.92
C LEU E 91 -24.74 -37.68 -18.82
N VAL E 92 -23.78 -37.03 -18.14
CA VAL E 92 -23.77 -35.58 -18.02
C VAL E 92 -22.33 -35.16 -17.76
N TRP E 93 -21.97 -33.97 -18.22
CA TRP E 93 -20.64 -33.43 -17.99
C TRP E 93 -20.60 -32.71 -16.64
N ALA E 94 -19.41 -32.74 -16.03
CA ALA E 94 -19.14 -31.97 -14.81
C ALA E 94 -17.88 -31.15 -15.05
N CYS E 95 -17.92 -29.88 -14.66
CA CYS E 95 -16.77 -29.01 -14.81
C CYS E 95 -15.87 -29.14 -13.59
N VAL E 96 -14.61 -29.53 -13.82
CA VAL E 96 -13.65 -29.70 -12.75
C VAL E 96 -12.47 -28.73 -12.85
N GLY E 97 -12.28 -28.09 -14.00
CA GLY E 97 -11.18 -27.16 -14.17
C GLY E 97 -11.58 -26.03 -15.09
N LEU E 98 -11.05 -24.84 -14.80
CA LEU E 98 -11.39 -23.66 -15.57
C LEU E 98 -10.22 -22.68 -15.51
N GLU E 99 -9.95 -22.02 -16.63
CA GLU E 99 -9.04 -20.88 -16.67
C GLU E 99 -9.58 -19.86 -17.64
N ILE E 100 -9.71 -18.62 -17.19
CA ILE E 100 -10.23 -17.53 -18.01
C ILE E 100 -9.02 -16.79 -18.58
N GLY E 101 -8.70 -17.08 -19.83
CA GLY E 101 -7.60 -16.40 -20.48
C GLY E 101 -7.96 -14.96 -20.81
N ARG E 102 -7.04 -14.05 -20.54
CA ARG E 102 -7.21 -12.64 -20.85
C ARG E 102 -5.99 -12.16 -21.62
N GLY E 103 -6.22 -11.62 -22.82
CA GLY E 103 -5.18 -10.95 -23.57
C GLY E 103 -5.23 -9.44 -23.37
N GLN E 104 -4.37 -8.75 -24.11
CA GLN E 104 -4.24 -7.30 -24.06
C GLN E 104 -3.56 -6.88 -22.76
N PRO E 105 -2.84 -5.75 -22.76
CA PRO E 105 -2.14 -5.34 -21.54
C PRO E 105 -3.10 -4.84 -20.47
N LEU E 106 -2.60 -4.82 -19.24
CA LEU E 106 -3.32 -4.16 -18.16
C LEU E 106 -3.34 -2.66 -18.42
N GLY E 107 -4.44 -2.02 -18.04
CA GLY E 107 -4.57 -0.59 -18.25
C GLY E 107 -5.92 -0.12 -17.74
N VAL E 108 -6.07 1.20 -17.72
CA VAL E 108 -7.25 1.86 -17.15
C VAL E 108 -7.80 2.84 -18.17
N GLY E 109 -9.09 2.72 -18.47
CA GLY E 109 -9.77 3.68 -19.31
C GLY E 109 -10.54 4.70 -18.48
N VAL E 110 -10.99 5.75 -19.15
CA VAL E 110 -11.74 6.82 -18.51
C VAL E 110 -13.05 7.03 -19.27
N SER E 111 -14.03 7.60 -18.56
CA SER E 111 -15.32 7.93 -19.12
C SER E 111 -15.72 9.33 -18.66
N GLY E 112 -16.56 9.98 -19.45
CA GLY E 112 -16.95 11.33 -19.12
C GLY E 112 -18.24 11.73 -19.80
N HIS E 113 -18.55 13.02 -19.70
CA HIS E 113 -19.76 13.60 -20.25
C HIS E 113 -19.39 15.00 -20.73
N PRO E 114 -19.67 15.35 -22.00
CA PRO E 114 -19.42 16.74 -22.42
C PRO E 114 -20.33 17.74 -21.73
N TYR E 115 -21.41 17.29 -21.11
CA TYR E 115 -22.33 18.14 -20.35
C TYR E 115 -22.62 17.48 -19.00
N LEU E 116 -21.57 17.21 -18.22
CA LEU E 116 -21.78 16.66 -16.89
C LEU E 116 -22.38 17.70 -15.96
N ASN E 117 -23.32 17.28 -15.13
CA ASN E 117 -23.97 18.18 -14.18
C ASN E 117 -23.08 18.31 -12.94
N LYS E 118 -22.00 19.07 -13.11
CA LYS E 118 -21.14 19.49 -12.03
C LYS E 118 -21.20 21.01 -11.95
N PHE E 119 -21.39 21.54 -10.75
CA PHE E 119 -21.44 22.99 -10.58
C PHE E 119 -20.15 23.47 -9.95
N ASP E 120 -19.97 23.23 -8.64
CA ASP E 120 -18.80 23.69 -7.92
C ASP E 120 -17.96 22.51 -7.45
N ASP E 121 -16.67 22.78 -7.27
CA ASP E 121 -15.77 21.88 -6.54
C ASP E 121 -15.90 22.22 -5.06
N THR E 122 -16.35 21.24 -4.26
CA THR E 122 -16.68 21.49 -2.87
C THR E 122 -15.65 20.91 -1.90
N GLU E 123 -14.41 20.73 -2.35
CA GLU E 123 -13.41 20.08 -1.52
C GLU E 123 -12.66 21.06 -0.61
N THR E 124 -12.37 22.28 -1.08
CA THR E 124 -11.53 23.20 -0.32
C THR E 124 -12.02 24.64 -0.31
N SER E 125 -12.57 25.11 -1.43
CA SER E 125 -12.93 26.52 -1.56
C SER E 125 -14.22 26.63 -2.35
N ASN E 126 -15.30 27.05 -1.69
CA ASN E 126 -16.59 27.22 -2.34
C ASN E 126 -17.35 28.32 -1.59
N ARG E 127 -16.86 29.55 -1.74
CA ARG E 127 -17.34 30.68 -0.96
C ARG E 127 -18.67 31.20 -1.48
N TYR E 128 -19.32 32.01 -0.66
CA TYR E 128 -20.56 32.68 -1.00
C TYR E 128 -20.28 34.07 -1.56
N PRO E 129 -21.15 34.61 -2.42
CA PRO E 129 -22.39 33.99 -2.92
C PRO E 129 -22.14 33.11 -4.14
N ALA E 130 -23.07 32.21 -4.43
CA ALA E 130 -22.99 31.35 -5.60
C ALA E 130 -23.91 31.88 -6.69
N GLN E 131 -23.36 32.09 -7.89
CA GLN E 131 -24.11 32.62 -9.02
C GLN E 131 -24.35 31.51 -10.03
N PRO E 132 -25.39 30.70 -9.87
CA PRO E 132 -25.73 29.71 -10.90
C PRO E 132 -26.38 30.38 -12.11
N GLY E 133 -26.63 29.58 -13.12
CA GLY E 133 -27.33 30.03 -14.31
C GLY E 133 -28.35 29.02 -14.75
N SER E 134 -28.68 29.01 -16.04
CA SER E 134 -29.60 28.02 -16.57
C SER E 134 -28.89 26.76 -17.07
N ASP E 135 -27.60 26.86 -17.39
CA ASP E 135 -26.84 25.69 -17.88
C ASP E 135 -25.37 25.93 -17.53
N ASN E 136 -24.89 25.24 -16.50
CA ASN E 136 -23.51 25.33 -16.05
C ASN E 136 -22.78 23.99 -16.16
N ARG E 137 -23.26 23.11 -17.04
CA ARG E 137 -22.66 21.79 -17.18
C ARG E 137 -21.24 21.92 -17.75
N GLU E 138 -20.40 20.93 -17.43
CA GLU E 138 -19.00 20.97 -17.79
C GLU E 138 -18.58 19.64 -18.41
N CYS E 139 -17.53 19.70 -19.23
CA CYS E 139 -17.02 18.53 -19.95
C CYS E 139 -15.93 17.88 -19.10
N LEU E 140 -16.30 16.85 -18.36
CA LEU E 140 -15.41 16.22 -17.39
C LEU E 140 -15.38 14.71 -17.61
N SER E 141 -14.31 14.10 -17.10
CA SER E 141 -14.11 12.66 -17.21
C SER E 141 -13.54 12.14 -15.90
N MET E 142 -13.55 10.82 -15.75
CA MET E 142 -13.11 10.18 -14.53
C MET E 142 -12.74 8.73 -14.85
N ASP E 143 -12.03 8.10 -13.91
CA ASP E 143 -11.73 6.67 -14.00
C ASP E 143 -12.57 5.95 -12.95
N TYR E 144 -13.27 4.92 -13.37
CA TYR E 144 -14.33 4.31 -12.58
C TYR E 144 -13.77 3.40 -11.49
N LYS E 145 -14.66 3.01 -10.57
CA LYS E 145 -14.37 1.93 -9.64
C LYS E 145 -13.80 0.72 -10.38
N GLN E 146 -12.83 0.08 -9.76
CA GLN E 146 -12.20 -1.11 -10.32
C GLN E 146 -12.93 -2.37 -9.83
N THR E 147 -13.19 -3.29 -10.76
CA THR E 147 -13.87 -4.53 -10.43
C THR E 147 -13.30 -5.68 -11.23
N GLN E 148 -12.99 -6.78 -10.54
CA GLN E 148 -12.76 -8.09 -11.14
C GLN E 148 -13.75 -9.07 -10.53
N LEU E 149 -14.33 -9.93 -11.36
CA LEU E 149 -15.16 -10.99 -10.82
C LEU E 149 -15.34 -12.07 -11.87
N CYS E 150 -15.58 -13.29 -11.40
CA CYS E 150 -15.87 -14.43 -12.27
CA CYS E 150 -15.88 -14.42 -12.28
C CYS E 150 -16.96 -15.27 -11.61
N LEU E 151 -18.01 -15.57 -12.37
CA LEU E 151 -19.10 -16.43 -11.91
C LEU E 151 -19.20 -17.63 -12.84
N ILE E 152 -19.48 -18.80 -12.26
CA ILE E 152 -19.54 -20.03 -13.02
C ILE E 152 -20.70 -20.87 -12.50
N GLY E 153 -21.55 -21.32 -13.40
CA GLY E 153 -22.69 -22.17 -13.06
C GLY E 153 -23.37 -22.66 -14.32
N CYS E 154 -24.34 -23.54 -14.13
CA CYS E 154 -25.15 -24.05 -15.23
C CYS E 154 -26.43 -23.26 -15.44
N LYS E 155 -26.57 -22.11 -14.76
CA LYS E 155 -27.70 -21.22 -14.88
C LYS E 155 -27.18 -19.79 -14.98
N PRO E 156 -27.83 -18.93 -15.77
CA PRO E 156 -27.32 -17.57 -15.92
C PRO E 156 -27.37 -16.84 -14.58
N PRO E 157 -26.50 -15.85 -14.38
CA PRO E 157 -26.43 -15.18 -13.08
C PRO E 157 -27.56 -14.17 -12.90
N THR E 158 -27.84 -13.90 -11.63
CA THR E 158 -28.87 -12.95 -11.23
C THR E 158 -28.22 -11.68 -10.72
N GLY E 159 -28.65 -10.53 -11.23
CA GLY E 159 -28.19 -9.24 -10.79
C GLY E 159 -29.24 -8.52 -9.97
N GLU E 160 -28.80 -7.46 -9.30
CA GLU E 160 -29.69 -6.57 -8.57
C GLU E 160 -29.38 -5.14 -8.99
N HIS E 161 -30.43 -4.34 -9.12
CA HIS E 161 -30.28 -2.92 -9.43
C HIS E 161 -31.50 -2.17 -8.93
N TRP E 162 -31.31 -0.90 -8.64
CA TRP E 162 -32.40 -0.04 -8.18
C TRP E 162 -33.04 0.64 -9.38
N GLY E 163 -34.38 0.60 -9.42
CA GLY E 163 -35.13 1.27 -10.48
C GLY E 163 -36.28 2.06 -9.91
N LYS E 164 -37.11 2.61 -10.79
CA LYS E 164 -38.26 3.41 -10.35
C LYS E 164 -39.38 2.48 -9.90
N GLY E 165 -39.79 2.62 -8.64
CA GLY E 165 -40.87 1.84 -8.09
C GLY E 165 -42.21 2.52 -8.31
N VAL E 166 -43.17 2.16 -7.46
CA VAL E 166 -44.52 2.71 -7.49
C VAL E 166 -44.81 3.29 -6.12
N ALA E 167 -45.26 4.54 -6.08
CA ALA E 167 -45.60 5.23 -4.84
C ALA E 167 -47.10 5.28 -4.68
N SER E 168 -47.56 5.17 -3.43
CA SER E 168 -48.98 5.24 -3.15
C SER E 168 -49.47 6.68 -3.31
N ASN E 169 -50.62 6.85 -3.98
CA ASN E 169 -51.22 8.16 -4.17
C ASN E 169 -52.22 8.50 -3.08
N ASN E 170 -52.26 7.75 -1.99
CA ASN E 170 -53.20 8.02 -0.91
C ASN E 170 -52.96 9.40 -0.31
N ASN E 171 -51.80 9.59 0.31
CA ASN E 171 -51.49 10.83 1.01
C ASN E 171 -50.72 11.79 0.10
N ALA E 172 -50.78 13.07 0.44
CA ALA E 172 -50.03 14.07 -0.29
C ALA E 172 -48.53 13.83 -0.13
N ALA E 173 -47.83 13.76 -1.25
CA ALA E 173 -46.40 13.45 -1.24
C ALA E 173 -45.64 14.57 -0.54
N ALA E 174 -44.90 14.21 0.50
CA ALA E 174 -43.98 15.15 1.14
C ALA E 174 -42.72 15.37 0.34
N THR E 175 -42.52 14.60 -0.73
CA THR E 175 -41.36 14.77 -1.60
C THR E 175 -41.69 14.15 -2.94
N ASP E 176 -41.20 14.78 -4.01
CA ASP E 176 -41.35 14.25 -5.36
C ASP E 176 -40.19 13.34 -5.76
N CYS E 177 -39.37 12.93 -4.79
CA CYS E 177 -38.31 11.98 -5.07
C CYS E 177 -38.93 10.71 -5.65
N PRO E 178 -38.39 10.16 -6.74
CA PRO E 178 -38.96 8.95 -7.31
C PRO E 178 -38.88 7.80 -6.32
N PRO E 179 -39.89 6.93 -6.26
CA PRO E 179 -39.80 5.78 -5.37
C PRO E 179 -38.77 4.77 -5.87
N LEU E 180 -38.05 4.17 -4.93
CA LEU E 180 -36.98 3.23 -5.26
C LEU E 180 -37.46 1.80 -5.03
N GLU E 181 -37.19 0.94 -6.01
CA GLU E 181 -37.51 -0.48 -5.92
C GLU E 181 -36.29 -1.29 -6.32
N LEU E 182 -36.01 -2.35 -5.57
CA LEU E 182 -34.90 -3.24 -5.87
C LEU E 182 -35.38 -4.34 -6.79
N PHE E 183 -34.81 -4.38 -8.01
CA PHE E 183 -35.20 -5.34 -9.02
C PHE E 183 -34.14 -6.41 -9.16
N ASN E 184 -34.58 -7.64 -9.41
CA ASN E 184 -33.70 -8.72 -9.82
C ASN E 184 -33.89 -8.99 -11.31
N SER E 185 -32.82 -9.39 -11.97
CA SER E 185 -32.88 -9.70 -13.39
C SER E 185 -31.68 -10.56 -13.75
N ILE E 186 -31.79 -11.23 -14.89
CA ILE E 186 -30.66 -11.98 -15.42
C ILE E 186 -29.65 -10.99 -16.01
N ILE E 187 -28.39 -11.15 -15.63
CA ILE E 187 -27.33 -10.34 -16.21
C ILE E 187 -27.04 -10.86 -17.61
N GLU E 188 -27.20 -9.99 -18.61
CA GLU E 188 -26.96 -10.34 -19.99
C GLU E 188 -25.58 -9.87 -20.43
N ASP E 189 -25.06 -10.51 -21.47
CA ASP E 189 -23.79 -10.08 -22.05
C ASP E 189 -23.93 -8.65 -22.55
N GLY E 190 -23.04 -7.77 -22.07
CA GLY E 190 -23.07 -6.37 -22.42
C GLY E 190 -23.66 -5.47 -21.35
N ASP E 191 -24.33 -6.02 -20.35
CA ASP E 191 -24.81 -5.21 -19.25
C ASP E 191 -23.66 -4.50 -18.57
N MET E 192 -23.95 -3.32 -18.03
CA MET E 192 -22.93 -2.50 -17.37
C MET E 192 -22.82 -2.90 -15.90
N VAL E 193 -21.58 -2.95 -15.41
CA VAL E 193 -21.35 -3.15 -13.99
C VAL E 193 -21.43 -1.80 -13.28
N ASP E 194 -21.65 -1.85 -11.96
CA ASP E 194 -21.62 -0.62 -11.19
C ASP E 194 -20.23 0.01 -11.26
N THR E 195 -20.20 1.33 -11.25
CA THR E 195 -19.00 2.08 -11.58
C THR E 195 -18.55 3.02 -10.47
N GLY E 196 -19.20 3.01 -9.31
CA GLY E 196 -18.97 3.98 -8.26
C GLY E 196 -20.15 4.88 -7.99
N PHE E 197 -21.17 4.84 -8.85
CA PHE E 197 -22.40 5.61 -8.65
C PHE E 197 -23.58 4.73 -8.27
N GLY E 198 -23.33 3.45 -7.97
CA GLY E 198 -24.38 2.55 -7.54
C GLY E 198 -24.87 1.65 -8.65
N CYS E 199 -25.63 0.63 -8.26
CA CYS E 199 -26.29 -0.28 -9.20
C CYS E 199 -27.73 0.20 -9.35
N MET E 200 -27.96 1.08 -10.32
CA MET E 200 -29.26 1.68 -10.51
C MET E 200 -29.54 1.88 -11.99
N ASP E 201 -30.82 2.09 -12.30
CA ASP E 201 -31.27 2.41 -13.66
C ASP E 201 -31.15 3.92 -13.83
N PHE E 202 -30.04 4.37 -14.42
CA PHE E 202 -29.80 5.80 -14.54
C PHE E 202 -30.73 6.45 -15.56
N GLY E 203 -31.16 5.70 -16.57
CA GLY E 203 -32.05 6.26 -17.57
C GLY E 203 -33.37 6.72 -16.98
N THR E 204 -33.89 5.98 -15.99
CA THR E 204 -35.18 6.28 -15.40
C THR E 204 -35.08 7.11 -14.11
N LEU E 205 -34.00 6.95 -13.35
CA LEU E 205 -33.86 7.63 -12.06
C LEU E 205 -33.06 8.92 -12.15
N GLN E 206 -32.43 9.21 -13.29
CA GLN E 206 -31.73 10.47 -13.52
C GLN E 206 -32.26 11.04 -14.83
N ALA E 207 -33.32 11.85 -14.73
CA ALA E 207 -34.05 12.30 -15.91
C ALA E 207 -33.30 13.33 -16.73
N ASN E 208 -32.31 14.02 -16.15
CA ASN E 208 -31.59 15.06 -16.87
C ASN E 208 -30.52 14.50 -17.81
N LYS E 209 -30.17 13.22 -17.70
CA LYS E 209 -29.22 12.57 -18.58
C LYS E 209 -27.80 13.15 -18.47
N SER E 210 -27.51 13.89 -17.39
CA SER E 210 -26.23 14.56 -17.25
C SER E 210 -25.56 14.34 -15.90
N ASP E 211 -26.11 13.51 -15.03
CA ASP E 211 -25.53 13.33 -13.71
C ASP E 211 -24.42 12.29 -13.68
N VAL E 212 -24.35 11.40 -14.67
CA VAL E 212 -23.26 10.44 -14.78
C VAL E 212 -22.79 10.39 -16.23
N PRO E 213 -21.60 9.85 -16.46
CA PRO E 213 -21.04 9.83 -17.83
C PRO E 213 -21.96 9.11 -18.81
N ILE E 214 -21.69 9.35 -20.10
CA ILE E 214 -22.60 8.93 -21.16
C ILE E 214 -22.64 7.42 -21.34
N ASP E 215 -21.63 6.69 -20.86
CA ASP E 215 -21.65 5.24 -21.02
C ASP E 215 -22.55 4.54 -20.01
N ILE E 216 -23.17 5.27 -19.09
CA ILE E 216 -24.12 4.67 -18.15
C ILE E 216 -25.34 5.56 -17.94
N CYS E 217 -25.31 6.78 -18.48
CA CYS E 217 -26.39 7.73 -18.18
C CYS E 217 -27.72 7.26 -18.74
N ASN E 218 -27.72 6.45 -19.79
CA ASN E 218 -28.93 5.85 -20.33
C ASN E 218 -28.89 4.33 -20.23
N SER E 219 -28.21 3.82 -19.21
CA SER E 219 -28.06 2.38 -19.00
C SER E 219 -28.49 2.02 -17.60
N THR E 220 -28.54 0.72 -17.34
CA THR E 220 -28.73 0.18 -16.00
C THR E 220 -27.46 -0.52 -15.58
N CYS E 221 -26.93 -0.14 -14.42
CA CYS E 221 -25.76 -0.80 -13.84
C CYS E 221 -26.25 -1.84 -12.83
N LYS E 222 -25.81 -3.09 -13.02
CA LYS E 222 -26.25 -4.21 -12.20
C LYS E 222 -25.09 -4.72 -11.36
N TYR E 223 -25.42 -5.13 -10.14
CA TYR E 223 -24.50 -5.79 -9.24
C TYR E 223 -24.97 -7.22 -9.01
N PRO E 224 -24.05 -8.20 -8.93
CA PRO E 224 -24.50 -9.59 -8.73
C PRO E 224 -25.21 -9.73 -7.39
N ASP E 225 -26.37 -10.38 -7.42
CA ASP E 225 -27.11 -10.65 -6.18
C ASP E 225 -26.53 -11.93 -5.58
N TYR E 226 -25.35 -11.78 -4.97
CA TYR E 226 -24.67 -12.92 -4.38
C TYR E 226 -25.54 -13.61 -3.34
N LEU E 227 -26.27 -12.83 -2.54
CA LEU E 227 -27.07 -13.41 -1.47
C LEU E 227 -28.19 -14.29 -2.01
N LYS E 228 -28.87 -13.82 -3.06
CA LYS E 228 -29.95 -14.62 -3.64
C LYS E 228 -29.39 -15.89 -4.29
N MET E 229 -28.34 -15.75 -5.10
CA MET E 229 -27.78 -16.90 -5.79
C MET E 229 -27.20 -17.93 -4.82
N ALA E 230 -26.66 -17.47 -3.70
CA ALA E 230 -26.06 -18.40 -2.75
C ALA E 230 -27.12 -19.18 -1.98
N SER E 231 -28.31 -18.60 -1.80
CA SER E 231 -29.36 -19.22 -1.01
C SER E 231 -30.34 -20.04 -1.84
N GLU E 232 -30.21 -20.04 -3.17
CA GLU E 232 -31.13 -20.83 -3.97
C GLU E 232 -30.92 -22.31 -3.67
N PRO E 233 -32.00 -23.11 -3.62
CA PRO E 233 -31.88 -24.46 -3.04
C PRO E 233 -30.89 -25.36 -3.77
N TYR E 234 -30.94 -25.43 -5.09
CA TYR E 234 -30.12 -26.38 -5.83
C TYR E 234 -28.72 -25.87 -6.11
N GLY E 235 -28.51 -24.56 -6.10
CA GLY E 235 -27.18 -24.00 -6.26
C GLY E 235 -26.63 -24.07 -7.67
N ASP E 236 -27.49 -23.88 -8.67
CA ASP E 236 -27.06 -23.95 -10.06
C ASP E 236 -26.37 -22.68 -10.54
N SER E 237 -26.47 -21.57 -9.81
CA SER E 237 -25.94 -20.30 -10.29
C SER E 237 -24.46 -20.15 -9.99
N LEU E 238 -24.00 -20.56 -8.80
CA LEU E 238 -22.65 -20.29 -8.33
C LEU E 238 -21.97 -21.59 -7.91
N PHE E 239 -21.45 -22.34 -8.88
CA PHE E 239 -20.49 -23.39 -8.54
C PHE E 239 -19.30 -22.79 -7.78
N PHE E 240 -18.93 -21.56 -8.12
CA PHE E 240 -17.67 -20.97 -7.70
C PHE E 240 -17.67 -19.53 -8.18
N PHE E 241 -16.98 -18.67 -7.44
CA PHE E 241 -16.85 -17.29 -7.87
C PHE E 241 -15.69 -16.62 -7.14
N LEU E 242 -15.11 -15.62 -7.81
CA LEU E 242 -14.12 -14.74 -7.23
C LEU E 242 -14.53 -13.31 -7.52
N ARG E 243 -14.12 -12.39 -6.65
CA ARG E 243 -14.48 -10.99 -6.83
C ARG E 243 -13.44 -10.13 -6.12
N ARG E 244 -13.09 -9.01 -6.75
CA ARG E 244 -12.18 -8.05 -6.14
C ARG E 244 -12.57 -6.66 -6.63
N GLU E 245 -13.15 -5.87 -5.73
CA GLU E 245 -13.58 -4.51 -6.02
C GLU E 245 -12.76 -3.52 -5.21
N GLN E 246 -12.56 -2.33 -5.75
CA GLN E 246 -11.91 -1.29 -4.97
C GLN E 246 -12.15 0.08 -5.60
N MET E 247 -12.28 1.09 -4.74
CA MET E 247 -12.42 2.47 -5.18
C MET E 247 -12.14 3.40 -4.01
N PHE E 248 -11.84 4.65 -4.36
CA PHE E 248 -11.79 5.73 -3.38
C PHE E 248 -12.40 6.97 -4.01
N VAL E 249 -12.62 7.99 -3.19
CA VAL E 249 -13.22 9.24 -3.66
C VAL E 249 -12.10 10.14 -4.18
N ARG E 250 -12.15 10.45 -5.48
CA ARG E 250 -11.12 11.30 -6.08
C ARG E 250 -11.47 12.78 -5.98
N HIS E 251 -12.72 13.18 -6.24
CA HIS E 251 -13.09 14.58 -6.15
C HIS E 251 -14.48 14.71 -5.55
N PHE E 252 -14.78 15.94 -5.12
CA PHE E 252 -16.02 16.29 -4.46
C PHE E 252 -16.66 17.44 -5.21
N PHE E 253 -17.86 17.22 -5.75
CA PHE E 253 -18.61 18.23 -6.48
C PHE E 253 -20.00 18.34 -5.89
N ASN E 254 -20.75 19.33 -6.38
CA ASN E 254 -22.18 19.42 -6.10
C ASN E 254 -22.93 19.61 -7.41
N ARG E 255 -24.24 19.39 -7.35
CA ARG E 255 -25.09 19.42 -8.53
C ARG E 255 -25.67 20.82 -8.74
N ALA E 256 -25.91 21.15 -10.00
CA ALA E 256 -26.79 22.25 -10.35
C ALA E 256 -28.22 21.72 -10.47
N GLY E 257 -29.17 22.63 -10.36
CA GLY E 257 -30.58 22.28 -10.34
C GLY E 257 -31.20 22.51 -8.98
N LYS E 258 -32.53 22.43 -8.96
CA LYS E 258 -33.27 22.65 -7.72
C LYS E 258 -33.00 21.53 -6.73
N LEU E 259 -32.67 21.91 -5.49
CA LEU E 259 -32.52 20.95 -4.42
C LEU E 259 -33.89 20.45 -4.00
N GLY E 260 -34.17 19.17 -4.21
CA GLY E 260 -35.50 18.65 -3.99
C GLY E 260 -35.91 18.63 -2.53
N GLU E 261 -34.97 18.32 -1.64
CA GLU E 261 -35.22 18.24 -0.21
C GLU E 261 -34.32 19.23 0.49
N ALA E 262 -34.90 20.29 1.04
CA ALA E 262 -34.12 21.34 1.68
C ALA E 262 -33.54 20.86 3.00
N VAL E 263 -32.35 21.34 3.32
CA VAL E 263 -31.75 21.03 4.62
C VAL E 263 -32.68 21.55 5.72
N PRO E 264 -33.09 20.72 6.69
CA PRO E 264 -33.99 21.22 7.74
C PRO E 264 -33.35 22.31 8.58
N ASP E 265 -34.22 23.13 9.18
CA ASP E 265 -33.78 24.35 9.87
C ASP E 265 -32.98 24.07 11.13
N ASP E 266 -33.09 22.89 11.73
CA ASP E 266 -32.37 22.59 12.96
C ASP E 266 -30.93 22.16 12.70
N LEU E 267 -30.47 22.16 11.46
CA LEU E 267 -29.12 21.70 11.13
C LEU E 267 -28.19 22.85 10.76
N TYR E 268 -28.63 24.10 10.88
CA TYR E 268 -27.76 25.23 10.56
C TYR E 268 -28.43 26.52 11.02
N ILE E 269 -27.59 27.52 11.26
CA ILE E 269 -28.04 28.88 11.53
C ILE E 269 -28.03 29.66 10.23
N LYS E 270 -29.13 30.34 9.93
CA LYS E 270 -29.29 31.00 8.63
C LYS E 270 -28.22 32.07 8.42
N GLY E 271 -27.87 32.27 7.16
CA GLY E 271 -26.90 33.28 6.77
C GLY E 271 -27.58 34.59 6.39
N SER E 272 -26.77 35.51 5.87
CA SER E 272 -27.23 36.83 5.47
C SER E 272 -26.17 37.48 4.61
N GLY E 273 -26.55 38.53 3.89
CA GLY E 273 -25.61 39.20 3.01
C GLY E 273 -25.12 38.26 1.94
N ASN E 274 -23.80 38.06 1.89
CA ASN E 274 -23.23 37.11 0.94
C ASN E 274 -23.82 35.72 1.11
N THR E 275 -24.13 35.33 2.35
CA THR E 275 -24.61 33.98 2.65
C THR E 275 -26.13 33.91 2.71
N ALA E 276 -26.82 34.90 2.14
CA ALA E 276 -28.28 34.94 2.24
C ALA E 276 -28.92 33.76 1.52
N VAL E 277 -28.38 33.38 0.36
CA VAL E 277 -28.98 32.34 -0.47
C VAL E 277 -28.14 31.08 -0.30
N ILE E 278 -28.73 30.05 0.31
CA ILE E 278 -28.01 28.84 0.64
C ILE E 278 -27.61 28.11 -0.64
N GLN E 279 -26.41 27.54 -0.64
CA GLN E 279 -25.94 26.76 -1.79
C GLN E 279 -26.50 25.35 -1.73
N SER E 280 -26.45 24.66 -2.88
CA SER E 280 -26.99 23.32 -2.98
C SER E 280 -26.08 22.33 -2.29
N SER E 281 -26.65 21.53 -1.39
CA SER E 281 -25.94 20.45 -0.72
C SER E 281 -26.16 19.11 -1.40
N ALA E 282 -26.54 19.12 -2.68
CA ALA E 282 -26.64 17.89 -3.48
C ALA E 282 -25.24 17.53 -3.94
N PHE E 283 -24.49 16.92 -3.04
CA PHE E 283 -23.11 16.52 -3.30
C PHE E 283 -23.06 15.21 -4.07
N PHE E 284 -21.95 15.00 -4.77
CA PHE E 284 -21.69 13.71 -5.38
C PHE E 284 -20.19 13.56 -5.56
N PRO E 285 -19.62 12.39 -5.32
CA PRO E 285 -18.17 12.23 -5.53
C PRO E 285 -17.85 11.67 -6.89
N THR E 286 -16.62 11.82 -7.31
CA THR E 286 -16.16 11.02 -8.46
C THR E 286 -15.36 9.84 -7.94
N PRO E 287 -15.58 8.64 -8.45
CA PRO E 287 -14.79 7.49 -7.99
C PRO E 287 -13.41 7.46 -8.64
N SER E 288 -12.58 6.57 -8.12
CA SER E 288 -11.31 6.23 -8.74
C SER E 288 -10.98 4.80 -8.35
N GLY E 289 -10.69 3.96 -9.36
CA GLY E 289 -10.34 2.58 -9.10
C GLY E 289 -8.92 2.36 -8.63
N SER E 290 -8.11 3.42 -8.63
CA SER E 290 -6.72 3.33 -8.20
C SER E 290 -5.93 2.40 -9.12
N ILE E 291 -4.86 1.81 -8.58
CA ILE E 291 -3.86 1.14 -9.41
C ILE E 291 -4.32 -0.27 -9.80
N VAL E 292 -3.96 -0.69 -11.01
CA VAL E 292 -4.09 -2.08 -11.44
C VAL E 292 -2.72 -2.72 -11.37
N THR E 293 -2.67 -3.99 -10.94
CA THR E 293 -1.39 -4.70 -10.80
C THR E 293 -1.57 -6.15 -11.24
N SER E 294 -0.47 -6.74 -11.73
CA SER E 294 -0.48 -8.15 -12.07
C SER E 294 -0.75 -9.01 -10.84
N GLU E 295 -0.19 -8.62 -9.69
CA GLU E 295 -0.27 -9.43 -8.49
C GLU E 295 -1.71 -9.69 -8.08
N SER E 296 -2.62 -8.76 -8.38
CA SER E 296 -4.01 -8.84 -7.94
C SER E 296 -4.92 -9.48 -8.97
N GLN E 297 -4.37 -9.99 -10.08
CA GLN E 297 -5.19 -10.54 -11.14
C GLN E 297 -5.93 -11.80 -10.67
N LEU E 298 -7.19 -11.91 -11.09
CA LEU E 298 -7.97 -13.13 -10.88
C LEU E 298 -7.91 -14.07 -12.07
N PHE E 299 -7.39 -13.64 -13.21
CA PHE E 299 -7.50 -14.36 -14.46
C PHE E 299 -6.15 -14.95 -14.86
N ASN E 300 -6.17 -15.69 -15.97
CA ASN E 300 -4.97 -16.38 -16.46
C ASN E 300 -4.39 -17.32 -15.41
N LYS E 301 -5.25 -17.91 -14.60
CA LYS E 301 -4.85 -18.92 -13.63
C LYS E 301 -5.93 -19.99 -13.54
N PRO E 302 -5.56 -21.23 -13.27
CA PRO E 302 -6.57 -22.30 -13.25
C PRO E 302 -7.37 -22.32 -11.96
N TYR E 303 -8.67 -22.57 -12.11
CA TYR E 303 -9.55 -22.84 -10.98
C TYR E 303 -9.93 -24.32 -10.99
N TRP E 304 -9.68 -25.00 -9.89
CA TRP E 304 -10.03 -26.42 -9.75
C TRP E 304 -11.32 -26.51 -8.93
N LEU E 305 -12.41 -26.90 -9.60
CA LEU E 305 -13.72 -26.97 -8.95
C LEU E 305 -13.88 -28.34 -8.31
N GLN E 306 -13.35 -28.47 -7.11
CA GLN E 306 -13.36 -29.74 -6.39
C GLN E 306 -14.64 -29.95 -5.59
N ARG E 307 -15.03 -28.97 -4.77
CA ARG E 307 -16.21 -29.10 -3.91
C ARG E 307 -16.91 -27.75 -3.82
N ALA E 308 -18.11 -27.66 -4.38
CA ALA E 308 -18.88 -26.43 -4.34
C ALA E 308 -19.59 -26.28 -3.00
N GLN E 309 -19.82 -25.02 -2.62
CA GLN E 309 -20.54 -24.76 -1.37
C GLN E 309 -22.02 -25.11 -1.48
N GLY E 310 -22.58 -25.01 -2.69
CA GLY E 310 -23.94 -25.44 -2.93
C GLY E 310 -24.04 -26.94 -3.19
N HIS E 311 -25.27 -27.40 -3.38
CA HIS E 311 -25.52 -28.82 -3.57
C HIS E 311 -25.14 -29.31 -4.96
N ASN E 312 -25.03 -28.41 -5.94
CA ASN E 312 -24.60 -28.79 -7.29
C ASN E 312 -23.08 -28.65 -7.36
N ASN E 313 -22.38 -29.78 -7.40
CA ASN E 313 -20.92 -29.77 -7.39
C ASN E 313 -20.37 -29.77 -8.81
N GLY E 314 -20.74 -28.72 -9.55
CA GLY E 314 -20.21 -28.51 -10.88
C GLY E 314 -20.89 -29.29 -11.99
N ILE E 315 -22.08 -29.82 -11.75
CA ILE E 315 -22.77 -30.62 -12.75
C ILE E 315 -23.42 -29.67 -13.76
N CYS E 316 -23.10 -29.87 -15.04
CA CYS E 316 -23.56 -28.98 -16.10
C CYS E 316 -24.84 -29.55 -16.73
N TRP E 317 -25.93 -29.44 -15.98
CA TRP E 317 -27.23 -29.88 -16.47
C TRP E 317 -27.56 -29.16 -17.77
N GLY E 318 -28.26 -29.86 -18.66
CA GLY E 318 -28.60 -29.30 -19.95
C GLY E 318 -27.45 -29.19 -20.92
N ASN E 319 -26.28 -29.75 -20.58
CA ASN E 319 -25.12 -29.75 -21.47
C ASN E 319 -24.70 -28.33 -21.83
N GLN E 320 -24.82 -27.41 -20.87
CA GLN E 320 -24.43 -26.02 -21.08
C GLN E 320 -23.83 -25.48 -19.79
N LEU E 321 -23.22 -24.31 -19.92
CA LEU E 321 -22.46 -23.71 -18.82
C LEU E 321 -22.42 -22.21 -19.03
N PHE E 322 -22.40 -21.47 -17.93
CA PHE E 322 -22.41 -20.01 -17.97
C PHE E 322 -21.19 -19.47 -17.23
N VAL E 323 -20.38 -18.70 -17.94
CA VAL E 323 -19.21 -18.02 -17.36
C VAL E 323 -19.46 -16.53 -17.47
N THR E 324 -19.52 -15.85 -16.32
CA THR E 324 -19.72 -14.42 -16.26
C THR E 324 -18.45 -13.76 -15.74
N VAL E 325 -18.00 -12.73 -16.45
CA VAL E 325 -16.74 -12.06 -16.13
C VAL E 325 -16.94 -10.57 -16.17
N VAL E 326 -16.34 -9.87 -15.20
CA VAL E 326 -16.08 -8.44 -15.27
C VAL E 326 -14.59 -8.25 -15.00
N ASP E 327 -13.95 -7.45 -15.86
CA ASP E 327 -12.50 -7.20 -15.72
C ASP E 327 -12.24 -5.79 -16.22
N THR E 328 -12.16 -4.84 -15.29
CA THR E 328 -11.85 -3.45 -15.62
C THR E 328 -10.35 -3.18 -15.61
N THR E 329 -9.52 -4.19 -15.37
CA THR E 329 -8.07 -4.01 -15.31
C THR E 329 -7.41 -3.98 -16.68
N ARG E 330 -8.19 -4.10 -17.76
CA ARG E 330 -7.69 -3.96 -19.12
C ARG E 330 -8.55 -2.97 -19.91
N SER E 331 -9.05 -1.93 -19.24
CA SER E 331 -10.07 -1.06 -19.78
C SER E 331 -9.49 0.07 -20.63
N THR E 332 -8.22 0.00 -21.01
CA THR E 332 -7.62 1.01 -21.87
C THR E 332 -8.49 1.25 -23.09
N ASN E 333 -8.73 2.53 -23.39
CA ASN E 333 -9.42 2.94 -24.60
C ASN E 333 -8.40 3.55 -25.54
N MET E 334 -8.30 2.99 -26.75
CA MET E 334 -7.31 3.45 -27.72
C MET E 334 -7.78 4.69 -28.45
N THR E 335 -6.86 5.63 -28.62
CA THR E 335 -7.11 6.83 -29.42
C THR E 335 -6.71 6.57 -30.87
N LEU E 336 -7.62 6.85 -31.79
CA LEU E 336 -7.35 6.78 -33.22
C LEU E 336 -7.59 8.15 -33.83
N CYS E 337 -6.73 8.51 -34.79
CA CYS E 337 -6.80 9.84 -35.40
C CYS E 337 -6.54 9.71 -36.90
N THR E 338 -7.47 10.22 -37.70
CA THR E 338 -7.35 10.22 -39.14
C THR E 338 -7.05 11.62 -39.64
N GLU E 339 -6.34 11.69 -40.77
CA GLU E 339 -6.00 12.95 -41.41
C GLU E 339 -7.01 13.21 -42.52
N VAL E 340 -7.81 14.26 -42.37
CA VAL E 340 -8.79 14.62 -43.39
C VAL E 340 -8.13 15.45 -44.49
N THR E 341 -7.24 16.36 -44.11
CA THR E 341 -6.52 17.20 -45.07
C THR E 341 -5.08 17.30 -44.62
N LYS E 342 -4.14 16.98 -45.53
CA LYS E 342 -2.73 17.00 -45.22
C LYS E 342 -2.17 18.39 -45.52
N GLU E 343 -1.56 19.01 -44.51
CA GLU E 343 -0.93 20.32 -44.66
C GLU E 343 0.38 20.33 -43.88
N GLY E 344 1.27 21.24 -44.28
CA GLY E 344 2.59 21.33 -43.68
C GLY E 344 2.58 21.86 -42.26
N THR E 345 1.47 22.45 -41.82
CA THR E 345 1.34 22.94 -40.45
C THR E 345 0.10 22.33 -39.82
N TYR E 346 0.12 22.21 -38.50
CA TYR E 346 -0.96 21.55 -37.77
C TYR E 346 -2.18 22.45 -37.67
N LYS E 347 -3.35 21.92 -38.04
CA LYS E 347 -4.63 22.57 -37.82
C LYS E 347 -5.59 21.56 -37.22
N ASN E 348 -6.30 21.97 -36.16
CA ASN E 348 -7.25 21.07 -35.52
C ASN E 348 -8.26 20.51 -36.51
N ASP E 349 -8.76 21.35 -37.41
CA ASP E 349 -9.81 20.93 -38.34
C ASP E 349 -9.33 19.95 -39.40
N ASN E 350 -8.04 19.63 -39.44
CA ASN E 350 -7.51 18.69 -40.41
C ASN E 350 -7.57 17.24 -39.93
N PHE E 351 -8.05 16.98 -38.73
CA PHE E 351 -8.01 15.65 -38.15
C PHE E 351 -9.35 15.31 -37.52
N LYS E 352 -9.66 14.01 -37.50
CA LYS E 352 -10.81 13.47 -36.80
C LYS E 352 -10.34 12.50 -35.72
N GLU E 353 -10.94 12.61 -34.54
CA GLU E 353 -10.54 11.80 -33.39
C GLU E 353 -11.59 10.73 -33.13
N TYR E 354 -11.11 9.51 -32.87
CA TYR E 354 -11.97 8.38 -32.57
C TYR E 354 -11.46 7.68 -31.32
N VAL E 355 -12.33 6.88 -30.70
CA VAL E 355 -11.98 6.10 -29.53
C VAL E 355 -12.48 4.68 -29.73
N ARG E 356 -11.62 3.70 -29.47
CA ARG E 356 -11.98 2.31 -29.60
C ARG E 356 -11.49 1.53 -28.40
N HIS E 357 -12.23 0.48 -28.04
CA HIS E 357 -11.85 -0.44 -26.99
C HIS E 357 -11.99 -1.87 -27.49
N VAL E 358 -11.13 -2.74 -26.98
CA VAL E 358 -11.11 -4.14 -27.39
C VAL E 358 -11.06 -5.03 -26.16
N GLU E 359 -11.53 -6.26 -26.32
CA GLU E 359 -11.51 -7.26 -25.27
C GLU E 359 -11.10 -8.60 -25.88
N GLU E 360 -10.18 -9.30 -25.22
CA GLU E 360 -9.66 -10.57 -25.71
C GLU E 360 -9.80 -11.63 -24.63
N TYR E 361 -10.56 -12.68 -24.93
CA TYR E 361 -10.77 -13.79 -24.01
C TYR E 361 -10.32 -15.10 -24.64
N ASP E 362 -10.01 -16.07 -23.79
CA ASP E 362 -9.71 -17.44 -24.24
C ASP E 362 -10.14 -18.39 -23.12
N LEU E 363 -11.30 -19.00 -23.28
CA LEU E 363 -11.89 -19.84 -22.24
C LEU E 363 -11.40 -21.27 -22.37
N GLN E 364 -10.93 -21.84 -21.26
CA GLN E 364 -10.35 -23.17 -21.23
C GLN E 364 -11.02 -23.98 -20.14
N PHE E 365 -11.41 -25.22 -20.47
CA PHE E 365 -12.18 -26.06 -19.57
C PHE E 365 -11.60 -27.46 -19.51
N VAL E 366 -11.77 -28.11 -18.36
CA VAL E 366 -11.57 -29.54 -18.21
C VAL E 366 -12.88 -30.10 -17.65
N PHE E 367 -13.45 -31.07 -18.36
CA PHE E 367 -14.72 -31.68 -17.98
C PHE E 367 -14.53 -33.13 -17.59
N GLN E 368 -15.33 -33.58 -16.63
CA GLN E 368 -15.31 -34.96 -16.17
C GLN E 368 -16.65 -35.59 -16.50
N LEU E 369 -16.60 -36.77 -17.12
CA LEU E 369 -17.82 -37.45 -17.52
C LEU E 369 -18.45 -38.15 -16.31
N CYS E 370 -19.77 -37.99 -16.18
CA CYS E 370 -20.51 -38.56 -15.06
C CYS E 370 -21.69 -39.35 -15.57
N LYS E 371 -22.11 -40.33 -14.78
CA LYS E 371 -23.25 -41.18 -15.10
C LYS E 371 -24.26 -41.14 -13.96
N ILE E 372 -25.53 -41.25 -14.31
CA ILE E 372 -26.63 -41.20 -13.35
C ILE E 372 -27.50 -42.44 -13.56
N THR E 373 -27.64 -43.26 -12.53
CA THR E 373 -28.54 -44.39 -12.57
C THR E 373 -29.96 -43.92 -12.31
N LEU E 374 -30.85 -44.11 -13.28
CA LEU E 374 -32.19 -43.54 -13.22
C LEU E 374 -33.13 -44.54 -12.55
N THR E 375 -33.04 -44.57 -11.22
CA THR E 375 -34.00 -45.28 -10.40
C THR E 375 -35.27 -44.44 -10.27
N ALA E 376 -36.36 -45.10 -9.83
CA ALA E 376 -37.61 -44.39 -9.64
C ALA E 376 -37.46 -43.25 -8.65
N GLU E 377 -36.58 -43.40 -7.66
CA GLU E 377 -36.36 -42.34 -6.68
C GLU E 377 -35.59 -41.17 -7.28
N ILE E 378 -34.54 -41.46 -8.04
CA ILE E 378 -33.74 -40.40 -8.65
C ILE E 378 -34.55 -39.68 -9.73
N MET E 379 -35.31 -40.43 -10.52
CA MET E 379 -36.15 -39.80 -11.54
C MET E 379 -37.13 -38.82 -10.91
N THR E 380 -37.73 -39.21 -9.78
CA THR E 380 -38.64 -38.30 -9.08
C THR E 380 -37.89 -37.06 -8.59
N TYR E 381 -36.68 -37.24 -8.08
CA TYR E 381 -35.90 -36.11 -7.58
C TYR E 381 -35.56 -35.15 -8.72
N ILE E 382 -35.05 -35.69 -9.82
CA ILE E 382 -34.64 -34.83 -10.94
C ILE E 382 -35.86 -34.17 -11.57
N HIS E 383 -37.01 -34.84 -11.57
CA HIS E 383 -38.21 -34.26 -12.18
C HIS E 383 -38.63 -33.00 -11.42
N THR E 384 -38.64 -33.07 -10.09
CA THR E 384 -39.00 -31.89 -9.30
C THR E 384 -37.94 -30.81 -9.41
N MET E 385 -36.67 -31.19 -9.58
CA MET E 385 -35.60 -30.21 -9.74
C MET E 385 -35.72 -29.51 -11.08
N ASP E 386 -35.85 -30.27 -12.16
CA ASP E 386 -35.99 -29.72 -13.50
C ASP E 386 -36.47 -30.79 -14.47
N SER E 387 -37.75 -30.74 -14.85
CA SER E 387 -38.32 -31.77 -15.69
C SER E 387 -37.63 -31.84 -17.04
N ASN E 388 -37.11 -30.71 -17.53
CA ASN E 388 -36.46 -30.71 -18.83
C ASN E 388 -35.25 -31.63 -18.89
N ILE E 389 -34.64 -31.93 -17.75
CA ILE E 389 -33.49 -32.84 -17.74
C ILE E 389 -33.90 -34.21 -18.27
N LEU E 390 -34.96 -34.79 -17.70
CA LEU E 390 -35.39 -36.11 -18.12
C LEU E 390 -35.92 -36.08 -19.56
N GLU E 391 -36.67 -35.04 -19.92
CA GLU E 391 -37.19 -34.94 -21.28
C GLU E 391 -36.07 -34.98 -22.31
N ASP E 392 -35.04 -34.14 -22.10
CA ASP E 392 -33.93 -34.11 -23.06
C ASP E 392 -33.20 -35.44 -23.10
N TRP E 393 -33.19 -36.20 -22.00
CA TRP E 393 -32.57 -37.51 -22.00
C TRP E 393 -33.40 -38.57 -22.72
N GLN E 394 -34.64 -38.25 -23.08
CA GLN E 394 -35.50 -39.19 -23.82
C GLN E 394 -35.80 -40.43 -22.98
N PHE E 395 -35.91 -40.26 -21.67
CA PHE E 395 -36.13 -41.38 -20.76
C PHE E 395 -37.31 -41.09 -19.83
N ASP E 430 -34.54 -23.09 -23.76
CA ASP E 430 -35.50 -22.53 -24.70
C ASP E 430 -35.93 -21.12 -24.30
N PRO E 431 -36.37 -20.92 -23.05
CA PRO E 431 -36.79 -19.58 -22.63
C PRO E 431 -35.63 -18.62 -22.45
N LEU E 432 -34.39 -19.10 -22.43
CA LEU E 432 -33.23 -18.23 -22.32
C LEU E 432 -32.84 -17.59 -23.63
N ASN E 433 -33.55 -17.88 -24.72
CA ASN E 433 -33.24 -17.30 -26.01
C ASN E 433 -33.69 -15.85 -26.13
N LYS E 434 -34.57 -15.39 -25.23
CA LYS E 434 -34.94 -13.98 -25.20
C LYS E 434 -33.84 -13.10 -24.60
N TYR E 435 -32.84 -13.69 -23.97
CA TYR E 435 -31.72 -12.96 -23.40
C TYR E 435 -30.52 -13.02 -24.34
N THR E 436 -29.57 -12.12 -24.11
CA THR E 436 -28.39 -11.98 -24.96
C THR E 436 -27.18 -12.52 -24.22
N PHE E 437 -26.54 -13.53 -24.79
CA PHE E 437 -25.29 -14.07 -24.27
C PHE E 437 -24.28 -14.16 -25.39
N TRP E 438 -23.01 -14.24 -25.02
CA TRP E 438 -21.94 -14.50 -25.98
C TRP E 438 -21.87 -16.01 -26.18
N GLU E 439 -22.38 -16.48 -27.32
CA GLU E 439 -22.44 -17.91 -27.59
C GLU E 439 -21.04 -18.47 -27.81
N VAL E 440 -20.69 -19.51 -27.04
CA VAL E 440 -19.43 -20.21 -27.18
C VAL E 440 -19.78 -21.67 -27.44
N ASN E 441 -19.70 -22.09 -28.70
CA ASN E 441 -20.08 -23.44 -29.10
C ASN E 441 -18.87 -24.36 -29.00
N LEU E 442 -18.92 -25.30 -28.06
CA LEU E 442 -17.84 -26.27 -27.87
C LEU E 442 -18.26 -27.68 -28.25
N LYS E 443 -19.36 -27.83 -28.99
CA LYS E 443 -19.83 -29.15 -29.38
C LYS E 443 -18.78 -29.90 -30.17
N GLU E 444 -18.00 -29.19 -31.00
CA GLU E 444 -16.99 -29.80 -31.85
C GLU E 444 -15.57 -29.54 -31.33
N LYS E 445 -15.42 -29.23 -30.05
CA LYS E 445 -14.13 -28.86 -29.49
C LYS E 445 -13.65 -29.80 -28.39
N PHE E 446 -14.41 -30.83 -28.05
CA PHE E 446 -14.02 -31.74 -26.97
C PHE E 446 -12.93 -32.69 -27.45
N SER E 447 -11.93 -32.90 -26.59
CA SER E 447 -10.81 -33.78 -26.88
C SER E 447 -10.40 -34.53 -25.63
N ALA E 448 -10.19 -35.84 -25.76
CA ALA E 448 -9.75 -36.66 -24.63
C ALA E 448 -8.25 -36.56 -24.37
N ASP E 449 -7.49 -35.92 -25.24
CA ASP E 449 -6.04 -35.82 -25.09
C ASP E 449 -5.72 -34.55 -24.32
N LEU E 450 -5.79 -34.66 -23.00
CA LEU E 450 -5.61 -33.49 -22.13
C LEU E 450 -4.21 -32.90 -22.27
N ASP E 451 -3.19 -33.75 -22.32
CA ASP E 451 -1.82 -33.26 -22.29
C ASP E 451 -1.44 -32.48 -23.55
N GLN E 452 -2.33 -32.36 -24.53
CA GLN E 452 -2.07 -31.58 -25.73
C GLN E 452 -2.48 -30.12 -25.58
N PHE E 453 -2.92 -29.71 -24.39
CA PHE E 453 -3.42 -28.36 -24.18
C PHE E 453 -2.93 -27.83 -22.85
N PRO E 454 -2.78 -26.49 -22.71
CA PRO E 454 -2.22 -25.92 -21.48
C PRO E 454 -2.95 -26.34 -20.21
N LEU E 455 -4.26 -26.10 -20.13
CA LEU E 455 -4.99 -26.41 -18.91
C LEU E 455 -5.04 -27.91 -18.66
N GLY E 456 -5.08 -28.72 -19.72
CA GLY E 456 -5.05 -30.17 -19.54
C GLY E 456 -3.80 -30.62 -18.83
N ARG E 457 -2.63 -30.14 -19.28
CA ARG E 457 -1.38 -30.47 -18.60
C ARG E 457 -1.42 -30.04 -17.14
N LYS E 458 -1.97 -28.85 -16.85
CA LYS E 458 -2.06 -28.39 -15.48
C LYS E 458 -2.94 -29.30 -14.65
N PHE E 459 -4.06 -29.77 -15.22
CA PHE E 459 -4.95 -30.66 -14.48
C PHE E 459 -4.29 -32.00 -14.19
N LEU E 460 -3.54 -32.53 -15.14
CA LEU E 460 -2.88 -33.82 -14.93
C LEU E 460 -1.85 -33.73 -13.82
N LEU E 461 -1.11 -32.61 -13.75
CA LEU E 461 -0.19 -32.42 -12.64
C LEU E 461 -0.94 -32.20 -11.33
N GLN E 462 -2.05 -31.46 -11.39
CA GLN E 462 -2.84 -31.19 -10.18
C GLN E 462 -3.39 -32.49 -9.60
N SER E 463 -3.97 -33.33 -10.45
CA SER E 463 -4.69 -34.51 -10.01
C SER E 463 -3.80 -35.73 -9.78
N GLY E 464 -2.53 -35.67 -10.17
CA GLY E 464 -1.65 -36.81 -10.04
C GLY E 464 -1.77 -37.82 -11.16
N LEU E 465 -2.48 -37.50 -12.24
CA LEU E 465 -2.62 -38.41 -13.37
C LEU E 465 -1.39 -38.32 -14.29
C1 GOL F . -9.53 -6.50 41.31
O1 GOL F . -9.22 -5.97 42.58
C2 GOL F . -9.46 -5.41 40.23
O2 GOL F . -10.57 -4.56 40.35
C3 GOL F . -8.17 -4.60 40.36
O3 GOL F . -7.12 -5.29 39.72
C1 GOL G . 7.77 34.65 -4.27
O1 GOL G . 8.09 33.43 -4.89
C2 GOL G . 6.29 34.66 -3.87
O2 GOL G . 5.84 33.35 -3.63
C3 GOL G . 6.07 35.52 -2.64
O3 GOL G . 6.55 34.86 -1.48
C1 GOL H . 4.84 -3.23 14.07
O1 GOL H . 4.52 -3.38 12.71
C2 GOL H . 6.34 -3.29 14.26
O2 GOL H . 6.92 -2.04 13.90
C3 GOL H . 6.67 -3.63 15.71
O3 GOL H . 6.20 -4.91 16.02
C1 GOL I . 12.17 -1.77 13.40
O1 GOL I . 13.53 -1.53 13.71
C2 GOL I . 11.66 -2.97 14.19
O2 GOL I . 12.36 -3.10 15.40
C3 GOL I . 10.17 -2.82 14.47
O3 GOL I . 9.43 -3.14 13.31
MG MG J . -6.10 -1.17 19.19
MG MG K . -3.40 9.45 20.03
MG MG L . -14.32 3.92 29.59
MG MG M . -8.04 -7.26 23.93
MG MG N . 8.84 -3.42 17.20
MG MG O . -9.78 -3.90 32.64
MG MG P . -17.73 32.22 9.20
C1 GOL Q . -15.60 -11.15 2.20
O1 GOL Q . -15.55 -12.48 2.68
C2 GOL Q . -15.49 -11.14 0.68
O2 GOL Q . -14.53 -10.19 0.27
C3 GOL Q . -15.11 -12.52 0.16
O3 GOL Q . -14.92 -12.47 -1.24
C1 GOL R . -52.14 12.39 11.25
O1 GOL R . -50.83 12.60 11.69
C2 GOL R . -52.82 11.36 12.15
O2 GOL R . -51.86 10.72 12.96
C3 GOL R . -53.56 10.32 11.31
O3 GOL R . -53.97 9.26 12.13
C1 GOL S . -34.39 2.28 12.28
O1 GOL S . -35.12 3.07 13.19
C2 GOL S . -35.27 1.84 11.13
O2 GOL S . -34.80 2.41 9.92
C3 GOL S . -35.24 0.31 11.02
O3 GOL S . -36.20 -0.11 10.06
C1 GOL T . -33.06 6.45 24.49
O1 GOL T . -34.19 6.17 25.28
C2 GOL T . -33.33 7.67 23.61
O2 GOL T . -32.26 8.57 23.72
C3 GOL T . -33.49 7.24 22.16
O3 GOL T . -34.45 6.20 22.06
C1 GOL U . -4.31 22.85 -1.08
O1 GOL U . -5.49 22.48 -0.40
C2 GOL U . -3.75 24.12 -0.46
O2 GOL U . -2.34 24.02 -0.36
C3 GOL U . -4.12 25.33 -1.31
O3 GOL U . -3.94 26.52 -0.59
MG MG V . -23.97 -14.91 31.58
MG MG W . -26.80 1.35 7.73
MG MG X . -24.66 13.79 25.23
MG MG Y . -13.64 -3.70 2.56
MG MG Z . -22.22 1.44 3.74
MG MG AA . -22.86 0.86 -2.17
C1 GOL BA . 26.44 -1.83 21.88
O1 GOL BA . 26.04 -0.64 22.53
C2 GOL BA . 27.89 -2.15 22.23
O2 GOL BA . 28.75 -1.40 21.40
C3 GOL BA . 28.18 -1.83 23.69
O3 GOL BA . 29.44 -2.35 24.04
C1 GOL CA . 34.55 11.34 10.77
O1 GOL CA . 35.30 10.16 10.79
C2 GOL CA . 34.00 11.59 9.37
O2 GOL CA . 33.96 10.37 8.66
C3 GOL CA . 32.61 12.20 9.44
O3 GOL CA . 32.66 13.47 10.04
C1 GOL DA . 5.17 29.30 -19.93
O1 GOL DA . 4.68 28.34 -20.85
C2 GOL DA . 4.30 29.29 -18.68
O2 GOL DA . 3.68 28.03 -18.54
C3 GOL DA . 5.13 29.58 -17.43
O3 GOL DA . 6.25 30.38 -17.75
MG MG EA . 19.77 9.18 7.33
MG MG FA . 20.47 -3.58 -8.20
MG MG GA . 22.72 6.50 -13.85
MG MG HA . 18.35 -5.27 17.99
MG MG IA . 29.62 -3.53 -14.00
MG MG JA . 20.19 26.95 -18.88
C1 GOL KA . 22.94 -10.08 -6.99
O1 GOL KA . 23.63 -11.19 -6.46
C2 GOL KA . 23.91 -8.93 -7.18
O2 GOL KA . 25.24 -9.41 -7.19
C3 GOL KA . 23.63 -8.18 -8.49
O3 GOL KA . 22.57 -7.26 -8.29
C1 GOL LA . 24.55 0.51 -27.65
O1 GOL LA . 24.03 0.21 -28.92
C2 GOL LA . 25.82 1.35 -27.79
O2 GOL LA . 25.49 2.71 -27.85
C3 GOL LA . 26.75 1.10 -26.59
O3 GOL LA . 27.36 -0.17 -26.72
C1 GOL MA . 2.22 -4.37 -39.04
O1 GOL MA . 0.95 -4.67 -39.54
C2 GOL MA . 2.28 -2.90 -38.63
O2 GOL MA . 1.00 -2.47 -38.21
C3 GOL MA . 3.29 -2.69 -37.51
O3 GOL MA . 4.60 -2.89 -37.99
C1 GOL NA . 22.26 -3.32 -29.33
O1 GOL NA . 22.43 -4.57 -29.96
C2 GOL NA . 21.36 -2.44 -30.18
O2 GOL NA . 20.40 -3.24 -30.85
C3 GOL NA . 20.64 -1.41 -29.32
O3 GOL NA . 21.57 -0.49 -28.78
MG MG OA . 14.90 0.63 -17.24
MG MG PA . -9.75 25.68 -21.49
MG MG QA . 11.15 -3.27 -8.83
MG MG RA . 31.21 27.90 -15.80
MG MG SA . 22.05 -12.59 -7.52
MG MG TA . -4.23 -13.99 -29.90
C1 GOL UA . -25.64 31.07 -17.44
O1 GOL UA . -24.77 30.76 -16.39
C2 GOL UA . -25.91 29.83 -18.27
O2 GOL UA . -27.29 29.75 -18.58
C3 GOL UA . -25.10 29.86 -19.56
O3 GOL UA . -25.42 28.74 -20.36
C1 GOL VA . -20.14 -16.92 -0.65
O1 GOL VA . -20.14 -17.97 0.29
C2 GOL VA . -21.09 -15.82 -0.20
O2 GOL VA . -20.36 -14.69 0.20
C3 GOL VA . -22.05 -15.44 -1.33
O3 GOL VA . -23.00 -14.53 -0.84
C1 GOL WA . -6.68 -22.29 -26.39
O1 GOL WA . -6.80 -23.67 -26.64
C2 GOL WA . -5.83 -22.06 -25.14
O2 GOL WA . -5.02 -23.20 -24.90
C3 GOL WA . -4.95 -20.83 -25.30
O3 GOL WA . -3.88 -20.87 -24.38
C1 GOL XA . -13.62 -25.82 -4.51
O1 GOL XA . -12.37 -25.17 -4.36
C2 GOL XA . -14.67 -24.83 -4.96
O2 GOL XA . -14.04 -23.68 -5.49
C3 GOL XA . -15.57 -25.45 -6.03
O3 GOL XA . -16.80 -24.78 -6.09
MG MG YA . -32.99 2.90 -18.88
MG MG ZA . -35.41 -0.66 -14.08
MG MG AB . -20.49 -8.09 -2.07
MG MG BB . -23.46 -32.08 -19.32
#